data_5MOA
# 
_entry.id   5MOA 
# 
_audit_conform.dict_name       mmcif_pdbx.dic 
_audit_conform.dict_version    5.391 
_audit_conform.dict_location   http://mmcif.pdb.org/dictionaries/ascii/mmcif_pdbx.dic 
# 
loop_
_database_2.database_id 
_database_2.database_code 
_database_2.pdbx_database_accession 
_database_2.pdbx_DOI 
PDB   5MOA         pdb_00005moa 10.2210/pdb5moa/pdb 
WWPDB D_1200002766 ?            ?                   
# 
loop_
_pdbx_audit_revision_history.ordinal 
_pdbx_audit_revision_history.data_content_type 
_pdbx_audit_revision_history.major_revision 
_pdbx_audit_revision_history.minor_revision 
_pdbx_audit_revision_history.revision_date 
1 'Structure model' 1 0 2017-08-02 
2 'Structure model' 1 1 2017-09-20 
3 'Structure model' 1 2 2024-05-08 
# 
_pdbx_audit_revision_details.ordinal             1 
_pdbx_audit_revision_details.revision_ordinal    1 
_pdbx_audit_revision_details.data_content_type   'Structure model' 
_pdbx_audit_revision_details.provider            repository 
_pdbx_audit_revision_details.type                'Initial release' 
_pdbx_audit_revision_details.description         ? 
_pdbx_audit_revision_details.details             ? 
# 
loop_
_pdbx_audit_revision_group.ordinal 
_pdbx_audit_revision_group.revision_ordinal 
_pdbx_audit_revision_group.data_content_type 
_pdbx_audit_revision_group.group 
1 2 'Structure model' 'Database references' 
2 3 'Structure model' 'Data collection'     
3 3 'Structure model' 'Database references' 
# 
loop_
_pdbx_audit_revision_category.ordinal 
_pdbx_audit_revision_category.revision_ordinal 
_pdbx_audit_revision_category.data_content_type 
_pdbx_audit_revision_category.category 
1 2 'Structure model' citation       
2 3 'Structure model' chem_comp_atom 
3 3 'Structure model' chem_comp_bond 
4 3 'Structure model' database_2     
# 
loop_
_pdbx_audit_revision_item.ordinal 
_pdbx_audit_revision_item.revision_ordinal 
_pdbx_audit_revision_item.data_content_type 
_pdbx_audit_revision_item.item 
1 2 'Structure model' '_citation.journal_volume'            
2 2 'Structure model' '_citation.page_first'                
3 2 'Structure model' '_citation.page_last'                 
4 2 'Structure model' '_citation.title'                     
5 3 'Structure model' '_database_2.pdbx_DOI'                
6 3 'Structure model' '_database_2.pdbx_database_accession' 
# 
_pdbx_database_status.status_code                     REL 
_pdbx_database_status.status_code_sf                  REL 
_pdbx_database_status.status_code_mr                  ? 
_pdbx_database_status.entry_id                        5MOA 
_pdbx_database_status.recvd_initial_deposition_date   2016-12-14 
_pdbx_database_status.SG_entry                        N 
_pdbx_database_status.deposit_site                    PDBE 
_pdbx_database_status.process_site                    PDBE 
_pdbx_database_status.status_code_cs                  ? 
_pdbx_database_status.methods_development_category    ? 
_pdbx_database_status.pdb_format_compatible           Y 
_pdbx_database_status.status_code_nmr_data            ? 
# 
loop_
_audit_author.name 
_audit_author.pdbx_ordinal 
_audit_author.identifier_ORCID 
'Moreno-Alvero, M.'   1 ? 
'Yunta, C.'           2 ? 
'Gonzalez-Guzman, M.' 3 ? 
'Arbona, V.'          4 ? 
'Granell, A.'         5 ? 
'Martinez-Ripoll, M.' 6 ? 
'Infantes, L.'        7 ? 
'Rodriguez, P.L.'     8 ? 
'Albert, A.'          9 ? 
# 
_citation.abstract                  ? 
_citation.abstract_id_CAS           ? 
_citation.book_id_ISBN              ? 
_citation.book_publisher            ? 
_citation.book_publisher_city       ? 
_citation.book_title                ? 
_citation.coordinate_linkage        ? 
_citation.country                   UK 
_citation.database_id_Medline       ? 
_citation.details                   ? 
_citation.id                        primary 
_citation.journal_abbrev            'Mol Plant' 
_citation.journal_id_ASTM           ? 
_citation.journal_id_CSD            ? 
_citation.journal_id_ISSN           1752-9867 
_citation.journal_full              ? 
_citation.journal_issue             ? 
_citation.journal_volume            10 
_citation.language                  ? 
_citation.page_first                1250 
_citation.page_last                 1253 
_citation.title                     
'Structure of Ligand-Bound Intermediates of Crop ABA Receptors Highlights PP2C as Necessary ABA Co-receptor.' 
_citation.year                      2017 
_citation.database_id_CSD           ? 
_citation.pdbx_database_id_DOI      10.1016/j.molp.2017.07.004 
_citation.pdbx_database_id_PubMed   28736053 
_citation.unpublished_flag          ? 
# 
loop_
_citation_author.citation_id 
_citation_author.name 
_citation_author.ordinal 
_citation_author.identifier_ORCID 
primary 'Moreno-Alvero, M.'   1  ? 
primary 'Yunta, C.'           2  ? 
primary 'Gonzalez-Guzman, M.' 3  ? 
primary 'Lozano-Juste, J.'    4  ? 
primary 'Benavente, J.L.'     5  ? 
primary 'Arbona, V.'          6  ? 
primary 'Menendez, M.'        7  ? 
primary 'Martinez-Ripoll, M.' 8  ? 
primary 'Infantes, L.'        9  ? 
primary 'Gomez-Cadenas, A.'   10 ? 
primary 'Rodriguez, P.L.'     11 ? 
primary 'Albert, A.'          12 ? 
# 
loop_
_entity.id 
_entity.type 
_entity.src_method 
_entity.pdbx_description 
_entity.formula_weight 
_entity.pdbx_number_of_molecules 
_entity.pdbx_ec 
_entity.pdbx_mutation 
_entity.pdbx_fragment 
_entity.details 
1 polymer man SlPYL1 25738.443 1   ? ? ? ? 
2 water   nat water  18.015    151 ? ? ? ? 
# 
_entity_poly.entity_id                      1 
_entity_poly.type                           'polypeptide(L)' 
_entity_poly.nstd_linkage                   no 
_entity_poly.nstd_monomer                   no 
_entity_poly.pdbx_seq_one_letter_code       
;MDNKPETSLDNPVHQRSEPGSETGSSLSTITTHHLTVPPGLTPEEFQELSSSIAEFHSYRINPGQCSSLLAQRIHAPVET
VWTVVRRFDKPQTYKHFIKSCSVGEDFRMTVGSTRDVTVISGLPAATSTERLDILDDDRHVTGFSIIGGEHRLRNYRSVT
TVHGFERDGEIWTVVLESYVVDVPEGNTEEDTRLFADTVVKLNLQKLASVTETLAREAGNGSVNSRDASHRS
;
_entity_poly.pdbx_seq_one_letter_code_can   
;MDNKPETSLDNPVHQRSEPGSETGSSLSTITTHHLTVPPGLTPEEFQELSSSIAEFHSYRINPGQCSSLLAQRIHAPVET
VWTVVRRFDKPQTYKHFIKSCSVGEDFRMTVGSTRDVTVISGLPAATSTERLDILDDDRHVTGFSIIGGEHRLRNYRSVT
TVHGFERDGEIWTVVLESYVVDVPEGNTEEDTRLFADTVVKLNLQKLASVTETLAREAGNGSVNSRDASHRS
;
_entity_poly.pdbx_strand_id                 A 
_entity_poly.pdbx_target_identifier         ? 
# 
_pdbx_entity_nonpoly.entity_id   2 
_pdbx_entity_nonpoly.name        water 
_pdbx_entity_nonpoly.comp_id     HOH 
# 
loop_
_entity_poly_seq.entity_id 
_entity_poly_seq.num 
_entity_poly_seq.mon_id 
_entity_poly_seq.hetero 
1 1   MET n 
1 2   ASP n 
1 3   ASN n 
1 4   LYS n 
1 5   PRO n 
1 6   GLU n 
1 7   THR n 
1 8   SER n 
1 9   LEU n 
1 10  ASP n 
1 11  ASN n 
1 12  PRO n 
1 13  VAL n 
1 14  HIS n 
1 15  GLN n 
1 16  ARG n 
1 17  SER n 
1 18  GLU n 
1 19  PRO n 
1 20  GLY n 
1 21  SER n 
1 22  GLU n 
1 23  THR n 
1 24  GLY n 
1 25  SER n 
1 26  SER n 
1 27  LEU n 
1 28  SER n 
1 29  THR n 
1 30  ILE n 
1 31  THR n 
1 32  THR n 
1 33  HIS n 
1 34  HIS n 
1 35  LEU n 
1 36  THR n 
1 37  VAL n 
1 38  PRO n 
1 39  PRO n 
1 40  GLY n 
1 41  LEU n 
1 42  THR n 
1 43  PRO n 
1 44  GLU n 
1 45  GLU n 
1 46  PHE n 
1 47  GLN n 
1 48  GLU n 
1 49  LEU n 
1 50  SER n 
1 51  SER n 
1 52  SER n 
1 53  ILE n 
1 54  ALA n 
1 55  GLU n 
1 56  PHE n 
1 57  HIS n 
1 58  SER n 
1 59  TYR n 
1 60  ARG n 
1 61  ILE n 
1 62  ASN n 
1 63  PRO n 
1 64  GLY n 
1 65  GLN n 
1 66  CYS n 
1 67  SER n 
1 68  SER n 
1 69  LEU n 
1 70  LEU n 
1 71  ALA n 
1 72  GLN n 
1 73  ARG n 
1 74  ILE n 
1 75  HIS n 
1 76  ALA n 
1 77  PRO n 
1 78  VAL n 
1 79  GLU n 
1 80  THR n 
1 81  VAL n 
1 82  TRP n 
1 83  THR n 
1 84  VAL n 
1 85  VAL n 
1 86  ARG n 
1 87  ARG n 
1 88  PHE n 
1 89  ASP n 
1 90  LYS n 
1 91  PRO n 
1 92  GLN n 
1 93  THR n 
1 94  TYR n 
1 95  LYS n 
1 96  HIS n 
1 97  PHE n 
1 98  ILE n 
1 99  LYS n 
1 100 SER n 
1 101 CYS n 
1 102 SER n 
1 103 VAL n 
1 104 GLY n 
1 105 GLU n 
1 106 ASP n 
1 107 PHE n 
1 108 ARG n 
1 109 MET n 
1 110 THR n 
1 111 VAL n 
1 112 GLY n 
1 113 SER n 
1 114 THR n 
1 115 ARG n 
1 116 ASP n 
1 117 VAL n 
1 118 THR n 
1 119 VAL n 
1 120 ILE n 
1 121 SER n 
1 122 GLY n 
1 123 LEU n 
1 124 PRO n 
1 125 ALA n 
1 126 ALA n 
1 127 THR n 
1 128 SER n 
1 129 THR n 
1 130 GLU n 
1 131 ARG n 
1 132 LEU n 
1 133 ASP n 
1 134 ILE n 
1 135 LEU n 
1 136 ASP n 
1 137 ASP n 
1 138 ASP n 
1 139 ARG n 
1 140 HIS n 
1 141 VAL n 
1 142 THR n 
1 143 GLY n 
1 144 PHE n 
1 145 SER n 
1 146 ILE n 
1 147 ILE n 
1 148 GLY n 
1 149 GLY n 
1 150 GLU n 
1 151 HIS n 
1 152 ARG n 
1 153 LEU n 
1 154 ARG n 
1 155 ASN n 
1 156 TYR n 
1 157 ARG n 
1 158 SER n 
1 159 VAL n 
1 160 THR n 
1 161 THR n 
1 162 VAL n 
1 163 HIS n 
1 164 GLY n 
1 165 PHE n 
1 166 GLU n 
1 167 ARG n 
1 168 ASP n 
1 169 GLY n 
1 170 GLU n 
1 171 ILE n 
1 172 TRP n 
1 173 THR n 
1 174 VAL n 
1 175 VAL n 
1 176 LEU n 
1 177 GLU n 
1 178 SER n 
1 179 TYR n 
1 180 VAL n 
1 181 VAL n 
1 182 ASP n 
1 183 VAL n 
1 184 PRO n 
1 185 GLU n 
1 186 GLY n 
1 187 ASN n 
1 188 THR n 
1 189 GLU n 
1 190 GLU n 
1 191 ASP n 
1 192 THR n 
1 193 ARG n 
1 194 LEU n 
1 195 PHE n 
1 196 ALA n 
1 197 ASP n 
1 198 THR n 
1 199 VAL n 
1 200 VAL n 
1 201 LYS n 
1 202 LEU n 
1 203 ASN n 
1 204 LEU n 
1 205 GLN n 
1 206 LYS n 
1 207 LEU n 
1 208 ALA n 
1 209 SER n 
1 210 VAL n 
1 211 THR n 
1 212 GLU n 
1 213 THR n 
1 214 LEU n 
1 215 ALA n 
1 216 ARG n 
1 217 GLU n 
1 218 ALA n 
1 219 GLY n 
1 220 ASN n 
1 221 GLY n 
1 222 SER n 
1 223 VAL n 
1 224 ASN n 
1 225 SER n 
1 226 ARG n 
1 227 ASP n 
1 228 ALA n 
1 229 SER n 
1 230 HIS n 
1 231 ARG n 
1 232 SER n 
# 
_entity_src_gen.entity_id                          1 
_entity_src_gen.pdbx_src_id                        1 
_entity_src_gen.pdbx_alt_source_flag               sample 
_entity_src_gen.pdbx_seq_type                      'Biological sequence' 
_entity_src_gen.pdbx_beg_seq_num                   1 
_entity_src_gen.pdbx_end_seq_num                   232 
_entity_src_gen.gene_src_common_name               Tomato 
_entity_src_gen.gene_src_genus                     ? 
_entity_src_gen.pdbx_gene_src_gene                 ? 
_entity_src_gen.gene_src_species                   ? 
_entity_src_gen.gene_src_strain                    ? 
_entity_src_gen.gene_src_tissue                    ? 
_entity_src_gen.gene_src_tissue_fraction           ? 
_entity_src_gen.gene_src_details                   ? 
_entity_src_gen.pdbx_gene_src_fragment             ? 
_entity_src_gen.pdbx_gene_src_scientific_name      'Solanum lycopersicum' 
_entity_src_gen.pdbx_gene_src_ncbi_taxonomy_id     4081 
_entity_src_gen.pdbx_gene_src_variant              ? 
_entity_src_gen.pdbx_gene_src_cell_line            ? 
_entity_src_gen.pdbx_gene_src_atcc                 ? 
_entity_src_gen.pdbx_gene_src_organ                ? 
_entity_src_gen.pdbx_gene_src_organelle            ? 
_entity_src_gen.pdbx_gene_src_cell                 ? 
_entity_src_gen.pdbx_gene_src_cellular_location    ? 
_entity_src_gen.host_org_common_name               ? 
_entity_src_gen.pdbx_host_org_scientific_name      'Escherichia coli' 
_entity_src_gen.pdbx_host_org_ncbi_taxonomy_id     562 
_entity_src_gen.host_org_genus                     ? 
_entity_src_gen.pdbx_host_org_gene                 ? 
_entity_src_gen.pdbx_host_org_organ                ? 
_entity_src_gen.host_org_species                   ? 
_entity_src_gen.pdbx_host_org_tissue               ? 
_entity_src_gen.pdbx_host_org_tissue_fraction      ? 
_entity_src_gen.pdbx_host_org_strain               ? 
_entity_src_gen.pdbx_host_org_variant              ? 
_entity_src_gen.pdbx_host_org_cell_line            ? 
_entity_src_gen.pdbx_host_org_atcc                 ? 
_entity_src_gen.pdbx_host_org_culture_collection   ? 
_entity_src_gen.pdbx_host_org_cell                 ? 
_entity_src_gen.pdbx_host_org_organelle            ? 
_entity_src_gen.pdbx_host_org_cellular_location    ? 
_entity_src_gen.pdbx_host_org_vector_type          ? 
_entity_src_gen.pdbx_host_org_vector               ? 
_entity_src_gen.host_org_details                   ? 
_entity_src_gen.expression_system_id               ? 
_entity_src_gen.plasmid_name                       ? 
_entity_src_gen.plasmid_details                    ? 
_entity_src_gen.pdbx_description                   ? 
# 
loop_
_chem_comp.id 
_chem_comp.type 
_chem_comp.mon_nstd_flag 
_chem_comp.name 
_chem_comp.pdbx_synonyms 
_chem_comp.formula 
_chem_comp.formula_weight 
ALA 'L-peptide linking' y ALANINE         ? 'C3 H7 N O2'     89.093  
ARG 'L-peptide linking' y ARGININE        ? 'C6 H15 N4 O2 1' 175.209 
ASN 'L-peptide linking' y ASPARAGINE      ? 'C4 H8 N2 O3'    132.118 
ASP 'L-peptide linking' y 'ASPARTIC ACID' ? 'C4 H7 N O4'     133.103 
CYS 'L-peptide linking' y CYSTEINE        ? 'C3 H7 N O2 S'   121.158 
GLN 'L-peptide linking' y GLUTAMINE       ? 'C5 H10 N2 O3'   146.144 
GLU 'L-peptide linking' y 'GLUTAMIC ACID' ? 'C5 H9 N O4'     147.129 
GLY 'peptide linking'   y GLYCINE         ? 'C2 H5 N O2'     75.067  
HIS 'L-peptide linking' y HISTIDINE       ? 'C6 H10 N3 O2 1' 156.162 
HOH non-polymer         . WATER           ? 'H2 O'           18.015  
ILE 'L-peptide linking' y ISOLEUCINE      ? 'C6 H13 N O2'    131.173 
LEU 'L-peptide linking' y LEUCINE         ? 'C6 H13 N O2'    131.173 
LYS 'L-peptide linking' y LYSINE          ? 'C6 H15 N2 O2 1' 147.195 
MET 'L-peptide linking' y METHIONINE      ? 'C5 H11 N O2 S'  149.211 
PHE 'L-peptide linking' y PHENYLALANINE   ? 'C9 H11 N O2'    165.189 
PRO 'L-peptide linking' y PROLINE         ? 'C5 H9 N O2'     115.130 
SER 'L-peptide linking' y SERINE          ? 'C3 H7 N O3'     105.093 
THR 'L-peptide linking' y THREONINE       ? 'C4 H9 N O3'     119.119 
TRP 'L-peptide linking' y TRYPTOPHAN      ? 'C11 H12 N2 O2'  204.225 
TYR 'L-peptide linking' y TYROSINE        ? 'C9 H11 N O3'    181.189 
VAL 'L-peptide linking' y VALINE          ? 'C5 H11 N O2'    117.146 
# 
loop_
_pdbx_poly_seq_scheme.asym_id 
_pdbx_poly_seq_scheme.entity_id 
_pdbx_poly_seq_scheme.seq_id 
_pdbx_poly_seq_scheme.mon_id 
_pdbx_poly_seq_scheme.ndb_seq_num 
_pdbx_poly_seq_scheme.pdb_seq_num 
_pdbx_poly_seq_scheme.auth_seq_num 
_pdbx_poly_seq_scheme.pdb_mon_id 
_pdbx_poly_seq_scheme.auth_mon_id 
_pdbx_poly_seq_scheme.pdb_strand_id 
_pdbx_poly_seq_scheme.pdb_ins_code 
_pdbx_poly_seq_scheme.hetero 
A 1 1   MET 1   2   ?   ?   ?   A . n 
A 1 2   ASP 2   3   ?   ?   ?   A . n 
A 1 3   ASN 3   4   ?   ?   ?   A . n 
A 1 4   LYS 4   5   ?   ?   ?   A . n 
A 1 5   PRO 5   6   ?   ?   ?   A . n 
A 1 6   GLU 6   7   ?   ?   ?   A . n 
A 1 7   THR 7   8   ?   ?   ?   A . n 
A 1 8   SER 8   9   ?   ?   ?   A . n 
A 1 9   LEU 9   10  ?   ?   ?   A . n 
A 1 10  ASP 10  11  ?   ?   ?   A . n 
A 1 11  ASN 11  12  ?   ?   ?   A . n 
A 1 12  PRO 12  13  ?   ?   ?   A . n 
A 1 13  VAL 13  14  ?   ?   ?   A . n 
A 1 14  HIS 14  15  ?   ?   ?   A . n 
A 1 15  GLN 15  16  ?   ?   ?   A . n 
A 1 16  ARG 16  17  ?   ?   ?   A . n 
A 1 17  SER 17  18  ?   ?   ?   A . n 
A 1 18  GLU 18  19  ?   ?   ?   A . n 
A 1 19  PRO 19  20  ?   ?   ?   A . n 
A 1 20  GLY 20  21  ?   ?   ?   A . n 
A 1 21  SER 21  22  ?   ?   ?   A . n 
A 1 22  GLU 22  23  ?   ?   ?   A . n 
A 1 23  THR 23  24  ?   ?   ?   A . n 
A 1 24  GLY 24  25  ?   ?   ?   A . n 
A 1 25  SER 25  26  ?   ?   ?   A . n 
A 1 26  SER 26  27  ?   ?   ?   A . n 
A 1 27  LEU 27  28  28  LEU LEU A . n 
A 1 28  SER 28  29  29  SER SER A . n 
A 1 29  THR 29  30  30  THR THR A . n 
A 1 30  ILE 30  31  31  ILE ILE A . n 
A 1 31  THR 31  32  32  THR THR A . n 
A 1 32  THR 32  33  33  THR THR A . n 
A 1 33  HIS 33  34  34  HIS HIS A . n 
A 1 34  HIS 34  35  35  HIS HIS A . n 
A 1 35  LEU 35  36  36  LEU LEU A . n 
A 1 36  THR 36  37  37  THR THR A . n 
A 1 37  VAL 37  38  38  VAL VAL A . n 
A 1 38  PRO 38  39  39  PRO PRO A . n 
A 1 39  PRO 39  40  40  PRO PRO A . n 
A 1 40  GLY 40  41  41  GLY GLY A . n 
A 1 41  LEU 41  42  42  LEU LEU A . n 
A 1 42  THR 42  43  43  THR THR A . n 
A 1 43  PRO 43  44  44  PRO PRO A . n 
A 1 44  GLU 44  45  45  GLU GLU A . n 
A 1 45  GLU 45  46  46  GLU GLU A . n 
A 1 46  PHE 46  47  47  PHE PHE A . n 
A 1 47  GLN 47  48  48  GLN GLN A . n 
A 1 48  GLU 48  49  49  GLU GLU A . n 
A 1 49  LEU 49  50  50  LEU LEU A . n 
A 1 50  SER 50  51  51  SER SER A . n 
A 1 51  SER 51  52  52  SER SER A . n 
A 1 52  SER 52  53  53  SER SER A . n 
A 1 53  ILE 53  54  54  ILE ILE A . n 
A 1 54  ALA 54  55  55  ALA ALA A . n 
A 1 55  GLU 55  56  56  GLU GLU A . n 
A 1 56  PHE 56  57  57  PHE PHE A . n 
A 1 57  HIS 57  58  58  HIS HIS A . n 
A 1 58  SER 58  59  59  SER SER A . n 
A 1 59  TYR 59  60  60  TYR TYR A . n 
A 1 60  ARG 60  61  61  ARG ARG A . n 
A 1 61  ILE 61  62  62  ILE ILE A . n 
A 1 62  ASN 62  63  63  ASN ASN A . n 
A 1 63  PRO 63  64  64  PRO PRO A . n 
A 1 64  GLY 64  65  65  GLY GLY A . n 
A 1 65  GLN 65  66  66  GLN GLN A . n 
A 1 66  CYS 66  67  67  CYS CYS A . n 
A 1 67  SER 67  68  68  SER SER A . n 
A 1 68  SER 68  69  69  SER SER A . n 
A 1 69  LEU 69  70  70  LEU LEU A . n 
A 1 70  LEU 70  71  71  LEU LEU A . n 
A 1 71  ALA 71  72  72  ALA ALA A . n 
A 1 72  GLN 72  73  73  GLN GLN A . n 
A 1 73  ARG 73  74  74  ARG ARG A . n 
A 1 74  ILE 74  75  75  ILE ILE A . n 
A 1 75  HIS 75  76  76  HIS HIS A . n 
A 1 76  ALA 76  77  77  ALA ALA A . n 
A 1 77  PRO 77  78  78  PRO PRO A . n 
A 1 78  VAL 78  79  79  VAL VAL A . n 
A 1 79  GLU 79  80  80  GLU GLU A . n 
A 1 80  THR 80  81  81  THR THR A . n 
A 1 81  VAL 81  82  82  VAL VAL A . n 
A 1 82  TRP 82  83  83  TRP TRP A . n 
A 1 83  THR 83  84  84  THR THR A . n 
A 1 84  VAL 84  85  85  VAL VAL A . n 
A 1 85  VAL 85  86  86  VAL VAL A . n 
A 1 86  ARG 86  87  87  ARG ARG A . n 
A 1 87  ARG 87  88  88  ARG ARG A . n 
A 1 88  PHE 88  89  89  PHE PHE A . n 
A 1 89  ASP 89  90  90  ASP ASP A . n 
A 1 90  LYS 90  91  91  LYS LYS A . n 
A 1 91  PRO 91  92  92  PRO PRO A . n 
A 1 92  GLN 92  93  93  GLN GLN A . n 
A 1 93  THR 93  94  94  THR THR A . n 
A 1 94  TYR 94  95  95  TYR TYR A . n 
A 1 95  LYS 95  96  96  LYS LYS A . n 
A 1 96  HIS 96  97  97  HIS HIS A . n 
A 1 97  PHE 97  98  98  PHE PHE A . n 
A 1 98  ILE 98  99  99  ILE ILE A . n 
A 1 99  LYS 99  100 100 LYS LYS A . n 
A 1 100 SER 100 101 101 SER SER A . n 
A 1 101 CYS 101 102 102 CYS CYS A . n 
A 1 102 SER 102 103 103 SER SER A . n 
A 1 103 VAL 103 104 104 VAL VAL A . n 
A 1 104 GLY 104 105 105 GLY GLY A . n 
A 1 105 GLU 105 106 106 GLU GLU A . n 
A 1 106 ASP 106 107 107 ASP ASP A . n 
A 1 107 PHE 107 108 108 PHE PHE A . n 
A 1 108 ARG 108 109 109 ARG ARG A . n 
A 1 109 MET 109 110 110 MET MET A . n 
A 1 110 THR 110 111 111 THR THR A . n 
A 1 111 VAL 111 112 112 VAL VAL A . n 
A 1 112 GLY 112 113 113 GLY GLY A . n 
A 1 113 SER 113 114 114 SER SER A . n 
A 1 114 THR 114 115 115 THR THR A . n 
A 1 115 ARG 115 116 116 ARG ARG A . n 
A 1 116 ASP 116 117 117 ASP ASP A . n 
A 1 117 VAL 117 118 118 VAL VAL A . n 
A 1 118 THR 118 119 119 THR THR A . n 
A 1 119 VAL 119 120 120 VAL VAL A . n 
A 1 120 ILE 120 121 121 ILE ILE A . n 
A 1 121 SER 121 122 122 SER SER A . n 
A 1 122 GLY 122 123 123 GLY GLY A . n 
A 1 123 LEU 123 124 124 LEU LEU A . n 
A 1 124 PRO 124 125 125 PRO PRO A . n 
A 1 125 ALA 125 126 126 ALA ALA A . n 
A 1 126 ALA 126 127 127 ALA ALA A . n 
A 1 127 THR 127 128 128 THR THR A . n 
A 1 128 SER 128 129 129 SER SER A . n 
A 1 129 THR 129 130 130 THR THR A . n 
A 1 130 GLU 130 131 131 GLU GLU A . n 
A 1 131 ARG 131 132 132 ARG ARG A . n 
A 1 132 LEU 132 133 133 LEU LEU A . n 
A 1 133 ASP 133 134 134 ASP ASP A . n 
A 1 134 ILE 134 135 135 ILE ILE A . n 
A 1 135 LEU 135 136 136 LEU LEU A . n 
A 1 136 ASP 136 137 137 ASP ASP A . n 
A 1 137 ASP 137 138 138 ASP ASP A . n 
A 1 138 ASP 138 139 139 ASP ASP A . n 
A 1 139 ARG 139 140 140 ARG ARG A . n 
A 1 140 HIS 140 141 141 HIS HIS A . n 
A 1 141 VAL 141 142 142 VAL VAL A . n 
A 1 142 THR 142 143 143 THR THR A . n 
A 1 143 GLY 143 144 144 GLY GLY A . n 
A 1 144 PHE 144 145 145 PHE PHE A . n 
A 1 145 SER 145 146 146 SER SER A . n 
A 1 146 ILE 146 147 147 ILE ILE A . n 
A 1 147 ILE 147 148 148 ILE ILE A . n 
A 1 148 GLY 148 149 149 GLY GLY A . n 
A 1 149 GLY 149 150 150 GLY GLY A . n 
A 1 150 GLU 150 151 151 GLU GLU A . n 
A 1 151 HIS 151 152 152 HIS HIS A . n 
A 1 152 ARG 152 153 153 ARG ARG A . n 
A 1 153 LEU 153 154 154 LEU LEU A . n 
A 1 154 ARG 154 155 155 ARG ARG A . n 
A 1 155 ASN 155 156 156 ASN ASN A . n 
A 1 156 TYR 156 157 157 TYR TYR A . n 
A 1 157 ARG 157 158 158 ARG ARG A . n 
A 1 158 SER 158 159 159 SER SER A . n 
A 1 159 VAL 159 160 160 VAL VAL A . n 
A 1 160 THR 160 161 161 THR THR A . n 
A 1 161 THR 161 162 162 THR THR A . n 
A 1 162 VAL 162 163 163 VAL VAL A . n 
A 1 163 HIS 163 164 164 HIS HIS A . n 
A 1 164 GLY 164 165 165 GLY GLY A . n 
A 1 165 PHE 165 166 166 PHE PHE A . n 
A 1 166 GLU 166 167 167 GLU GLU A . n 
A 1 167 ARG 167 168 168 ARG ARG A . n 
A 1 168 ASP 168 169 169 ASP ASP A . n 
A 1 169 GLY 169 170 170 GLY GLY A . n 
A 1 170 GLU 170 171 171 GLU GLU A . n 
A 1 171 ILE 171 172 172 ILE ILE A . n 
A 1 172 TRP 172 173 173 TRP TRP A . n 
A 1 173 THR 173 174 174 THR THR A . n 
A 1 174 VAL 174 175 175 VAL VAL A . n 
A 1 175 VAL 175 176 176 VAL VAL A . n 
A 1 176 LEU 176 177 177 LEU LEU A . n 
A 1 177 GLU 177 178 178 GLU GLU A . n 
A 1 178 SER 178 179 179 SER SER A . n 
A 1 179 TYR 179 180 180 TYR TYR A . n 
A 1 180 VAL 180 181 181 VAL VAL A . n 
A 1 181 VAL 181 182 182 VAL VAL A . n 
A 1 182 ASP 182 183 183 ASP ASP A . n 
A 1 183 VAL 183 184 184 VAL VAL A . n 
A 1 184 PRO 184 185 185 PRO PRO A . n 
A 1 185 GLU 185 186 186 GLU GLU A . n 
A 1 186 GLY 186 187 187 GLY GLY A . n 
A 1 187 ASN 187 188 188 ASN ASN A . n 
A 1 188 THR 188 189 189 THR THR A . n 
A 1 189 GLU 189 190 190 GLU GLU A . n 
A 1 190 GLU 190 191 191 GLU GLU A . n 
A 1 191 ASP 191 192 192 ASP ASP A . n 
A 1 192 THR 192 193 193 THR THR A . n 
A 1 193 ARG 193 194 194 ARG ARG A . n 
A 1 194 LEU 194 195 195 LEU LEU A . n 
A 1 195 PHE 195 196 196 PHE PHE A . n 
A 1 196 ALA 196 197 197 ALA ALA A . n 
A 1 197 ASP 197 198 198 ASP ASP A . n 
A 1 198 THR 198 199 199 THR THR A . n 
A 1 199 VAL 199 200 200 VAL VAL A . n 
A 1 200 VAL 200 201 201 VAL VAL A . n 
A 1 201 LYS 201 202 202 LYS LYS A . n 
A 1 202 LEU 202 203 203 LEU LEU A . n 
A 1 203 ASN 203 204 204 ASN ASN A . n 
A 1 204 LEU 204 205 205 LEU LEU A . n 
A 1 205 GLN 205 206 206 GLN GLN A . n 
A 1 206 LYS 206 207 207 LYS LYS A . n 
A 1 207 LEU 207 208 208 LEU LEU A . n 
A 1 208 ALA 208 209 209 ALA ALA A . n 
A 1 209 SER 209 210 210 SER SER A . n 
A 1 210 VAL 210 211 211 VAL VAL A . n 
A 1 211 THR 211 212 212 THR THR A . n 
A 1 212 GLU 212 213 213 GLU GLU A . n 
A 1 213 THR 213 214 214 THR THR A . n 
A 1 214 LEU 214 215 215 LEU LEU A . n 
A 1 215 ALA 215 216 216 ALA ALA A . n 
A 1 216 ARG 216 217 217 ARG ARG A . n 
A 1 217 GLU 217 218 218 GLU GLU A . n 
A 1 218 ALA 218 219 219 ALA ALA A . n 
A 1 219 GLY 219 220 ?   ?   ?   A . n 
A 1 220 ASN 220 221 ?   ?   ?   A . n 
A 1 221 GLY 221 222 ?   ?   ?   A . n 
A 1 222 SER 222 223 ?   ?   ?   A . n 
A 1 223 VAL 223 224 ?   ?   ?   A . n 
A 1 224 ASN 224 225 ?   ?   ?   A . n 
A 1 225 SER 225 226 ?   ?   ?   A . n 
A 1 226 ARG 226 227 ?   ?   ?   A . n 
A 1 227 ASP 227 228 ?   ?   ?   A . n 
A 1 228 ALA 228 229 ?   ?   ?   A . n 
A 1 229 SER 229 230 ?   ?   ?   A . n 
A 1 230 HIS 230 231 ?   ?   ?   A . n 
A 1 231 ARG 231 232 ?   ?   ?   A . n 
A 1 232 SER 232 233 ?   ?   ?   A . n 
# 
loop_
_pdbx_nonpoly_scheme.asym_id 
_pdbx_nonpoly_scheme.entity_id 
_pdbx_nonpoly_scheme.mon_id 
_pdbx_nonpoly_scheme.ndb_seq_num 
_pdbx_nonpoly_scheme.pdb_seq_num 
_pdbx_nonpoly_scheme.auth_seq_num 
_pdbx_nonpoly_scheme.pdb_mon_id 
_pdbx_nonpoly_scheme.auth_mon_id 
_pdbx_nonpoly_scheme.pdb_strand_id 
_pdbx_nonpoly_scheme.pdb_ins_code 
B 2 HOH 1   301 102 HOH HOH A . 
B 2 HOH 2   302 97  HOH HOH A . 
B 2 HOH 3   303 110 HOH HOH A . 
B 2 HOH 4   304 63  HOH HOH A . 
B 2 HOH 5   305 56  HOH HOH A . 
B 2 HOH 6   306 42  HOH HOH A . 
B 2 HOH 7   307 108 HOH HOH A . 
B 2 HOH 8   308 117 HOH HOH A . 
B 2 HOH 9   309 144 HOH HOH A . 
B 2 HOH 10  310 1   HOH HOH A . 
B 2 HOH 11  311 41  HOH HOH A . 
B 2 HOH 12  312 114 HOH HOH A . 
B 2 HOH 13  313 27  HOH HOH A . 
B 2 HOH 14  314 55  HOH HOH A . 
B 2 HOH 15  315 36  HOH HOH A . 
B 2 HOH 16  316 103 HOH HOH A . 
B 2 HOH 17  317 5   HOH HOH A . 
B 2 HOH 18  318 10  HOH HOH A . 
B 2 HOH 19  319 112 HOH HOH A . 
B 2 HOH 20  320 60  HOH HOH A . 
B 2 HOH 21  321 64  HOH HOH A . 
B 2 HOH 22  322 84  HOH HOH A . 
B 2 HOH 23  323 141 HOH HOH A . 
B 2 HOH 24  324 43  HOH HOH A . 
B 2 HOH 25  325 21  HOH HOH A . 
B 2 HOH 26  326 140 HOH HOH A . 
B 2 HOH 27  327 71  HOH HOH A . 
B 2 HOH 28  328 44  HOH HOH A . 
B 2 HOH 29  329 8   HOH HOH A . 
B 2 HOH 30  330 52  HOH HOH A . 
B 2 HOH 31  331 73  HOH HOH A . 
B 2 HOH 32  332 14  HOH HOH A . 
B 2 HOH 33  333 94  HOH HOH A . 
B 2 HOH 34  334 2   HOH HOH A . 
B 2 HOH 35  335 87  HOH HOH A . 
B 2 HOH 36  336 101 HOH HOH A . 
B 2 HOH 37  337 59  HOH HOH A . 
B 2 HOH 38  338 75  HOH HOH A . 
B 2 HOH 39  339 33  HOH HOH A . 
B 2 HOH 40  340 31  HOH HOH A . 
B 2 HOH 41  341 32  HOH HOH A . 
B 2 HOH 42  342 122 HOH HOH A . 
B 2 HOH 43  343 78  HOH HOH A . 
B 2 HOH 44  344 148 HOH HOH A . 
B 2 HOH 45  345 69  HOH HOH A . 
B 2 HOH 46  346 13  HOH HOH A . 
B 2 HOH 47  347 109 HOH HOH A . 
B 2 HOH 48  348 22  HOH HOH A . 
B 2 HOH 49  349 25  HOH HOH A . 
B 2 HOH 50  350 104 HOH HOH A . 
B 2 HOH 51  351 19  HOH HOH A . 
B 2 HOH 52  352 34  HOH HOH A . 
B 2 HOH 53  353 40  HOH HOH A . 
B 2 HOH 54  354 28  HOH HOH A . 
B 2 HOH 55  355 51  HOH HOH A . 
B 2 HOH 56  356 126 HOH HOH A . 
B 2 HOH 57  357 57  HOH HOH A . 
B 2 HOH 58  358 113 HOH HOH A . 
B 2 HOH 59  359 100 HOH HOH A . 
B 2 HOH 60  360 39  HOH HOH A . 
B 2 HOH 61  361 30  HOH HOH A . 
B 2 HOH 62  362 93  HOH HOH A . 
B 2 HOH 63  363 72  HOH HOH A . 
B 2 HOH 64  364 46  HOH HOH A . 
B 2 HOH 65  365 98  HOH HOH A . 
B 2 HOH 66  366 4   HOH HOH A . 
B 2 HOH 67  367 37  HOH HOH A . 
B 2 HOH 68  368 15  HOH HOH A . 
B 2 HOH 69  369 20  HOH HOH A . 
B 2 HOH 70  370 91  HOH HOH A . 
B 2 HOH 71  371 86  HOH HOH A . 
B 2 HOH 72  372 96  HOH HOH A . 
B 2 HOH 73  373 139 HOH HOH A . 
B 2 HOH 74  374 54  HOH HOH A . 
B 2 HOH 75  375 45  HOH HOH A . 
B 2 HOH 76  376 18  HOH HOH A . 
B 2 HOH 77  377 66  HOH HOH A . 
B 2 HOH 78  378 9   HOH HOH A . 
B 2 HOH 79  379 29  HOH HOH A . 
B 2 HOH 80  380 23  HOH HOH A . 
B 2 HOH 81  381 7   HOH HOH A . 
B 2 HOH 82  382 133 HOH HOH A . 
B 2 HOH 83  383 134 HOH HOH A . 
B 2 HOH 84  384 90  HOH HOH A . 
B 2 HOH 85  385 11  HOH HOH A . 
B 2 HOH 86  386 24  HOH HOH A . 
B 2 HOH 87  387 3   HOH HOH A . 
B 2 HOH 88  388 107 HOH HOH A . 
B 2 HOH 89  389 70  HOH HOH A . 
B 2 HOH 90  390 12  HOH HOH A . 
B 2 HOH 91  391 35  HOH HOH A . 
B 2 HOH 92  392 88  HOH HOH A . 
B 2 HOH 93  393 99  HOH HOH A . 
B 2 HOH 94  394 61  HOH HOH A . 
B 2 HOH 95  395 80  HOH HOH A . 
B 2 HOH 96  396 26  HOH HOH A . 
B 2 HOH 97  397 146 HOH HOH A . 
B 2 HOH 98  398 89  HOH HOH A . 
B 2 HOH 99  399 136 HOH HOH A . 
B 2 HOH 100 400 48  HOH HOH A . 
B 2 HOH 101 401 77  HOH HOH A . 
B 2 HOH 102 402 85  HOH HOH A . 
B 2 HOH 103 403 111 HOH HOH A . 
B 2 HOH 104 404 135 HOH HOH A . 
B 2 HOH 105 405 125 HOH HOH A . 
B 2 HOH 106 406 17  HOH HOH A . 
B 2 HOH 107 407 74  HOH HOH A . 
B 2 HOH 108 408 58  HOH HOH A . 
B 2 HOH 109 409 138 HOH HOH A . 
B 2 HOH 110 410 137 HOH HOH A . 
B 2 HOH 111 411 67  HOH HOH A . 
B 2 HOH 112 412 105 HOH HOH A . 
B 2 HOH 113 413 81  HOH HOH A . 
B 2 HOH 114 414 92  HOH HOH A . 
B 2 HOH 115 415 132 HOH HOH A . 
B 2 HOH 116 416 62  HOH HOH A . 
B 2 HOH 117 417 79  HOH HOH A . 
B 2 HOH 118 418 120 HOH HOH A . 
B 2 HOH 119 419 65  HOH HOH A . 
B 2 HOH 120 420 142 HOH HOH A . 
B 2 HOH 121 421 124 HOH HOH A . 
B 2 HOH 122 422 151 HOH HOH A . 
B 2 HOH 123 423 95  HOH HOH A . 
B 2 HOH 124 424 147 HOH HOH A . 
B 2 HOH 125 425 76  HOH HOH A . 
B 2 HOH 126 426 82  HOH HOH A . 
B 2 HOH 127 427 123 HOH HOH A . 
B 2 HOH 128 428 6   HOH HOH A . 
B 2 HOH 129 429 121 HOH HOH A . 
B 2 HOH 130 430 145 HOH HOH A . 
B 2 HOH 131 431 115 HOH HOH A . 
B 2 HOH 132 432 119 HOH HOH A . 
B 2 HOH 133 433 129 HOH HOH A . 
B 2 HOH 134 434 131 HOH HOH A . 
B 2 HOH 135 435 68  HOH HOH A . 
B 2 HOH 136 436 49  HOH HOH A . 
B 2 HOH 137 437 47  HOH HOH A . 
B 2 HOH 138 438 16  HOH HOH A . 
B 2 HOH 139 439 83  HOH HOH A . 
B 2 HOH 140 440 149 HOH HOH A . 
B 2 HOH 141 441 116 HOH HOH A . 
B 2 HOH 142 442 106 HOH HOH A . 
B 2 HOH 143 443 143 HOH HOH A . 
B 2 HOH 144 444 50  HOH HOH A . 
B 2 HOH 145 445 128 HOH HOH A . 
B 2 HOH 146 446 127 HOH HOH A . 
B 2 HOH 147 447 53  HOH HOH A . 
B 2 HOH 148 448 38  HOH HOH A . 
B 2 HOH 149 449 130 HOH HOH A . 
B 2 HOH 150 450 150 HOH HOH A . 
B 2 HOH 151 451 118 HOH HOH A . 
# 
loop_
_software.citation_id 
_software.classification 
_software.compiler_name 
_software.compiler_version 
_software.contact_author 
_software.contact_author_email 
_software.date 
_software.description 
_software.dependencies 
_software.hardware 
_software.language 
_software.location 
_software.mods 
_software.name 
_software.os 
_software.os_version 
_software.type 
_software.version 
_software.pdbx_ordinal 
? refinement     ? ? ? ? ? ? ? ? ? ? ? PHENIX  ? ? ? 1.7.2_869 1 
? 'data scaling' ? ? ? ? ? ? ? ? ? ? ? Aimless ? ? ? v7.0      2 
? 'data scaling' ? ? ? ? ? ? ? ? ? ? ? SCALA   ? ? ? v7.0      3 
? phasing        ? ? ? ? ? ? ? ? ? ? ? MOLREP  ? ? ? v7.0      4 
# 
_cell.angle_alpha                  90.00 
_cell.angle_alpha_esd              ? 
_cell.angle_beta                   90.00 
_cell.angle_beta_esd               ? 
_cell.angle_gamma                  120.00 
_cell.angle_gamma_esd              ? 
_cell.entry_id                     5MOA 
_cell.details                      ? 
_cell.formula_units_Z              ? 
_cell.length_a                     89.493 
_cell.length_a_esd                 ? 
_cell.length_b                     89.493 
_cell.length_b_esd                 ? 
_cell.length_c                     51.941 
_cell.length_c_esd                 ? 
_cell.volume                       ? 
_cell.volume_esd                   ? 
_cell.Z_PDB                        6 
_cell.reciprocal_angle_alpha       ? 
_cell.reciprocal_angle_beta        ? 
_cell.reciprocal_angle_gamma       ? 
_cell.reciprocal_angle_alpha_esd   ? 
_cell.reciprocal_angle_beta_esd    ? 
_cell.reciprocal_angle_gamma_esd   ? 
_cell.reciprocal_length_a          ? 
_cell.reciprocal_length_b          ? 
_cell.reciprocal_length_c          ? 
_cell.reciprocal_length_a_esd      ? 
_cell.reciprocal_length_b_esd      ? 
_cell.reciprocal_length_c_esd      ? 
_cell.pdbx_unique_axis             ? 
# 
_symmetry.entry_id                         5MOA 
_symmetry.cell_setting                     ? 
_symmetry.Int_Tables_number                154 
_symmetry.space_group_name_Hall            ? 
_symmetry.space_group_name_H-M             'P 32 2 1' 
_symmetry.pdbx_full_space_group_name_H-M   ? 
# 
_exptl.absorpt_coefficient_mu     ? 
_exptl.absorpt_correction_T_max   ? 
_exptl.absorpt_correction_T_min   ? 
_exptl.absorpt_correction_type    ? 
_exptl.absorpt_process_details    ? 
_exptl.entry_id                   5MOA 
_exptl.crystals_number            1 
_exptl.details                    ? 
_exptl.method                     'X-RAY DIFFRACTION' 
_exptl.method_details             ? 
# 
_exptl_crystal.colour                      ? 
_exptl_crystal.density_diffrn              ? 
_exptl_crystal.density_Matthews            2.40 
_exptl_crystal.density_method              ? 
_exptl_crystal.density_percent_sol         48.81 
_exptl_crystal.description                 ? 
_exptl_crystal.F_000                       ? 
_exptl_crystal.id                          1 
_exptl_crystal.preparation                 ? 
_exptl_crystal.size_max                    ? 
_exptl_crystal.size_mid                    ? 
_exptl_crystal.size_min                    ? 
_exptl_crystal.size_rad                    ? 
_exptl_crystal.colour_lustre               ? 
_exptl_crystal.colour_modifier             ? 
_exptl_crystal.colour_primary              ? 
_exptl_crystal.density_meas                ? 
_exptl_crystal.density_meas_esd            ? 
_exptl_crystal.density_meas_gt             ? 
_exptl_crystal.density_meas_lt             ? 
_exptl_crystal.density_meas_temp           ? 
_exptl_crystal.density_meas_temp_esd       ? 
_exptl_crystal.density_meas_temp_gt        ? 
_exptl_crystal.density_meas_temp_lt        ? 
_exptl_crystal.pdbx_crystal_image_url      ? 
_exptl_crystal.pdbx_crystal_image_format   ? 
_exptl_crystal.pdbx_mosaicity              ? 
_exptl_crystal.pdbx_mosaicity_esd          ? 
# 
_exptl_crystal_grow.apparatus       ? 
_exptl_crystal_grow.atmosphere      ? 
_exptl_crystal_grow.crystal_id      1 
_exptl_crystal_grow.details         ? 
_exptl_crystal_grow.method          MICROBATCH 
_exptl_crystal_grow.method_ref      ? 
_exptl_crystal_grow.pH              7.0 
_exptl_crystal_grow.pressure        ? 
_exptl_crystal_grow.pressure_esd    ? 
_exptl_crystal_grow.seeding         ? 
_exptl_crystal_grow.seeding_ref     ? 
_exptl_crystal_grow.temp            295 
_exptl_crystal_grow.temp_details    ? 
_exptl_crystal_grow.temp_esd        ? 
_exptl_crystal_grow.time            ? 
_exptl_crystal_grow.pdbx_details    '3.5 M de sulfato de amonio pH 7.0' 
_exptl_crystal_grow.pdbx_pH_range   ? 
# 
_diffrn.ambient_environment    ? 
_diffrn.ambient_temp           100 
_diffrn.ambient_temp_details   ? 
_diffrn.ambient_temp_esd       ? 
_diffrn.crystal_id             1 
_diffrn.crystal_support        ? 
_diffrn.crystal_treatment      ? 
_diffrn.details                ? 
_diffrn.id                     1 
_diffrn.ambient_pressure       ? 
_diffrn.ambient_pressure_esd   ? 
_diffrn.ambient_pressure_gt    ? 
_diffrn.ambient_pressure_lt    ? 
_diffrn.ambient_temp_gt        ? 
_diffrn.ambient_temp_lt        ? 
# 
_diffrn_detector.details                      ? 
_diffrn_detector.detector                     PIXEL 
_diffrn_detector.diffrn_id                    1 
_diffrn_detector.type                         'DECTRIS PILATUS 6M' 
_diffrn_detector.area_resol_mean              ? 
_diffrn_detector.dtime                        ? 
_diffrn_detector.pdbx_frames_total            ? 
_diffrn_detector.pdbx_collection_time_total   ? 
_diffrn_detector.pdbx_collection_date         2014-04-25 
# 
_diffrn_radiation.collimation                      ? 
_diffrn_radiation.diffrn_id                        1 
_diffrn_radiation.filter_edge                      ? 
_diffrn_radiation.inhomogeneity                    ? 
_diffrn_radiation.monochromator                    ? 
_diffrn_radiation.polarisn_norm                    ? 
_diffrn_radiation.polarisn_ratio                   ? 
_diffrn_radiation.probe                            ? 
_diffrn_radiation.type                             ? 
_diffrn_radiation.xray_symbol                      ? 
_diffrn_radiation.wavelength_id                    1 
_diffrn_radiation.pdbx_monochromatic_or_laue_m_l   M 
_diffrn_radiation.pdbx_wavelength_list             ? 
_diffrn_radiation.pdbx_wavelength                  ? 
_diffrn_radiation.pdbx_diffrn_protocol             'SINGLE WAVELENGTH' 
_diffrn_radiation.pdbx_analyzer                    ? 
_diffrn_radiation.pdbx_scattering_type             x-ray 
# 
_diffrn_radiation_wavelength.id           1 
_diffrn_radiation_wavelength.wavelength   0.93 
_diffrn_radiation_wavelength.wt           1.0 
# 
_diffrn_source.current                     ? 
_diffrn_source.details                     ? 
_diffrn_source.diffrn_id                   1 
_diffrn_source.power                       ? 
_diffrn_source.size                        ? 
_diffrn_source.source                      SYNCHROTRON 
_diffrn_source.target                      ? 
_diffrn_source.type                        'ESRF BEAMLINE ID23-1' 
_diffrn_source.voltage                     ? 
_diffrn_source.take-off_angle              ? 
_diffrn_source.pdbx_wavelength_list        0.93 
_diffrn_source.pdbx_wavelength             ? 
_diffrn_source.pdbx_synchrotron_beamline   ID23-1 
_diffrn_source.pdbx_synchrotron_site       ESRF 
# 
_reflns.B_iso_Wilson_estimate            ? 
_reflns.entry_id                         5MOA 
_reflns.data_reduction_details           ? 
_reflns.data_reduction_method            ? 
_reflns.d_resolution_high                1.65 
_reflns.d_resolution_low                 43.15 
_reflns.details                          ? 
_reflns.limit_h_max                      ? 
_reflns.limit_h_min                      ? 
_reflns.limit_k_max                      ? 
_reflns.limit_k_min                      ? 
_reflns.limit_l_max                      ? 
_reflns.limit_l_min                      ? 
_reflns.number_all                       ? 
_reflns.number_obs                       281445 
_reflns.observed_criterion               ? 
_reflns.observed_criterion_F_max         ? 
_reflns.observed_criterion_F_min         ? 
_reflns.observed_criterion_I_max         ? 
_reflns.observed_criterion_I_min         ? 
_reflns.observed_criterion_sigma_F       ? 
_reflns.observed_criterion_sigma_I       ? 
_reflns.percent_possible_obs             96.5 
_reflns.R_free_details                   ? 
_reflns.Rmerge_F_all                     ? 
_reflns.Rmerge_F_obs                     ? 
_reflns.Friedel_coverage                 ? 
_reflns.number_gt                        ? 
_reflns.threshold_expression             ? 
_reflns.pdbx_redundancy                  7.5 
_reflns.pdbx_Rmerge_I_obs                ? 
_reflns.pdbx_Rmerge_I_all                ? 
_reflns.pdbx_Rsym_value                  ? 
_reflns.pdbx_netI_over_av_sigmaI         ? 
_reflns.pdbx_netI_over_sigmaI            26.5 
_reflns.pdbx_res_netI_over_av_sigmaI_2   ? 
_reflns.pdbx_res_netI_over_sigmaI_2      ? 
_reflns.pdbx_chi_squared                 ? 
_reflns.pdbx_scaling_rejects             ? 
_reflns.pdbx_d_res_high_opt              ? 
_reflns.pdbx_d_res_low_opt               ? 
_reflns.pdbx_d_res_opt_method            ? 
_reflns.phase_calculation_details        ? 
_reflns.pdbx_Rrim_I_all                  ? 
_reflns.pdbx_Rpim_I_all                  ? 
_reflns.pdbx_d_opt                       ? 
_reflns.pdbx_number_measured_all         ? 
_reflns.pdbx_diffrn_id                   1 
_reflns.pdbx_ordinal                     1 
_reflns.pdbx_CC_half                     1 
_reflns.pdbx_R_split                     ? 
# 
_reflns_shell.d_res_high                  1.65 
_reflns_shell.d_res_low                   1.75 
_reflns_shell.meanI_over_sigI_all         ? 
_reflns_shell.meanI_over_sigI_obs         ? 
_reflns_shell.number_measured_all         ? 
_reflns_shell.number_measured_obs         ? 
_reflns_shell.number_possible             ? 
_reflns_shell.number_unique_all           ? 
_reflns_shell.number_unique_obs           ? 
_reflns_shell.percent_possible_all        99.4 
_reflns_shell.percent_possible_obs        ? 
_reflns_shell.Rmerge_F_all                ? 
_reflns_shell.Rmerge_F_obs                ? 
_reflns_shell.Rmerge_I_all                ? 
_reflns_shell.Rmerge_I_obs                ? 
_reflns_shell.meanI_over_sigI_gt          ? 
_reflns_shell.meanI_over_uI_all           ? 
_reflns_shell.meanI_over_uI_gt            ? 
_reflns_shell.number_measured_gt          ? 
_reflns_shell.number_unique_gt            ? 
_reflns_shell.percent_possible_gt         ? 
_reflns_shell.Rmerge_F_gt                 ? 
_reflns_shell.Rmerge_I_gt                 ? 
_reflns_shell.pdbx_redundancy             7.7 
_reflns_shell.pdbx_Rsym_value             ? 
_reflns_shell.pdbx_chi_squared            ? 
_reflns_shell.pdbx_netI_over_sigmaI_all   ? 
_reflns_shell.pdbx_netI_over_sigmaI_obs   ? 
_reflns_shell.pdbx_Rrim_I_all             ? 
_reflns_shell.pdbx_Rpim_I_all             ? 
_reflns_shell.pdbx_rejects                ? 
_reflns_shell.pdbx_ordinal                1 
_reflns_shell.pdbx_diffrn_id              1 
_reflns_shell.pdbx_CC_half                ? 
_reflns_shell.pdbx_R_split                ? 
# 
_refine.aniso_B[1][1]                            -5.4387 
_refine.aniso_B[1][2]                            -0.0000 
_refine.aniso_B[1][3]                            0.0000 
_refine.aniso_B[2][2]                            -5.4387 
_refine.aniso_B[2][3]                            -0.0000 
_refine.aniso_B[3][3]                            10.8773 
_refine.B_iso_max                                ? 
_refine.B_iso_mean                               ? 
_refine.B_iso_min                                ? 
_refine.correlation_coeff_Fo_to_Fc               ? 
_refine.correlation_coeff_Fo_to_Fc_free          ? 
_refine.details                                  ? 
_refine.diff_density_max                         ? 
_refine.diff_density_max_esd                     ? 
_refine.diff_density_min                         ? 
_refine.diff_density_min_esd                     ? 
_refine.diff_density_rms                         ? 
_refine.diff_density_rms_esd                     ? 
_refine.entry_id                                 5MOA 
_refine.pdbx_refine_id                           'X-RAY DIFFRACTION' 
_refine.ls_abs_structure_details                 ? 
_refine.ls_abs_structure_Flack                   ? 
_refine.ls_abs_structure_Flack_esd               ? 
_refine.ls_abs_structure_Rogers                  ? 
_refine.ls_abs_structure_Rogers_esd              ? 
_refine.ls_d_res_high                            1.650 
_refine.ls_d_res_low                             43.147 
_refine.ls_extinction_coef                       ? 
_refine.ls_extinction_coef_esd                   ? 
_refine.ls_extinction_expression                 ? 
_refine.ls_extinction_method                     ? 
_refine.ls_goodness_of_fit_all                   ? 
_refine.ls_goodness_of_fit_all_esd               ? 
_refine.ls_goodness_of_fit_obs                   ? 
_refine.ls_goodness_of_fit_obs_esd               ? 
_refine.ls_hydrogen_treatment                    ? 
_refine.ls_matrix_type                           ? 
_refine.ls_number_constraints                    ? 
_refine.ls_number_parameters                     ? 
_refine.ls_number_reflns_all                     ? 
_refine.ls_number_reflns_obs                     54003 
_refine.ls_number_reflns_R_free                  2732 
_refine.ls_number_reflns_R_work                  ? 
_refine.ls_number_restraints                     ? 
_refine.ls_percent_reflns_obs                    96.46 
_refine.ls_percent_reflns_R_free                 5.06 
_refine.ls_R_factor_all                          ? 
_refine.ls_R_factor_obs                          0.2148 
_refine.ls_R_factor_R_free                       0.2310 
_refine.ls_R_factor_R_free_error                 ? 
_refine.ls_R_factor_R_free_error_details         ? 
_refine.ls_R_factor_R_work                       0.2140 
_refine.ls_R_Fsqd_factor_obs                     ? 
_refine.ls_R_I_factor_obs                        ? 
_refine.ls_redundancy_reflns_all                 ? 
_refine.ls_redundancy_reflns_obs                 ? 
_refine.ls_restrained_S_all                      ? 
_refine.ls_restrained_S_obs                      ? 
_refine.ls_shift_over_esd_max                    ? 
_refine.ls_shift_over_esd_mean                   ? 
_refine.ls_structure_factor_coef                 ? 
_refine.ls_weighting_details                     ? 
_refine.ls_weighting_scheme                      ? 
_refine.ls_wR_factor_all                         ? 
_refine.ls_wR_factor_obs                         ? 
_refine.ls_wR_factor_R_free                      ? 
_refine.ls_wR_factor_R_work                      ? 
_refine.occupancy_max                            ? 
_refine.occupancy_min                            ? 
_refine.solvent_model_details                    ? 
_refine.solvent_model_param_bsol                 40.417 
_refine.solvent_model_param_ksol                 0.374 
_refine.ls_R_factor_gt                           ? 
_refine.ls_goodness_of_fit_gt                    ? 
_refine.ls_goodness_of_fit_ref                   ? 
_refine.ls_shift_over_su_max                     ? 
_refine.ls_shift_over_su_max_lt                  ? 
_refine.ls_shift_over_su_mean                    ? 
_refine.ls_shift_over_su_mean_lt                 ? 
_refine.pdbx_ls_sigma_I                          ? 
_refine.pdbx_ls_sigma_F                          1.02 
_refine.pdbx_ls_sigma_Fsqd                       ? 
_refine.pdbx_data_cutoff_high_absF               ? 
_refine.pdbx_data_cutoff_high_rms_absF           ? 
_refine.pdbx_data_cutoff_low_absF                ? 
_refine.pdbx_isotropic_thermal_model             ? 
_refine.pdbx_ls_cross_valid_method               NONE 
_refine.pdbx_method_to_determine_struct          'MOLECULAR REPLACEMENT' 
_refine.pdbx_starting_model                      ? 
_refine.pdbx_stereochemistry_target_values       ? 
_refine.pdbx_R_Free_selection_details            ? 
_refine.pdbx_stereochem_target_val_spec_case     ? 
_refine.pdbx_overall_ESU_R                       ? 
_refine.pdbx_overall_ESU_R_Free                  ? 
_refine.pdbx_solvent_vdw_probe_radii             1.00 
_refine.pdbx_solvent_ion_probe_radii             ? 
_refine.pdbx_solvent_shrinkage_radii             0.73 
_refine.pdbx_real_space_R                        ? 
_refine.pdbx_density_correlation                 ? 
_refine.pdbx_pd_number_of_powder_patterns        ? 
_refine.pdbx_pd_number_of_points                 ? 
_refine.pdbx_pd_meas_number_of_points            ? 
_refine.pdbx_pd_proc_ls_prof_R_factor            ? 
_refine.pdbx_pd_proc_ls_prof_wR_factor           ? 
_refine.pdbx_pd_Marquardt_correlation_coeff      ? 
_refine.pdbx_pd_Fsqrd_R_factor                   ? 
_refine.pdbx_pd_ls_matrix_band_width             ? 
_refine.pdbx_overall_phase_error                 28.98 
_refine.pdbx_overall_SU_R_free_Cruickshank_DPI   ? 
_refine.pdbx_overall_SU_R_free_Blow_DPI          ? 
_refine.pdbx_overall_SU_R_Blow_DPI               ? 
_refine.pdbx_TLS_residual_ADP_flag               ? 
_refine.pdbx_diffrn_id                           1 
_refine.overall_SU_B                             ? 
_refine.overall_SU_ML                            0.55 
_refine.overall_SU_R_Cruickshank_DPI             ? 
_refine.overall_SU_R_free                        ? 
_refine.overall_FOM_free_R_set                   ? 
_refine.overall_FOM_work_R_set                   ? 
_refine.pdbx_average_fsc_overall                 ? 
_refine.pdbx_average_fsc_work                    ? 
_refine.pdbx_average_fsc_free                    ? 
# 
_refine_hist.pdbx_refine_id                   'X-RAY DIFFRACTION' 
_refine_hist.cycle_id                         LAST 
_refine_hist.pdbx_number_atoms_protein        1515 
_refine_hist.pdbx_number_atoms_nucleic_acid   0 
_refine_hist.pdbx_number_atoms_ligand         0 
_refine_hist.number_atoms_solvent             151 
_refine_hist.number_atoms_total               1666 
_refine_hist.d_res_high                       1.650 
_refine_hist.d_res_low                        43.147 
# 
loop_
_refine_ls_restr.pdbx_refine_id 
_refine_ls_restr.criterion 
_refine_ls_restr.dev_ideal 
_refine_ls_restr.dev_ideal_target 
_refine_ls_restr.number 
_refine_ls_restr.rejects 
_refine_ls_restr.type 
_refine_ls_restr.weight 
_refine_ls_restr.pdbx_restraint_function 
'X-RAY DIFFRACTION' ? 0.007  ? 1546 ? f_bond_d           ? ? 
'X-RAY DIFFRACTION' ? 1.083  ? 2105 ? f_angle_d          ? ? 
'X-RAY DIFFRACTION' ? 14.718 ? 561  ? f_dihedral_angle_d ? ? 
'X-RAY DIFFRACTION' ? 0.068  ? 249  ? f_chiral_restr     ? ? 
'X-RAY DIFFRACTION' ? 0.005  ? 271  ? f_plane_restr      ? ? 
# 
loop_
_refine_ls_shell.pdbx_refine_id 
_refine_ls_shell.d_res_high 
_refine_ls_shell.d_res_low 
_refine_ls_shell.number_reflns_all 
_refine_ls_shell.number_reflns_obs 
_refine_ls_shell.number_reflns_R_free 
_refine_ls_shell.number_reflns_R_work 
_refine_ls_shell.percent_reflns_obs 
_refine_ls_shell.percent_reflns_R_free 
_refine_ls_shell.R_factor_all 
_refine_ls_shell.R_factor_obs 
_refine_ls_shell.R_factor_R_free 
_refine_ls_shell.R_factor_R_free_error 
_refine_ls_shell.R_factor_R_work 
_refine_ls_shell.redundancy_reflns_all 
_refine_ls_shell.redundancy_reflns_obs 
_refine_ls_shell.wR_factor_all 
_refine_ls_shell.wR_factor_obs 
_refine_ls_shell.wR_factor_R_free 
_refine_ls_shell.wR_factor_R_work 
_refine_ls_shell.pdbx_total_number_of_bins_used 
_refine_ls_shell.pdbx_phase_error 
_refine_ls_shell.pdbx_fsc_work 
_refine_ls_shell.pdbx_fsc_free 
'X-RAY DIFFRACTION' 1.6502 1.6786  . . 127 2543 96.00  . . . 0.4487 . 0.4395 . . . . . . . . . . 
'X-RAY DIFFRACTION' 1.6786 1.7091  . . 143 2624 100.00 . . . 0.4630 . 0.4116 . . . . . . . . . . 
'X-RAY DIFFRACTION' 1.7091 1.7420  . . 154 2694 100.00 . . . 0.4118 . 0.3760 . . . . . . . . . . 
'X-RAY DIFFRACTION' 1.7420 1.7776  . . 164 2622 100.00 . . . 0.3766 . 0.3442 . . . . . . . . . . 
'X-RAY DIFFRACTION' 1.7776 1.8162  . . 126 2674 100.00 . . . 0.3343 . 0.3143 . . . . . . . . . . 
'X-RAY DIFFRACTION' 1.8162 1.8585  . . 159 2623 100.00 . . . 0.3259 . 0.2905 . . . . . . . . . . 
'X-RAY DIFFRACTION' 1.8585 1.9050  . . 113 2591 99.00  . . . 0.2927 . 0.2713 . . . . . . . . . . 
'X-RAY DIFFRACTION' 1.9050 1.9565  . . 90  1789 97.00  . . . 0.3159 . 0.2759 . . . . . . . . . . 
'X-RAY DIFFRACTION' 1.9565 2.0140  . . 145 2620 100.00 . . . 0.2598 . 0.2315 . . . . . . . . . . 
'X-RAY DIFFRACTION' 2.0140 2.0790  . . 127 2708 100.00 . . . 0.2360 . 0.2217 . . . . . . . . . . 
'X-RAY DIFFRACTION' 2.0790 2.1533  . . 134 2661 100.00 . . . 0.2333 . 0.2161 . . . . . . . . . . 
'X-RAY DIFFRACTION' 2.1533 2.2395  . . 137 2257 99.00  . . . 0.2496 . 0.2270 . . . . . . . . . . 
'X-RAY DIFFRACTION' 2.2395 2.3415  . . 115 2269 98.00  . . . 0.2418 . 0.2313 . . . . . . . . . . 
'X-RAY DIFFRACTION' 2.3415 2.4649  . . 138 2690 100.00 . . . 0.2131 . 0.2044 . . . . . . . . . . 
'X-RAY DIFFRACTION' 2.4649 2.6193  . . 127 2631 100.00 . . . 0.2464 . 0.2140 . . . . . . . . . . 
'X-RAY DIFFRACTION' 2.6193 2.8215  . . 156 2670 100.00 . . . 0.2215 . 0.2187 . . . . . . . . . . 
'X-RAY DIFFRACTION' 2.8215 3.1054  . . 168 2632 100.00 . . . 0.2430 . 0.2148 . . . . . . . . . . 
'X-RAY DIFFRACTION' 3.1054 3.5546  . . 140 2659 100.00 . . . 0.1806 . 0.1918 . . . . . . . . . . 
'X-RAY DIFFRACTION' 3.5546 4.4776  . . 144 2651 100.00 . . . 0.2037 . 0.1677 . . . . . . . . . . 
'X-RAY DIFFRACTION' 4.4776 43.1622 . . 125 2663 99.00  . . . 0.1942 . 0.1920 . . . . . . . . . . 
# 
_struct.entry_id                     5MOA 
_struct.title                        'ABA RECEPTOR FROM TOMATO, SlPYL1' 
_struct.pdbx_model_details           ? 
_struct.pdbx_formula_weight          ? 
_struct.pdbx_formula_weight_method   ? 
_struct.pdbx_model_type_details      ? 
_struct.pdbx_CASP_flag               N 
# 
_struct_keywords.entry_id        5MOA 
_struct_keywords.text            'ABA, RECEPTOR, SIGNALING, STRESS, Signaling protein' 
_struct_keywords.pdbx_keywords   'SIGNALING PROTEIN' 
# 
loop_
_struct_asym.id 
_struct_asym.pdbx_blank_PDB_chainid_flag 
_struct_asym.pdbx_modified 
_struct_asym.entity_id 
_struct_asym.details 
A N N 1 ? 
B N N 2 ? 
# 
_struct_ref.id                         1 
_struct_ref.db_name                    UNP 
_struct_ref.db_code                    K4CN56_SOLLC 
_struct_ref.pdbx_db_accession          K4CN56 
_struct_ref.pdbx_db_isoform            ? 
_struct_ref.entity_id                  1 
_struct_ref.pdbx_seq_one_letter_code   
;MDNKPETSLDNPVHQRSEPGSETGSSLSTITTHHLTVPPGLTPEEFQELSSSIAEFHSYRINPGQCSSLLAQRIHAPVET
VWTVVRRFDKPQTYKHFIKSCSVGEDFRMTVGSTRDVTVISGLPAATSTERLDILDDDRHVTGFSIIGGEHRLRNYRSVT
TVHGFERDGEIWTVVLESYVVDVPEGNTEEDTRLFADTVVKLNLQKLASVTETLAREAGNGSVNSRDASHR
;
_struct_ref.pdbx_align_begin           1 
# 
_struct_ref_seq.align_id                      1 
_struct_ref_seq.ref_id                        1 
_struct_ref_seq.pdbx_PDB_id_code              5MOA 
_struct_ref_seq.pdbx_strand_id                A 
_struct_ref_seq.seq_align_beg                 1 
_struct_ref_seq.pdbx_seq_align_beg_ins_code   ? 
_struct_ref_seq.seq_align_end                 231 
_struct_ref_seq.pdbx_seq_align_end_ins_code   ? 
_struct_ref_seq.pdbx_db_accession             K4CN56 
_struct_ref_seq.db_align_beg                  1 
_struct_ref_seq.pdbx_db_align_beg_ins_code    ? 
_struct_ref_seq.db_align_end                  231 
_struct_ref_seq.pdbx_db_align_end_ins_code    ? 
_struct_ref_seq.pdbx_auth_seq_align_beg       2 
_struct_ref_seq.pdbx_auth_seq_align_end       232 
# 
_struct_ref_seq_dif.align_id                     1 
_struct_ref_seq_dif.pdbx_pdb_id_code             5MOA 
_struct_ref_seq_dif.mon_id                       SER 
_struct_ref_seq_dif.pdbx_pdb_strand_id           A 
_struct_ref_seq_dif.seq_num                      232 
_struct_ref_seq_dif.pdbx_pdb_ins_code            ? 
_struct_ref_seq_dif.pdbx_seq_db_name             UNP 
_struct_ref_seq_dif.pdbx_seq_db_accession_code   K4CN56 
_struct_ref_seq_dif.db_mon_id                    ? 
_struct_ref_seq_dif.pdbx_seq_db_seq_num          ? 
_struct_ref_seq_dif.details                      'expression tag' 
_struct_ref_seq_dif.pdbx_auth_seq_num            233 
_struct_ref_seq_dif.pdbx_ordinal                 1 
# 
_pdbx_struct_assembly.id                   1 
_pdbx_struct_assembly.details              author_and_software_defined_assembly 
_pdbx_struct_assembly.method_details       PISA 
_pdbx_struct_assembly.oligomeric_details   monomeric 
_pdbx_struct_assembly.oligomeric_count     1 
# 
loop_
_pdbx_struct_assembly_prop.biol_id 
_pdbx_struct_assembly_prop.type 
_pdbx_struct_assembly_prop.value 
_pdbx_struct_assembly_prop.details 
1 'ABSA (A^2)' 0     ? 
1 MORE         0     ? 
1 'SSA (A^2)'  10420 ? 
# 
_pdbx_struct_assembly_gen.assembly_id       1 
_pdbx_struct_assembly_gen.oper_expression   1 
_pdbx_struct_assembly_gen.asym_id_list      A,B 
# 
_pdbx_struct_oper_list.id                   1 
_pdbx_struct_oper_list.type                 'identity operation' 
_pdbx_struct_oper_list.name                 1_555 
_pdbx_struct_oper_list.symmetry_operation   x,y,z 
_pdbx_struct_oper_list.matrix[1][1]         1.0000000000 
_pdbx_struct_oper_list.matrix[1][2]         0.0000000000 
_pdbx_struct_oper_list.matrix[1][3]         0.0000000000 
_pdbx_struct_oper_list.vector[1]            0.0000000000 
_pdbx_struct_oper_list.matrix[2][1]         0.0000000000 
_pdbx_struct_oper_list.matrix[2][2]         1.0000000000 
_pdbx_struct_oper_list.matrix[2][3]         0.0000000000 
_pdbx_struct_oper_list.vector[2]            0.0000000000 
_pdbx_struct_oper_list.matrix[3][1]         0.0000000000 
_pdbx_struct_oper_list.matrix[3][2]         0.0000000000 
_pdbx_struct_oper_list.matrix[3][3]         1.0000000000 
_pdbx_struct_oper_list.vector[3]            0.0000000000 
# 
loop_
_struct_conf.conf_type_id 
_struct_conf.id 
_struct_conf.pdbx_PDB_helix_id 
_struct_conf.beg_label_comp_id 
_struct_conf.beg_label_asym_id 
_struct_conf.beg_label_seq_id 
_struct_conf.pdbx_beg_PDB_ins_code 
_struct_conf.end_label_comp_id 
_struct_conf.end_label_asym_id 
_struct_conf.end_label_seq_id 
_struct_conf.pdbx_end_PDB_ins_code 
_struct_conf.beg_auth_comp_id 
_struct_conf.beg_auth_asym_id 
_struct_conf.beg_auth_seq_id 
_struct_conf.end_auth_comp_id 
_struct_conf.end_auth_asym_id 
_struct_conf.end_auth_seq_id 
_struct_conf.pdbx_PDB_helix_class 
_struct_conf.details 
_struct_conf.pdbx_PDB_helix_length 
HELX_P HELX_P1 AA1 THR A 32  ? THR A 36  ? THR A 33  THR A 37  5 ? 5  
HELX_P HELX_P2 AA2 THR A 42  ? HIS A 57  ? THR A 43  HIS A 58  1 ? 16 
HELX_P HELX_P3 AA3 PRO A 77  ? ARG A 86  ? PRO A 78  ARG A 87  1 ? 10 
HELX_P HELX_P4 AA4 LYS A 90  ? TYR A 94  ? LYS A 91  TYR A 95  5 ? 5  
HELX_P HELX_P5 AA5 THR A 188 ? GLU A 217 ? THR A 189 GLU A 218 1 ? 30 
# 
_struct_conf_type.id          HELX_P 
_struct_conf_type.criteria    ? 
_struct_conf_type.reference   ? 
# 
loop_
_struct_sheet.id 
_struct_sheet.type 
_struct_sheet.number_strands 
_struct_sheet.details 
AA1 ? 2 ? 
AA2 ? 7 ? 
# 
loop_
_struct_sheet_order.sheet_id 
_struct_sheet_order.range_id_1 
_struct_sheet_order.range_id_2 
_struct_sheet_order.offset 
_struct_sheet_order.sense 
AA1 1 2 ? anti-parallel 
AA2 1 2 ? anti-parallel 
AA2 2 3 ? anti-parallel 
AA2 3 4 ? anti-parallel 
AA2 4 5 ? anti-parallel 
AA2 5 6 ? anti-parallel 
AA2 6 7 ? anti-parallel 
# 
loop_
_struct_sheet_range.sheet_id 
_struct_sheet_range.id 
_struct_sheet_range.beg_label_comp_id 
_struct_sheet_range.beg_label_asym_id 
_struct_sheet_range.beg_label_seq_id 
_struct_sheet_range.pdbx_beg_PDB_ins_code 
_struct_sheet_range.end_label_comp_id 
_struct_sheet_range.end_label_asym_id 
_struct_sheet_range.end_label_seq_id 
_struct_sheet_range.pdbx_end_PDB_ins_code 
_struct_sheet_range.beg_auth_comp_id 
_struct_sheet_range.beg_auth_asym_id 
_struct_sheet_range.beg_auth_seq_id 
_struct_sheet_range.end_auth_comp_id 
_struct_sheet_range.end_auth_asym_id 
_struct_sheet_range.end_auth_seq_id 
AA1 1 THR A 29  ? ILE A 30  ? THR A 30  ILE A 31  
AA1 2 ARG A 60  ? ILE A 61  ? ARG A 61  ILE A 62  
AA2 1 GLN A 65  ? ILE A 74  ? GLN A 66  ILE A 75  
AA2 2 GLU A 170 ? ASP A 182 ? GLU A 171 ASP A 183 
AA2 3 ARG A 157 ? ARG A 167 ? ARG A 158 ARG A 168 
AA2 4 VAL A 141 ? GLY A 148 ? VAL A 142 GLY A 149 
AA2 5 THR A 127 ? ASP A 136 ? THR A 128 ASP A 137 
AA2 6 THR A 114 ? VAL A 119 ? THR A 115 VAL A 120 
AA2 7 ILE A 98  ? VAL A 103 ? ILE A 99  VAL A 104 
# 
loop_
_pdbx_struct_sheet_hbond.sheet_id 
_pdbx_struct_sheet_hbond.range_id_1 
_pdbx_struct_sheet_hbond.range_id_2 
_pdbx_struct_sheet_hbond.range_1_label_atom_id 
_pdbx_struct_sheet_hbond.range_1_label_comp_id 
_pdbx_struct_sheet_hbond.range_1_label_asym_id 
_pdbx_struct_sheet_hbond.range_1_label_seq_id 
_pdbx_struct_sheet_hbond.range_1_PDB_ins_code 
_pdbx_struct_sheet_hbond.range_1_auth_atom_id 
_pdbx_struct_sheet_hbond.range_1_auth_comp_id 
_pdbx_struct_sheet_hbond.range_1_auth_asym_id 
_pdbx_struct_sheet_hbond.range_1_auth_seq_id 
_pdbx_struct_sheet_hbond.range_2_label_atom_id 
_pdbx_struct_sheet_hbond.range_2_label_comp_id 
_pdbx_struct_sheet_hbond.range_2_label_asym_id 
_pdbx_struct_sheet_hbond.range_2_label_seq_id 
_pdbx_struct_sheet_hbond.range_2_PDB_ins_code 
_pdbx_struct_sheet_hbond.range_2_auth_atom_id 
_pdbx_struct_sheet_hbond.range_2_auth_comp_id 
_pdbx_struct_sheet_hbond.range_2_auth_asym_id 
_pdbx_struct_sheet_hbond.range_2_auth_seq_id 
AA1 1 2 N THR A 29  ? N THR A 30  O ILE A 61  ? O ILE A 62  
AA2 1 2 N ILE A 74  ? N ILE A 75  O THR A 173 ? O THR A 174 
AA2 2 3 O LEU A 176 ? O LEU A 177 N THR A 161 ? N THR A 162 
AA2 3 4 O THR A 160 ? O THR A 161 N THR A 142 ? N THR A 143 
AA2 4 5 O VAL A 141 ? O VAL A 142 N ASP A 136 ? N ASP A 137 
AA2 5 6 O SER A 128 ? O SER A 129 N VAL A 117 ? N VAL A 118 
AA2 6 7 O THR A 118 ? O THR A 119 N LYS A 99  ? N LYS A 100 
# 
loop_
_pdbx_validate_close_contact.id 
_pdbx_validate_close_contact.PDB_model_num 
_pdbx_validate_close_contact.auth_atom_id_1 
_pdbx_validate_close_contact.auth_asym_id_1 
_pdbx_validate_close_contact.auth_comp_id_1 
_pdbx_validate_close_contact.auth_seq_id_1 
_pdbx_validate_close_contact.PDB_ins_code_1 
_pdbx_validate_close_contact.label_alt_id_1 
_pdbx_validate_close_contact.auth_atom_id_2 
_pdbx_validate_close_contact.auth_asym_id_2 
_pdbx_validate_close_contact.auth_comp_id_2 
_pdbx_validate_close_contact.auth_seq_id_2 
_pdbx_validate_close_contact.PDB_ins_code_2 
_pdbx_validate_close_contact.label_alt_id_2 
_pdbx_validate_close_contact.dist 
1  1 O  A HOH 422 ? ? O A HOH 424 ? ? 1.85 
2  1 O  A HOH 398 ? ? O A HOH 418 ? ? 1.89 
3  1 O  A HOH 405 ? ? O A HOH 421 ? ? 1.98 
4  1 O  A HOH 429 ? ? O A HOH 450 ? ? 2.00 
5  1 O  A HOH 417 ? ? O A HOH 429 ? ? 2.02 
6  1 O  A HOH 445 ? ? O A HOH 449 ? ? 2.04 
7  1 O  A HOH 326 ? ? O A HOH 427 ? ? 2.06 
8  1 O  A HOH 397 ? ? O A HOH 430 ? ? 2.13 
9  1 O  A HOH 343 ? ? O A HOH 439 ? ? 2.16 
10 1 OH A TYR 95  ? ? O A HOH 301 ? ? 2.18 
# 
_pdbx_validate_symm_contact.id                1 
_pdbx_validate_symm_contact.PDB_model_num     1 
_pdbx_validate_symm_contact.auth_atom_id_1    O 
_pdbx_validate_symm_contact.auth_asym_id_1    A 
_pdbx_validate_symm_contact.auth_comp_id_1    HOH 
_pdbx_validate_symm_contact.auth_seq_id_1     402 
_pdbx_validate_symm_contact.PDB_ins_code_1    ? 
_pdbx_validate_symm_contact.label_alt_id_1    ? 
_pdbx_validate_symm_contact.site_symmetry_1   1_555 
_pdbx_validate_symm_contact.auth_atom_id_2    O 
_pdbx_validate_symm_contact.auth_asym_id_2    A 
_pdbx_validate_symm_contact.auth_comp_id_2    HOH 
_pdbx_validate_symm_contact.auth_seq_id_2     402 
_pdbx_validate_symm_contact.PDB_ins_code_2    ? 
_pdbx_validate_symm_contact.label_alt_id_2    ? 
_pdbx_validate_symm_contact.site_symmetry_2   6_554 
_pdbx_validate_symm_contact.dist              1.69 
# 
loop_
_pdbx_validate_torsion.id 
_pdbx_validate_torsion.PDB_model_num 
_pdbx_validate_torsion.auth_comp_id 
_pdbx_validate_torsion.auth_asym_id 
_pdbx_validate_torsion.auth_seq_id 
_pdbx_validate_torsion.PDB_ins_code 
_pdbx_validate_torsion.label_alt_id 
_pdbx_validate_torsion.phi 
_pdbx_validate_torsion.psi 
1 1 ASP A 107 ? ? -110.73 55.91  
2 1 MET A 110 ? ? -61.67  77.93  
3 1 ALA A 126 ? ? -40.81  103.85 
# 
loop_
_pdbx_unobs_or_zero_occ_residues.id 
_pdbx_unobs_or_zero_occ_residues.PDB_model_num 
_pdbx_unobs_or_zero_occ_residues.polymer_flag 
_pdbx_unobs_or_zero_occ_residues.occupancy_flag 
_pdbx_unobs_or_zero_occ_residues.auth_asym_id 
_pdbx_unobs_or_zero_occ_residues.auth_comp_id 
_pdbx_unobs_or_zero_occ_residues.auth_seq_id 
_pdbx_unobs_or_zero_occ_residues.PDB_ins_code 
_pdbx_unobs_or_zero_occ_residues.label_asym_id 
_pdbx_unobs_or_zero_occ_residues.label_comp_id 
_pdbx_unobs_or_zero_occ_residues.label_seq_id 
1  1 Y 1 A MET 2   ? A MET 1   
2  1 Y 1 A ASP 3   ? A ASP 2   
3  1 Y 1 A ASN 4   ? A ASN 3   
4  1 Y 1 A LYS 5   ? A LYS 4   
5  1 Y 1 A PRO 6   ? A PRO 5   
6  1 Y 1 A GLU 7   ? A GLU 6   
7  1 Y 1 A THR 8   ? A THR 7   
8  1 Y 1 A SER 9   ? A SER 8   
9  1 Y 1 A LEU 10  ? A LEU 9   
10 1 Y 1 A ASP 11  ? A ASP 10  
11 1 Y 1 A ASN 12  ? A ASN 11  
12 1 Y 1 A PRO 13  ? A PRO 12  
13 1 Y 1 A VAL 14  ? A VAL 13  
14 1 Y 1 A HIS 15  ? A HIS 14  
15 1 Y 1 A GLN 16  ? A GLN 15  
16 1 Y 1 A ARG 17  ? A ARG 16  
17 1 Y 1 A SER 18  ? A SER 17  
18 1 Y 1 A GLU 19  ? A GLU 18  
19 1 Y 1 A PRO 20  ? A PRO 19  
20 1 Y 1 A GLY 21  ? A GLY 20  
21 1 Y 1 A SER 22  ? A SER 21  
22 1 Y 1 A GLU 23  ? A GLU 22  
23 1 Y 1 A THR 24  ? A THR 23  
24 1 Y 1 A GLY 25  ? A GLY 24  
25 1 Y 1 A SER 26  ? A SER 25  
26 1 Y 1 A SER 27  ? A SER 26  
27 1 Y 1 A GLY 220 ? A GLY 219 
28 1 Y 1 A ASN 221 ? A ASN 220 
29 1 Y 1 A GLY 222 ? A GLY 221 
30 1 Y 1 A SER 223 ? A SER 222 
31 1 Y 1 A VAL 224 ? A VAL 223 
32 1 Y 1 A ASN 225 ? A ASN 224 
33 1 Y 1 A SER 226 ? A SER 225 
34 1 Y 1 A ARG 227 ? A ARG 226 
35 1 Y 1 A ASP 228 ? A ASP 227 
36 1 Y 1 A ALA 229 ? A ALA 228 
37 1 Y 1 A SER 230 ? A SER 229 
38 1 Y 1 A HIS 231 ? A HIS 230 
39 1 Y 1 A ARG 232 ? A ARG 231 
40 1 Y 1 A SER 233 ? A SER 232 
# 
loop_
_chem_comp_atom.comp_id 
_chem_comp_atom.atom_id 
_chem_comp_atom.type_symbol 
_chem_comp_atom.pdbx_aromatic_flag 
_chem_comp_atom.pdbx_stereo_config 
_chem_comp_atom.pdbx_ordinal 
ALA N    N N N 1   
ALA CA   C N S 2   
ALA C    C N N 3   
ALA O    O N N 4   
ALA CB   C N N 5   
ALA OXT  O N N 6   
ALA H    H N N 7   
ALA H2   H N N 8   
ALA HA   H N N 9   
ALA HB1  H N N 10  
ALA HB2  H N N 11  
ALA HB3  H N N 12  
ALA HXT  H N N 13  
ARG N    N N N 14  
ARG CA   C N S 15  
ARG C    C N N 16  
ARG O    O N N 17  
ARG CB   C N N 18  
ARG CG   C N N 19  
ARG CD   C N N 20  
ARG NE   N N N 21  
ARG CZ   C N N 22  
ARG NH1  N N N 23  
ARG NH2  N N N 24  
ARG OXT  O N N 25  
ARG H    H N N 26  
ARG H2   H N N 27  
ARG HA   H N N 28  
ARG HB2  H N N 29  
ARG HB3  H N N 30  
ARG HG2  H N N 31  
ARG HG3  H N N 32  
ARG HD2  H N N 33  
ARG HD3  H N N 34  
ARG HE   H N N 35  
ARG HH11 H N N 36  
ARG HH12 H N N 37  
ARG HH21 H N N 38  
ARG HH22 H N N 39  
ARG HXT  H N N 40  
ASN N    N N N 41  
ASN CA   C N S 42  
ASN C    C N N 43  
ASN O    O N N 44  
ASN CB   C N N 45  
ASN CG   C N N 46  
ASN OD1  O N N 47  
ASN ND2  N N N 48  
ASN OXT  O N N 49  
ASN H    H N N 50  
ASN H2   H N N 51  
ASN HA   H N N 52  
ASN HB2  H N N 53  
ASN HB3  H N N 54  
ASN HD21 H N N 55  
ASN HD22 H N N 56  
ASN HXT  H N N 57  
ASP N    N N N 58  
ASP CA   C N S 59  
ASP C    C N N 60  
ASP O    O N N 61  
ASP CB   C N N 62  
ASP CG   C N N 63  
ASP OD1  O N N 64  
ASP OD2  O N N 65  
ASP OXT  O N N 66  
ASP H    H N N 67  
ASP H2   H N N 68  
ASP HA   H N N 69  
ASP HB2  H N N 70  
ASP HB3  H N N 71  
ASP HD2  H N N 72  
ASP HXT  H N N 73  
CYS N    N N N 74  
CYS CA   C N R 75  
CYS C    C N N 76  
CYS O    O N N 77  
CYS CB   C N N 78  
CYS SG   S N N 79  
CYS OXT  O N N 80  
CYS H    H N N 81  
CYS H2   H N N 82  
CYS HA   H N N 83  
CYS HB2  H N N 84  
CYS HB3  H N N 85  
CYS HG   H N N 86  
CYS HXT  H N N 87  
GLN N    N N N 88  
GLN CA   C N S 89  
GLN C    C N N 90  
GLN O    O N N 91  
GLN CB   C N N 92  
GLN CG   C N N 93  
GLN CD   C N N 94  
GLN OE1  O N N 95  
GLN NE2  N N N 96  
GLN OXT  O N N 97  
GLN H    H N N 98  
GLN H2   H N N 99  
GLN HA   H N N 100 
GLN HB2  H N N 101 
GLN HB3  H N N 102 
GLN HG2  H N N 103 
GLN HG3  H N N 104 
GLN HE21 H N N 105 
GLN HE22 H N N 106 
GLN HXT  H N N 107 
GLU N    N N N 108 
GLU CA   C N S 109 
GLU C    C N N 110 
GLU O    O N N 111 
GLU CB   C N N 112 
GLU CG   C N N 113 
GLU CD   C N N 114 
GLU OE1  O N N 115 
GLU OE2  O N N 116 
GLU OXT  O N N 117 
GLU H    H N N 118 
GLU H2   H N N 119 
GLU HA   H N N 120 
GLU HB2  H N N 121 
GLU HB3  H N N 122 
GLU HG2  H N N 123 
GLU HG3  H N N 124 
GLU HE2  H N N 125 
GLU HXT  H N N 126 
GLY N    N N N 127 
GLY CA   C N N 128 
GLY C    C N N 129 
GLY O    O N N 130 
GLY OXT  O N N 131 
GLY H    H N N 132 
GLY H2   H N N 133 
GLY HA2  H N N 134 
GLY HA3  H N N 135 
GLY HXT  H N N 136 
HIS N    N N N 137 
HIS CA   C N S 138 
HIS C    C N N 139 
HIS O    O N N 140 
HIS CB   C N N 141 
HIS CG   C Y N 142 
HIS ND1  N Y N 143 
HIS CD2  C Y N 144 
HIS CE1  C Y N 145 
HIS NE2  N Y N 146 
HIS OXT  O N N 147 
HIS H    H N N 148 
HIS H2   H N N 149 
HIS HA   H N N 150 
HIS HB2  H N N 151 
HIS HB3  H N N 152 
HIS HD1  H N N 153 
HIS HD2  H N N 154 
HIS HE1  H N N 155 
HIS HE2  H N N 156 
HIS HXT  H N N 157 
HOH O    O N N 158 
HOH H1   H N N 159 
HOH H2   H N N 160 
ILE N    N N N 161 
ILE CA   C N S 162 
ILE C    C N N 163 
ILE O    O N N 164 
ILE CB   C N S 165 
ILE CG1  C N N 166 
ILE CG2  C N N 167 
ILE CD1  C N N 168 
ILE OXT  O N N 169 
ILE H    H N N 170 
ILE H2   H N N 171 
ILE HA   H N N 172 
ILE HB   H N N 173 
ILE HG12 H N N 174 
ILE HG13 H N N 175 
ILE HG21 H N N 176 
ILE HG22 H N N 177 
ILE HG23 H N N 178 
ILE HD11 H N N 179 
ILE HD12 H N N 180 
ILE HD13 H N N 181 
ILE HXT  H N N 182 
LEU N    N N N 183 
LEU CA   C N S 184 
LEU C    C N N 185 
LEU O    O N N 186 
LEU CB   C N N 187 
LEU CG   C N N 188 
LEU CD1  C N N 189 
LEU CD2  C N N 190 
LEU OXT  O N N 191 
LEU H    H N N 192 
LEU H2   H N N 193 
LEU HA   H N N 194 
LEU HB2  H N N 195 
LEU HB3  H N N 196 
LEU HG   H N N 197 
LEU HD11 H N N 198 
LEU HD12 H N N 199 
LEU HD13 H N N 200 
LEU HD21 H N N 201 
LEU HD22 H N N 202 
LEU HD23 H N N 203 
LEU HXT  H N N 204 
LYS N    N N N 205 
LYS CA   C N S 206 
LYS C    C N N 207 
LYS O    O N N 208 
LYS CB   C N N 209 
LYS CG   C N N 210 
LYS CD   C N N 211 
LYS CE   C N N 212 
LYS NZ   N N N 213 
LYS OXT  O N N 214 
LYS H    H N N 215 
LYS H2   H N N 216 
LYS HA   H N N 217 
LYS HB2  H N N 218 
LYS HB3  H N N 219 
LYS HG2  H N N 220 
LYS HG3  H N N 221 
LYS HD2  H N N 222 
LYS HD3  H N N 223 
LYS HE2  H N N 224 
LYS HE3  H N N 225 
LYS HZ1  H N N 226 
LYS HZ2  H N N 227 
LYS HZ3  H N N 228 
LYS HXT  H N N 229 
MET N    N N N 230 
MET CA   C N S 231 
MET C    C N N 232 
MET O    O N N 233 
MET CB   C N N 234 
MET CG   C N N 235 
MET SD   S N N 236 
MET CE   C N N 237 
MET OXT  O N N 238 
MET H    H N N 239 
MET H2   H N N 240 
MET HA   H N N 241 
MET HB2  H N N 242 
MET HB3  H N N 243 
MET HG2  H N N 244 
MET HG3  H N N 245 
MET HE1  H N N 246 
MET HE2  H N N 247 
MET HE3  H N N 248 
MET HXT  H N N 249 
PHE N    N N N 250 
PHE CA   C N S 251 
PHE C    C N N 252 
PHE O    O N N 253 
PHE CB   C N N 254 
PHE CG   C Y N 255 
PHE CD1  C Y N 256 
PHE CD2  C Y N 257 
PHE CE1  C Y N 258 
PHE CE2  C Y N 259 
PHE CZ   C Y N 260 
PHE OXT  O N N 261 
PHE H    H N N 262 
PHE H2   H N N 263 
PHE HA   H N N 264 
PHE HB2  H N N 265 
PHE HB3  H N N 266 
PHE HD1  H N N 267 
PHE HD2  H N N 268 
PHE HE1  H N N 269 
PHE HE2  H N N 270 
PHE HZ   H N N 271 
PHE HXT  H N N 272 
PRO N    N N N 273 
PRO CA   C N S 274 
PRO C    C N N 275 
PRO O    O N N 276 
PRO CB   C N N 277 
PRO CG   C N N 278 
PRO CD   C N N 279 
PRO OXT  O N N 280 
PRO H    H N N 281 
PRO HA   H N N 282 
PRO HB2  H N N 283 
PRO HB3  H N N 284 
PRO HG2  H N N 285 
PRO HG3  H N N 286 
PRO HD2  H N N 287 
PRO HD3  H N N 288 
PRO HXT  H N N 289 
SER N    N N N 290 
SER CA   C N S 291 
SER C    C N N 292 
SER O    O N N 293 
SER CB   C N N 294 
SER OG   O N N 295 
SER OXT  O N N 296 
SER H    H N N 297 
SER H2   H N N 298 
SER HA   H N N 299 
SER HB2  H N N 300 
SER HB3  H N N 301 
SER HG   H N N 302 
SER HXT  H N N 303 
THR N    N N N 304 
THR CA   C N S 305 
THR C    C N N 306 
THR O    O N N 307 
THR CB   C N R 308 
THR OG1  O N N 309 
THR CG2  C N N 310 
THR OXT  O N N 311 
THR H    H N N 312 
THR H2   H N N 313 
THR HA   H N N 314 
THR HB   H N N 315 
THR HG1  H N N 316 
THR HG21 H N N 317 
THR HG22 H N N 318 
THR HG23 H N N 319 
THR HXT  H N N 320 
TRP N    N N N 321 
TRP CA   C N S 322 
TRP C    C N N 323 
TRP O    O N N 324 
TRP CB   C N N 325 
TRP CG   C Y N 326 
TRP CD1  C Y N 327 
TRP CD2  C Y N 328 
TRP NE1  N Y N 329 
TRP CE2  C Y N 330 
TRP CE3  C Y N 331 
TRP CZ2  C Y N 332 
TRP CZ3  C Y N 333 
TRP CH2  C Y N 334 
TRP OXT  O N N 335 
TRP H    H N N 336 
TRP H2   H N N 337 
TRP HA   H N N 338 
TRP HB2  H N N 339 
TRP HB3  H N N 340 
TRP HD1  H N N 341 
TRP HE1  H N N 342 
TRP HE3  H N N 343 
TRP HZ2  H N N 344 
TRP HZ3  H N N 345 
TRP HH2  H N N 346 
TRP HXT  H N N 347 
TYR N    N N N 348 
TYR CA   C N S 349 
TYR C    C N N 350 
TYR O    O N N 351 
TYR CB   C N N 352 
TYR CG   C Y N 353 
TYR CD1  C Y N 354 
TYR CD2  C Y N 355 
TYR CE1  C Y N 356 
TYR CE2  C Y N 357 
TYR CZ   C Y N 358 
TYR OH   O N N 359 
TYR OXT  O N N 360 
TYR H    H N N 361 
TYR H2   H N N 362 
TYR HA   H N N 363 
TYR HB2  H N N 364 
TYR HB3  H N N 365 
TYR HD1  H N N 366 
TYR HD2  H N N 367 
TYR HE1  H N N 368 
TYR HE2  H N N 369 
TYR HH   H N N 370 
TYR HXT  H N N 371 
VAL N    N N N 372 
VAL CA   C N S 373 
VAL C    C N N 374 
VAL O    O N N 375 
VAL CB   C N N 376 
VAL CG1  C N N 377 
VAL CG2  C N N 378 
VAL OXT  O N N 379 
VAL H    H N N 380 
VAL H2   H N N 381 
VAL HA   H N N 382 
VAL HB   H N N 383 
VAL HG11 H N N 384 
VAL HG12 H N N 385 
VAL HG13 H N N 386 
VAL HG21 H N N 387 
VAL HG22 H N N 388 
VAL HG23 H N N 389 
VAL HXT  H N N 390 
# 
loop_
_chem_comp_bond.comp_id 
_chem_comp_bond.atom_id_1 
_chem_comp_bond.atom_id_2 
_chem_comp_bond.value_order 
_chem_comp_bond.pdbx_aromatic_flag 
_chem_comp_bond.pdbx_stereo_config 
_chem_comp_bond.pdbx_ordinal 
ALA N   CA   sing N N 1   
ALA N   H    sing N N 2   
ALA N   H2   sing N N 3   
ALA CA  C    sing N N 4   
ALA CA  CB   sing N N 5   
ALA CA  HA   sing N N 6   
ALA C   O    doub N N 7   
ALA C   OXT  sing N N 8   
ALA CB  HB1  sing N N 9   
ALA CB  HB2  sing N N 10  
ALA CB  HB3  sing N N 11  
ALA OXT HXT  sing N N 12  
ARG N   CA   sing N N 13  
ARG N   H    sing N N 14  
ARG N   H2   sing N N 15  
ARG CA  C    sing N N 16  
ARG CA  CB   sing N N 17  
ARG CA  HA   sing N N 18  
ARG C   O    doub N N 19  
ARG C   OXT  sing N N 20  
ARG CB  CG   sing N N 21  
ARG CB  HB2  sing N N 22  
ARG CB  HB3  sing N N 23  
ARG CG  CD   sing N N 24  
ARG CG  HG2  sing N N 25  
ARG CG  HG3  sing N N 26  
ARG CD  NE   sing N N 27  
ARG CD  HD2  sing N N 28  
ARG CD  HD3  sing N N 29  
ARG NE  CZ   sing N N 30  
ARG NE  HE   sing N N 31  
ARG CZ  NH1  sing N N 32  
ARG CZ  NH2  doub N N 33  
ARG NH1 HH11 sing N N 34  
ARG NH1 HH12 sing N N 35  
ARG NH2 HH21 sing N N 36  
ARG NH2 HH22 sing N N 37  
ARG OXT HXT  sing N N 38  
ASN N   CA   sing N N 39  
ASN N   H    sing N N 40  
ASN N   H2   sing N N 41  
ASN CA  C    sing N N 42  
ASN CA  CB   sing N N 43  
ASN CA  HA   sing N N 44  
ASN C   O    doub N N 45  
ASN C   OXT  sing N N 46  
ASN CB  CG   sing N N 47  
ASN CB  HB2  sing N N 48  
ASN CB  HB3  sing N N 49  
ASN CG  OD1  doub N N 50  
ASN CG  ND2  sing N N 51  
ASN ND2 HD21 sing N N 52  
ASN ND2 HD22 sing N N 53  
ASN OXT HXT  sing N N 54  
ASP N   CA   sing N N 55  
ASP N   H    sing N N 56  
ASP N   H2   sing N N 57  
ASP CA  C    sing N N 58  
ASP CA  CB   sing N N 59  
ASP CA  HA   sing N N 60  
ASP C   O    doub N N 61  
ASP C   OXT  sing N N 62  
ASP CB  CG   sing N N 63  
ASP CB  HB2  sing N N 64  
ASP CB  HB3  sing N N 65  
ASP CG  OD1  doub N N 66  
ASP CG  OD2  sing N N 67  
ASP OD2 HD2  sing N N 68  
ASP OXT HXT  sing N N 69  
CYS N   CA   sing N N 70  
CYS N   H    sing N N 71  
CYS N   H2   sing N N 72  
CYS CA  C    sing N N 73  
CYS CA  CB   sing N N 74  
CYS CA  HA   sing N N 75  
CYS C   O    doub N N 76  
CYS C   OXT  sing N N 77  
CYS CB  SG   sing N N 78  
CYS CB  HB2  sing N N 79  
CYS CB  HB3  sing N N 80  
CYS SG  HG   sing N N 81  
CYS OXT HXT  sing N N 82  
GLN N   CA   sing N N 83  
GLN N   H    sing N N 84  
GLN N   H2   sing N N 85  
GLN CA  C    sing N N 86  
GLN CA  CB   sing N N 87  
GLN CA  HA   sing N N 88  
GLN C   O    doub N N 89  
GLN C   OXT  sing N N 90  
GLN CB  CG   sing N N 91  
GLN CB  HB2  sing N N 92  
GLN CB  HB3  sing N N 93  
GLN CG  CD   sing N N 94  
GLN CG  HG2  sing N N 95  
GLN CG  HG3  sing N N 96  
GLN CD  OE1  doub N N 97  
GLN CD  NE2  sing N N 98  
GLN NE2 HE21 sing N N 99  
GLN NE2 HE22 sing N N 100 
GLN OXT HXT  sing N N 101 
GLU N   CA   sing N N 102 
GLU N   H    sing N N 103 
GLU N   H2   sing N N 104 
GLU CA  C    sing N N 105 
GLU CA  CB   sing N N 106 
GLU CA  HA   sing N N 107 
GLU C   O    doub N N 108 
GLU C   OXT  sing N N 109 
GLU CB  CG   sing N N 110 
GLU CB  HB2  sing N N 111 
GLU CB  HB3  sing N N 112 
GLU CG  CD   sing N N 113 
GLU CG  HG2  sing N N 114 
GLU CG  HG3  sing N N 115 
GLU CD  OE1  doub N N 116 
GLU CD  OE2  sing N N 117 
GLU OE2 HE2  sing N N 118 
GLU OXT HXT  sing N N 119 
GLY N   CA   sing N N 120 
GLY N   H    sing N N 121 
GLY N   H2   sing N N 122 
GLY CA  C    sing N N 123 
GLY CA  HA2  sing N N 124 
GLY CA  HA3  sing N N 125 
GLY C   O    doub N N 126 
GLY C   OXT  sing N N 127 
GLY OXT HXT  sing N N 128 
HIS N   CA   sing N N 129 
HIS N   H    sing N N 130 
HIS N   H2   sing N N 131 
HIS CA  C    sing N N 132 
HIS CA  CB   sing N N 133 
HIS CA  HA   sing N N 134 
HIS C   O    doub N N 135 
HIS C   OXT  sing N N 136 
HIS CB  CG   sing N N 137 
HIS CB  HB2  sing N N 138 
HIS CB  HB3  sing N N 139 
HIS CG  ND1  sing Y N 140 
HIS CG  CD2  doub Y N 141 
HIS ND1 CE1  doub Y N 142 
HIS ND1 HD1  sing N N 143 
HIS CD2 NE2  sing Y N 144 
HIS CD2 HD2  sing N N 145 
HIS CE1 NE2  sing Y N 146 
HIS CE1 HE1  sing N N 147 
HIS NE2 HE2  sing N N 148 
HIS OXT HXT  sing N N 149 
HOH O   H1   sing N N 150 
HOH O   H2   sing N N 151 
ILE N   CA   sing N N 152 
ILE N   H    sing N N 153 
ILE N   H2   sing N N 154 
ILE CA  C    sing N N 155 
ILE CA  CB   sing N N 156 
ILE CA  HA   sing N N 157 
ILE C   O    doub N N 158 
ILE C   OXT  sing N N 159 
ILE CB  CG1  sing N N 160 
ILE CB  CG2  sing N N 161 
ILE CB  HB   sing N N 162 
ILE CG1 CD1  sing N N 163 
ILE CG1 HG12 sing N N 164 
ILE CG1 HG13 sing N N 165 
ILE CG2 HG21 sing N N 166 
ILE CG2 HG22 sing N N 167 
ILE CG2 HG23 sing N N 168 
ILE CD1 HD11 sing N N 169 
ILE CD1 HD12 sing N N 170 
ILE CD1 HD13 sing N N 171 
ILE OXT HXT  sing N N 172 
LEU N   CA   sing N N 173 
LEU N   H    sing N N 174 
LEU N   H2   sing N N 175 
LEU CA  C    sing N N 176 
LEU CA  CB   sing N N 177 
LEU CA  HA   sing N N 178 
LEU C   O    doub N N 179 
LEU C   OXT  sing N N 180 
LEU CB  CG   sing N N 181 
LEU CB  HB2  sing N N 182 
LEU CB  HB3  sing N N 183 
LEU CG  CD1  sing N N 184 
LEU CG  CD2  sing N N 185 
LEU CG  HG   sing N N 186 
LEU CD1 HD11 sing N N 187 
LEU CD1 HD12 sing N N 188 
LEU CD1 HD13 sing N N 189 
LEU CD2 HD21 sing N N 190 
LEU CD2 HD22 sing N N 191 
LEU CD2 HD23 sing N N 192 
LEU OXT HXT  sing N N 193 
LYS N   CA   sing N N 194 
LYS N   H    sing N N 195 
LYS N   H2   sing N N 196 
LYS CA  C    sing N N 197 
LYS CA  CB   sing N N 198 
LYS CA  HA   sing N N 199 
LYS C   O    doub N N 200 
LYS C   OXT  sing N N 201 
LYS CB  CG   sing N N 202 
LYS CB  HB2  sing N N 203 
LYS CB  HB3  sing N N 204 
LYS CG  CD   sing N N 205 
LYS CG  HG2  sing N N 206 
LYS CG  HG3  sing N N 207 
LYS CD  CE   sing N N 208 
LYS CD  HD2  sing N N 209 
LYS CD  HD3  sing N N 210 
LYS CE  NZ   sing N N 211 
LYS CE  HE2  sing N N 212 
LYS CE  HE3  sing N N 213 
LYS NZ  HZ1  sing N N 214 
LYS NZ  HZ2  sing N N 215 
LYS NZ  HZ3  sing N N 216 
LYS OXT HXT  sing N N 217 
MET N   CA   sing N N 218 
MET N   H    sing N N 219 
MET N   H2   sing N N 220 
MET CA  C    sing N N 221 
MET CA  CB   sing N N 222 
MET CA  HA   sing N N 223 
MET C   O    doub N N 224 
MET C   OXT  sing N N 225 
MET CB  CG   sing N N 226 
MET CB  HB2  sing N N 227 
MET CB  HB3  sing N N 228 
MET CG  SD   sing N N 229 
MET CG  HG2  sing N N 230 
MET CG  HG3  sing N N 231 
MET SD  CE   sing N N 232 
MET CE  HE1  sing N N 233 
MET CE  HE2  sing N N 234 
MET CE  HE3  sing N N 235 
MET OXT HXT  sing N N 236 
PHE N   CA   sing N N 237 
PHE N   H    sing N N 238 
PHE N   H2   sing N N 239 
PHE CA  C    sing N N 240 
PHE CA  CB   sing N N 241 
PHE CA  HA   sing N N 242 
PHE C   O    doub N N 243 
PHE C   OXT  sing N N 244 
PHE CB  CG   sing N N 245 
PHE CB  HB2  sing N N 246 
PHE CB  HB3  sing N N 247 
PHE CG  CD1  doub Y N 248 
PHE CG  CD2  sing Y N 249 
PHE CD1 CE1  sing Y N 250 
PHE CD1 HD1  sing N N 251 
PHE CD2 CE2  doub Y N 252 
PHE CD2 HD2  sing N N 253 
PHE CE1 CZ   doub Y N 254 
PHE CE1 HE1  sing N N 255 
PHE CE2 CZ   sing Y N 256 
PHE CE2 HE2  sing N N 257 
PHE CZ  HZ   sing N N 258 
PHE OXT HXT  sing N N 259 
PRO N   CA   sing N N 260 
PRO N   CD   sing N N 261 
PRO N   H    sing N N 262 
PRO CA  C    sing N N 263 
PRO CA  CB   sing N N 264 
PRO CA  HA   sing N N 265 
PRO C   O    doub N N 266 
PRO C   OXT  sing N N 267 
PRO CB  CG   sing N N 268 
PRO CB  HB2  sing N N 269 
PRO CB  HB3  sing N N 270 
PRO CG  CD   sing N N 271 
PRO CG  HG2  sing N N 272 
PRO CG  HG3  sing N N 273 
PRO CD  HD2  sing N N 274 
PRO CD  HD3  sing N N 275 
PRO OXT HXT  sing N N 276 
SER N   CA   sing N N 277 
SER N   H    sing N N 278 
SER N   H2   sing N N 279 
SER CA  C    sing N N 280 
SER CA  CB   sing N N 281 
SER CA  HA   sing N N 282 
SER C   O    doub N N 283 
SER C   OXT  sing N N 284 
SER CB  OG   sing N N 285 
SER CB  HB2  sing N N 286 
SER CB  HB3  sing N N 287 
SER OG  HG   sing N N 288 
SER OXT HXT  sing N N 289 
THR N   CA   sing N N 290 
THR N   H    sing N N 291 
THR N   H2   sing N N 292 
THR CA  C    sing N N 293 
THR CA  CB   sing N N 294 
THR CA  HA   sing N N 295 
THR C   O    doub N N 296 
THR C   OXT  sing N N 297 
THR CB  OG1  sing N N 298 
THR CB  CG2  sing N N 299 
THR CB  HB   sing N N 300 
THR OG1 HG1  sing N N 301 
THR CG2 HG21 sing N N 302 
THR CG2 HG22 sing N N 303 
THR CG2 HG23 sing N N 304 
THR OXT HXT  sing N N 305 
TRP N   CA   sing N N 306 
TRP N   H    sing N N 307 
TRP N   H2   sing N N 308 
TRP CA  C    sing N N 309 
TRP CA  CB   sing N N 310 
TRP CA  HA   sing N N 311 
TRP C   O    doub N N 312 
TRP C   OXT  sing N N 313 
TRP CB  CG   sing N N 314 
TRP CB  HB2  sing N N 315 
TRP CB  HB3  sing N N 316 
TRP CG  CD1  doub Y N 317 
TRP CG  CD2  sing Y N 318 
TRP CD1 NE1  sing Y N 319 
TRP CD1 HD1  sing N N 320 
TRP CD2 CE2  doub Y N 321 
TRP CD2 CE3  sing Y N 322 
TRP NE1 CE2  sing Y N 323 
TRP NE1 HE1  sing N N 324 
TRP CE2 CZ2  sing Y N 325 
TRP CE3 CZ3  doub Y N 326 
TRP CE3 HE3  sing N N 327 
TRP CZ2 CH2  doub Y N 328 
TRP CZ2 HZ2  sing N N 329 
TRP CZ3 CH2  sing Y N 330 
TRP CZ3 HZ3  sing N N 331 
TRP CH2 HH2  sing N N 332 
TRP OXT HXT  sing N N 333 
TYR N   CA   sing N N 334 
TYR N   H    sing N N 335 
TYR N   H2   sing N N 336 
TYR CA  C    sing N N 337 
TYR CA  CB   sing N N 338 
TYR CA  HA   sing N N 339 
TYR C   O    doub N N 340 
TYR C   OXT  sing N N 341 
TYR CB  CG   sing N N 342 
TYR CB  HB2  sing N N 343 
TYR CB  HB3  sing N N 344 
TYR CG  CD1  doub Y N 345 
TYR CG  CD2  sing Y N 346 
TYR CD1 CE1  sing Y N 347 
TYR CD1 HD1  sing N N 348 
TYR CD2 CE2  doub Y N 349 
TYR CD2 HD2  sing N N 350 
TYR CE1 CZ   doub Y N 351 
TYR CE1 HE1  sing N N 352 
TYR CE2 CZ   sing Y N 353 
TYR CE2 HE2  sing N N 354 
TYR CZ  OH   sing N N 355 
TYR OH  HH   sing N N 356 
TYR OXT HXT  sing N N 357 
VAL N   CA   sing N N 358 
VAL N   H    sing N N 359 
VAL N   H2   sing N N 360 
VAL CA  C    sing N N 361 
VAL CA  CB   sing N N 362 
VAL CA  HA   sing N N 363 
VAL C   O    doub N N 364 
VAL C   OXT  sing N N 365 
VAL CB  CG1  sing N N 366 
VAL CB  CG2  sing N N 367 
VAL CB  HB   sing N N 368 
VAL CG1 HG11 sing N N 369 
VAL CG1 HG12 sing N N 370 
VAL CG1 HG13 sing N N 371 
VAL CG2 HG21 sing N N 372 
VAL CG2 HG22 sing N N 373 
VAL CG2 HG23 sing N N 374 
VAL OXT HXT  sing N N 375 
# 
_atom_sites.entry_id                    5MOA 
_atom_sites.fract_transf_matrix[1][1]   0.00793641 
_atom_sites.fract_transf_matrix[1][2]   -0.00966549 
_atom_sites.fract_transf_matrix[1][3]   -0.00317258 
_atom_sites.fract_transf_matrix[2][1]   0.01173625 
_atom_sites.fract_transf_matrix[2][2]   -0.00071908 
_atom_sites.fract_transf_matrix[2][3]   0.00531326 
_atom_sites.fract_transf_matrix[3][1]   -0.00716243 
_atom_sites.fract_transf_matrix[3][2]   -0.01060310 
_atom_sites.fract_transf_matrix[3][3]   0.01438582 
_atom_sites.fract_transf_vector[1]      0.214227 
_atom_sites.fract_transf_vector[2]      0.392456 
_atom_sites.fract_transf_vector[3]      -0.105042 
# 
loop_
_atom_type.symbol 
C 
N 
O 
S 
# 
loop_
_atom_site.group_PDB 
_atom_site.id 
_atom_site.type_symbol 
_atom_site.label_atom_id 
_atom_site.label_alt_id 
_atom_site.label_comp_id 
_atom_site.label_asym_id 
_atom_site.label_entity_id 
_atom_site.label_seq_id 
_atom_site.pdbx_PDB_ins_code 
_atom_site.Cartn_x 
_atom_site.Cartn_y 
_atom_site.Cartn_z 
_atom_site.occupancy 
_atom_site.B_iso_or_equiv 
_atom_site.pdbx_formal_charge 
_atom_site.auth_seq_id 
_atom_site.auth_comp_id 
_atom_site.auth_asym_id 
_atom_site.auth_atom_id 
_atom_site.pdbx_PDB_model_num 
ATOM   1    N N   . LEU A 1 27  ? -16.404 11.006  18.538  1.00 57.37 ? 28  LEU A N   1 
ATOM   2    C CA  . LEU A 1 27  ? -16.075 11.798  17.357  1.00 51.37 ? 28  LEU A CA  1 
ATOM   3    C C   . LEU A 1 27  ? -14.977 11.130  16.526  1.00 57.17 ? 28  LEU A C   1 
ATOM   4    O O   . LEU A 1 27  ? -14.986 9.911   16.321  1.00 55.09 ? 28  LEU A O   1 
ATOM   5    C CB  . LEU A 1 27  ? -15.668 13.226  17.753  1.00 51.17 ? 28  LEU A CB  1 
ATOM   6    C CG  . LEU A 1 27  ? -15.283 13.515  19.210  1.00 54.89 ? 28  LEU A CG  1 
ATOM   7    C CD1 . LEU A 1 27  ? -13.937 12.904  19.571  1.00 57.72 ? 28  LEU A CD1 1 
ATOM   8    C CD2 . LEU A 1 27  ? -15.285 15.021  19.489  1.00 54.51 ? 28  LEU A CD2 1 
ATOM   9    N N   . SER A 1 28  ? -14.038 11.933  16.039  1.00 53.64 ? 29  SER A N   1 
ATOM   10   C CA  . SER A 1 28  ? -12.925 11.409  15.266  1.00 52.73 ? 29  SER A CA  1 
ATOM   11   C C   . SER A 1 28  ? -11.791 11.005  16.199  1.00 54.33 ? 29  SER A C   1 
ATOM   12   O O   . SER A 1 28  ? -11.634 11.572  17.279  1.00 54.93 ? 29  SER A O   1 
ATOM   13   C CB  . SER A 1 28  ? -12.443 12.449  14.253  1.00 53.46 ? 29  SER A CB  1 
ATOM   14   O OG  . SER A 1 28  ? -12.156 13.685  14.881  1.00 61.38 ? 29  SER A OG  1 
ATOM   15   N N   . THR A 1 29  ? -11.013 10.010  15.785  1.00 50.58 ? 30  THR A N   1 
ATOM   16   C CA  . THR A 1 29  ? -9.900  9.526   16.590  1.00 48.66 ? 30  THR A CA  1 
ATOM   17   C C   . THR A 1 29  ? -8.627  9.421   15.756  1.00 51.41 ? 30  THR A C   1 
ATOM   18   O O   . THR A 1 29  ? -8.562  9.907   14.624  1.00 53.08 ? 30  THR A O   1 
ATOM   19   C CB  . THR A 1 29  ? -10.203 8.151   17.218  1.00 45.68 ? 30  THR A CB  1 
ATOM   20   O OG1 . THR A 1 29  ? -10.639 7.242   16.199  1.00 51.90 ? 30  THR A OG1 1 
ATOM   21   C CG2 . THR A 1 29  ? -11.292 8.270   18.276  1.00 57.95 ? 30  THR A CG2 1 
ATOM   22   N N   . ILE A 1 30  ? -7.618  8.783   16.335  1.00 47.29 ? 31  ILE A N   1 
ATOM   23   C CA  . ILE A 1 30  ? -6.346  8.569   15.667  1.00 46.43 ? 31  ILE A CA  1 
ATOM   24   C C   . ILE A 1 30  ? -6.138  7.062   15.589  1.00 38.85 ? 31  ILE A C   1 
ATOM   25   O O   . ILE A 1 30  ? -6.473  6.341   16.533  1.00 42.07 ? 31  ILE A O   1 
ATOM   26   C CB  . ILE A 1 30  ? -5.196  9.286   16.439  1.00 49.54 ? 31  ILE A CB  1 
ATOM   27   C CG1 . ILE A 1 30  ? -4.628  10.433  15.601  1.00 51.23 ? 31  ILE A CG1 1 
ATOM   28   C CG2 . ILE A 1 30  ? -4.089  8.315   16.836  1.00 47.92 ? 31  ILE A CG2 1 
ATOM   29   C CD1 . ILE A 1 30  ? -3.810  9.964   14.398  1.00 47.96 ? 31  ILE A CD1 1 
ATOM   30   N N   . THR A 1 31  ? -5.642  6.564   14.456  1.00 37.75 ? 32  THR A N   1 
ATOM   31   C CA  . THR A 1 31  ? -5.420  5.129   14.336  1.00 36.02 ? 32  THR A CA  1 
ATOM   32   C C   . THR A 1 31  ? -4.350  4.664   15.315  1.00 37.65 ? 32  THR A C   1 
ATOM   33   O O   . THR A 1 31  ? -3.514  5.460   15.735  1.00 41.17 ? 32  THR A O   1 
ATOM   34   C CB  . THR A 1 31  ? -5.042  4.729   12.896  1.00 32.04 ? 32  THR A CB  1 
ATOM   35   O OG1 . THR A 1 31  ? -3.983  5.573   12.425  1.00 31.45 ? 32  THR A OG1 1 
ATOM   36   C CG2 . THR A 1 31  ? -6.241  4.908   11.982  1.00 30.66 ? 32  THR A CG2 1 
ATOM   37   N N   . THR A 1 32  ? -4.387  3.386   15.685  1.00 38.02 ? 33  THR A N   1 
ATOM   38   C CA  . THR A 1 32  ? -3.458  2.834   16.679  1.00 43.28 ? 33  THR A CA  1 
ATOM   39   C C   . THR A 1 32  ? -2.509  1.790   16.085  1.00 37.14 ? 33  THR A C   1 
ATOM   40   O O   . THR A 1 32  ? -2.070  0.871   16.787  1.00 38.05 ? 33  THR A O   1 
ATOM   41   C CB  . THR A 1 32  ? -4.227  2.169   17.845  1.00 43.52 ? 33  THR A CB  1 
ATOM   42   O OG1 . THR A 1 32  ? -4.857  0.966   17.385  1.00 49.30 ? 33  THR A OG1 1 
ATOM   43   C CG2 . THR A 1 32  ? -5.290  3.115   18.400  1.00 46.39 ? 33  THR A CG2 1 
ATOM   44   N N   . HIS A 1 33  ? -2.209  1.921   14.792  1.00 36.07 ? 34  HIS A N   1 
ATOM   45   C CA  . HIS A 1 33  ? -1.418  0.917   14.075  1.00 35.09 ? 34  HIS A CA  1 
ATOM   46   C C   . HIS A 1 33  ? -0.013  0.785   14.655  1.00 30.35 ? 34  HIS A C   1 
ATOM   47   O O   . HIS A 1 33  ? 0.619   -0.266  14.560  1.00 31.95 ? 34  HIS A O   1 
ATOM   48   C CB  . HIS A 1 33  ? -1.322  1.282   12.589  1.00 30.85 ? 34  HIS A CB  1 
ATOM   49   C CG  . HIS A 1 33  ? -2.652  1.349   11.898  1.00 27.05 ? 34  HIS A CG  1 
ATOM   50   N ND1 . HIS A 1 33  ? -3.662  0.445   12.144  1.00 26.36 ? 34  HIS A ND1 1 
ATOM   51   C CD2 . HIS A 1 33  ? -3.131  2.209   10.966  1.00 27.27 ? 34  HIS A CD2 1 
ATOM   52   C CE1 . HIS A 1 33  ? -4.708  0.740   11.388  1.00 25.96 ? 34  HIS A CE1 1 
ATOM   53   N NE2 . HIS A 1 33  ? -4.411  1.805   10.664  1.00 24.78 ? 34  HIS A NE2 1 
ATOM   54   N N   . HIS A 1 34  ? 0.456   1.865   15.251  1.00 33.88 ? 35  HIS A N   1 
ATOM   55   C CA  . HIS A 1 34  ? 1.817   1.924   15.766  1.00 36.84 ? 35  HIS A CA  1 
ATOM   56   C C   . HIS A 1 34  ? 1.924   1.352   17.174  1.00 38.70 ? 35  HIS A C   1 
ATOM   57   O O   . HIS A 1 34  ? 2.998   1.382   17.774  1.00 36.72 ? 35  HIS A O   1 
ATOM   58   C CB  . HIS A 1 34  ? 2.292   3.374   15.766  1.00 37.05 ? 35  HIS A CB  1 
ATOM   59   C CG  . HIS A 1 34  ? 1.443   4.276   16.604  1.00 38.72 ? 35  HIS A CG  1 
ATOM   60   N ND1 . HIS A 1 34  ? 0.184   4.679   16.219  1.00 40.91 ? 35  HIS A ND1 1 
ATOM   61   C CD2 . HIS A 1 34  ? 1.661   4.835   17.819  1.00 40.30 ? 35  HIS A CD2 1 
ATOM   62   C CE1 . HIS A 1 34  ? -0.335  5.459   17.152  1.00 41.31 ? 35  HIS A CE1 1 
ATOM   63   N NE2 . HIS A 1 34  ? 0.545   5.572   18.132  1.00 39.19 ? 35  HIS A NE2 1 
ATOM   64   N N   . LEU A 1 35  ? 0.819   0.838   17.707  1.00 33.90 ? 36  LEU A N   1 
ATOM   65   C CA  . LEU A 1 35  ? 0.809   0.336   19.082  1.00 37.08 ? 36  LEU A CA  1 
ATOM   66   C C   . LEU A 1 35  ? 0.640   -1.171  19.145  1.00 40.76 ? 36  LEU A C   1 
ATOM   67   O O   . LEU A 1 35  ? 0.687   -1.762  20.222  1.00 45.71 ? 36  LEU A O   1 
ATOM   68   C CB  . LEU A 1 35  ? -0.284  1.034   19.901  1.00 33.71 ? 36  LEU A CB  1 
ATOM   69   C CG  . LEU A 1 35  ? -0.111  2.549   19.970  1.00 37.68 ? 36  LEU A CG  1 
ATOM   70   C CD1 . LEU A 1 35  ? -1.305  3.211   20.654  1.00 41.92 ? 36  LEU A CD1 1 
ATOM   71   C CD2 . LEU A 1 35  ? 1.196   2.910   20.690  1.00 41.36 ? 36  LEU A CD2 1 
ATOM   72   N N   . THR A 1 36  ? 0.463   -1.789  17.981  1.00 35.59 ? 37  THR A N   1 
ATOM   73   C CA  . THR A 1 36  ? 0.158   -3.212  17.886  1.00 42.15 ? 37  THR A CA  1 
ATOM   74   C C   . THR A 1 36  ? 1.062   -3.866  16.836  1.00 40.65 ? 37  THR A C   1 
ATOM   75   O O   . THR A 1 36  ? 1.425   -3.226  15.847  1.00 41.08 ? 37  THR A O   1 
ATOM   76   C CB  . THR A 1 36  ? -1.341  -3.405  17.534  1.00 44.60 ? 37  THR A CB  1 
ATOM   77   O OG1 . THR A 1 36  ? -2.078  -3.686  18.733  1.00 58.46 ? 37  THR A OG1 1 
ATOM   78   C CG2 . THR A 1 36  ? -1.559  -4.528  16.534  1.00 44.87 ? 37  THR A CG2 1 
ATOM   79   N N   . VAL A 1 37  ? 1.460   -5.115  17.062  1.00 37.07 ? 38  VAL A N   1 
ATOM   80   C CA  . VAL A 1 37  ? 2.236   -5.836  16.064  1.00 37.33 ? 38  VAL A CA  1 
ATOM   81   C C   . VAL A 1 37  ? 1.311   -6.323  14.944  1.00 40.92 ? 38  VAL A C   1 
ATOM   82   O O   . VAL A 1 37  ? 0.398   -7.105  15.194  1.00 37.56 ? 38  VAL A O   1 
ATOM   83   C CB  . VAL A 1 37  ? 2.958   -7.041  16.672  1.00 39.24 ? 38  VAL A CB  1 
ATOM   84   C CG1 . VAL A 1 37  ? 3.703   -7.801  15.599  1.00 39.31 ? 38  VAL A CG1 1 
ATOM   85   C CG2 . VAL A 1 37  ? 3.927   -6.586  17.762  1.00 41.48 ? 38  VAL A CG2 1 
ATOM   86   N N   . PRO A 1 38  ? 1.535   -5.851  13.707  1.00 41.05 ? 39  PRO A N   1 
ATOM   87   C CA  . PRO A 1 38  ? 0.723   -6.372  12.592  1.00 43.88 ? 39  PRO A CA  1 
ATOM   88   C C   . PRO A 1 38  ? 1.108   -7.807  12.226  1.00 40.42 ? 39  PRO A C   1 
ATOM   89   O O   . PRO A 1 38  ? 2.277   -8.173  12.345  1.00 39.91 ? 39  PRO A O   1 
ATOM   90   C CB  . PRO A 1 38  ? 1.049   -5.413  11.440  1.00 42.88 ? 39  PRO A CB  1 
ATOM   91   C CG  . PRO A 1 38  ? 2.402   -4.836  11.781  1.00 40.74 ? 39  PRO A CG  1 
ATOM   92   C CD  . PRO A 1 38  ? 2.451   -4.770  13.287  1.00 35.77 ? 39  PRO A CD  1 
ATOM   93   N N   . PRO A 1 39  ? 0.136   -8.626  11.785  1.00 41.88 ? 40  PRO A N   1 
ATOM   94   C CA  . PRO A 1 39  ? 0.519   -9.998  11.426  1.00 41.40 ? 40  PRO A CA  1 
ATOM   95   C C   . PRO A 1 39  ? 1.533   -9.985  10.284  1.00 36.11 ? 40  PRO A C   1 
ATOM   96   O O   . PRO A 1 39  ? 1.538   -9.048  9.485   1.00 39.31 ? 40  PRO A O   1 
ATOM   97   C CB  . PRO A 1 39  ? -0.804  -10.627 10.973  1.00 46.31 ? 40  PRO A CB  1 
ATOM   98   C CG  . PRO A 1 39  ? -1.643  -9.470  10.539  1.00 46.05 ? 40  PRO A CG  1 
ATOM   99   C CD  . PRO A 1 39  ? -1.262  -8.323  11.430  1.00 46.67 ? 40  PRO A CD  1 
ATOM   100  N N   . GLY A 1 40  ? 2.397   -10.990 10.223  1.00 45.05 ? 41  GLY A N   1 
ATOM   101  C CA  . GLY A 1 40  ? 3.440   -10.996 9.216   1.00 47.42 ? 41  GLY A CA  1 
ATOM   102  C C   . GLY A 1 40  ? 4.614   -10.115 9.613   1.00 46.45 ? 41  GLY A C   1 
ATOM   103  O O   . GLY A 1 40  ? 5.489   -9.824  8.786   1.00 43.65 ? 41  GLY A O   1 
ATOM   104  N N   . LEU A 1 41  ? 4.615   -9.679  10.872  1.00 41.19 ? 42  LEU A N   1 
ATOM   105  C CA  . LEU A 1 41  ? 5.744   -8.955  11.461  1.00 44.99 ? 42  LEU A CA  1 
ATOM   106  C C   . LEU A 1 41  ? 6.099   -9.618  12.783  1.00 43.72 ? 42  LEU A C   1 
ATOM   107  O O   . LEU A 1 41  ? 5.231   -10.123 13.501  1.00 44.32 ? 42  LEU A O   1 
ATOM   108  C CB  . LEU A 1 41  ? 5.404   -7.481  11.724  1.00 43.33 ? 42  LEU A CB  1 
ATOM   109  C CG  . LEU A 1 41  ? 5.941   -6.384  10.802  1.00 40.71 ? 42  LEU A CG  1 
ATOM   110  C CD1 . LEU A 1 41  ? 6.312   -5.149  11.605  1.00 44.18 ? 42  LEU A CD1 1 
ATOM   111  C CD2 . LEU A 1 41  ? 7.117   -6.890  9.987   1.00 43.13 ? 42  LEU A CD2 1 
ATOM   112  N N   . THR A 1 42  ? 7.381   -9.614  13.108  1.00 40.42 ? 43  THR A N   1 
ATOM   113  C CA  . THR A 1 42  ? 7.824   -10.117 14.390  1.00 41.73 ? 43  THR A CA  1 
ATOM   114  C C   . THR A 1 42  ? 7.828   -8.913  15.348  1.00 42.15 ? 43  THR A C   1 
ATOM   115  O O   . THR A 1 42  ? 7.883   -7.762  14.900  1.00 37.15 ? 43  THR A O   1 
ATOM   116  C CB  . THR A 1 42  ? 9.214   -10.786 14.239  1.00 44.34 ? 43  THR A CB  1 
ATOM   117  O OG1 . THR A 1 42  ? 9.385   -11.826 15.211  1.00 52.90 ? 43  THR A OG1 1 
ATOM   118  C CG2 . THR A 1 42  ? 10.306  -9.784  14.376  1.00 36.02 ? 43  THR A CG2 1 
ATOM   119  N N   . PRO A 1 43  ? 7.720   -9.163  16.664  1.00 41.76 ? 44  PRO A N   1 
ATOM   120  C CA  . PRO A 1 43  ? 7.726   -8.053  17.627  1.00 42.33 ? 44  PRO A CA  1 
ATOM   121  C C   . PRO A 1 43  ? 9.025   -7.241  17.573  1.00 36.82 ? 44  PRO A C   1 
ATOM   122  O O   . PRO A 1 43  ? 8.996   -6.017  17.728  1.00 37.47 ? 44  PRO A O   1 
ATOM   123  C CB  . PRO A 1 43  ? 7.592   -8.760  18.976  1.00 43.14 ? 44  PRO A CB  1 
ATOM   124  C CG  . PRO A 1 43  ? 6.917   -10.044 18.659  1.00 46.01 ? 44  PRO A CG  1 
ATOM   125  C CD  . PRO A 1 43  ? 7.428   -10.455 17.311  1.00 46.18 ? 44  PRO A CD  1 
ATOM   126  N N   . GLU A 1 44  ? 10.145  -7.922  17.341  1.00 43.62 ? 45  GLU A N   1 
ATOM   127  C CA  . GLU A 1 44  ? 11.433  -7.249  17.187  1.00 42.28 ? 45  GLU A CA  1 
ATOM   128  C C   . GLU A 1 44  ? 11.452  -6.332  15.960  1.00 40.01 ? 45  GLU A C   1 
ATOM   129  O O   . GLU A 1 44  ? 11.945  -5.208  16.033  1.00 38.32 ? 45  GLU A O   1 
ATOM   130  C CB  . GLU A 1 44  ? 12.576  -8.264  17.135  1.00 46.59 ? 45  GLU A CB  1 
ATOM   131  C CG  . GLU A 1 44  ? 12.760  -9.041  18.438  1.00 47.84 ? 45  GLU A CG  1 
ATOM   132  C CD  . GLU A 1 44  ? 11.808  -10.223 18.554  1.00 52.49 ? 45  GLU A CD  1 
ATOM   133  O OE1 . GLU A 1 44  ? 11.167  -10.574 17.542  1.00 51.54 ? 45  GLU A OE1 1 
ATOM   134  O OE2 . GLU A 1 44  ? 11.698  -10.802 19.657  1.00 63.34 ? 45  GLU A OE2 1 
ATOM   135  N N   . GLU A 1 45  ? 10.913  -6.808  14.837  1.00 37.42 ? 46  GLU A N   1 
ATOM   136  C CA  . GLU A 1 45  ? 10.740  -5.951  13.667  1.00 35.51 ? 46  GLU A CA  1 
ATOM   137  C C   . GLU A 1 45  ? 9.868   -4.757  14.027  1.00 32.00 ? 46  GLU A C   1 
ATOM   138  O O   . GLU A 1 45  ? 10.184  -3.620  13.684  1.00 34.12 ? 46  GLU A O   1 
ATOM   139  C CB  . GLU A 1 45  ? 10.122  -6.731  12.502  1.00 31.73 ? 46  GLU A CB  1 
ATOM   140  C CG  . GLU A 1 45  ? 11.140  -7.577  11.745  1.00 32.61 ? 46  GLU A CG  1 
ATOM   141  C CD  . GLU A 1 45  ? 10.503  -8.630  10.858  1.00 34.46 ? 46  GLU A CD  1 
ATOM   142  O OE1 . GLU A 1 45  ? 9.313   -8.963  11.067  1.00 37.84 ? 46  GLU A OE1 1 
ATOM   143  O OE2 . GLU A 1 45  ? 11.198  -9.132  9.952   1.00 34.08 ? 46  GLU A OE2 1 
ATOM   144  N N   . PHE A 1 46  ? 8.768   -5.022  14.724  1.00 34.09 ? 47  PHE A N   1 
ATOM   145  C CA  . PHE A 1 46  ? 7.856   -3.961  15.132  1.00 35.42 ? 47  PHE A CA  1 
ATOM   146  C C   . PHE A 1 46  ? 8.538   -2.848  15.937  1.00 36.43 ? 47  PHE A C   1 
ATOM   147  O O   . PHE A 1 46  ? 8.336   -1.655  15.673  1.00 33.73 ? 47  PHE A O   1 
ATOM   148  C CB  . PHE A 1 46  ? 6.677   -4.533  15.939  1.00 37.16 ? 47  PHE A CB  1 
ATOM   149  C CG  . PHE A 1 46  ? 5.861   -3.478  16.630  1.00 40.60 ? 47  PHE A CG  1 
ATOM   150  C CD1 . PHE A 1 46  ? 4.859   -2.810  15.953  1.00 40.49 ? 47  PHE A CD1 1 
ATOM   151  C CD2 . PHE A 1 46  ? 6.123   -3.128  17.952  1.00 41.84 ? 47  PHE A CD2 1 
ATOM   152  C CE1 . PHE A 1 46  ? 4.122   -1.823  16.577  1.00 37.72 ? 47  PHE A CE1 1 
ATOM   153  C CE2 . PHE A 1 46  ? 5.394   -2.136  18.579  1.00 42.88 ? 47  PHE A CE2 1 
ATOM   154  C CZ  . PHE A 1 46  ? 4.385   -1.483  17.891  1.00 40.40 ? 47  PHE A CZ  1 
ATOM   155  N N   . GLN A 1 47  ? 9.318   -3.226  16.939  1.00 37.79 ? 48  GLN A N   1 
ATOM   156  C CA  . GLN A 1 47  ? 9.921   -2.210  17.798  1.00 41.06 ? 48  GLN A CA  1 
ATOM   157  C C   . GLN A 1 47  ? 10.836  -1.292  16.985  1.00 36.09 ? 48  GLN A C   1 
ATOM   158  O O   . GLN A 1 47  ? 10.851  -0.072  17.201  1.00 41.10 ? 48  GLN A O   1 
ATOM   159  C CB  . GLN A 1 47  ? 10.644  -2.841  18.998  1.00 40.92 ? 48  GLN A CB  1 
ATOM   160  C CG  . GLN A 1 47  ? 9.714   -3.567  19.992  1.00 42.00 ? 48  GLN A CG  1 
ATOM   161  C CD  . GLN A 1 47  ? 8.836   -2.634  20.852  1.00 44.75 ? 48  GLN A CD  1 
ATOM   162  O OE1 . GLN A 1 47  ? 8.832   -1.401  20.692  1.00 42.31 ? 48  GLN A OE1 1 
ATOM   163  N NE2 . GLN A 1 47  ? 8.088   -3.236  21.777  1.00 46.05 ? 48  GLN A NE2 1 
ATOM   164  N N   . GLU A 1 48  ? 11.542  -1.873  16.019  1.00 38.50 ? 49  GLU A N   1 
ATOM   165  C CA  . GLU A 1 48  ? 12.357  -1.099  15.077  1.00 40.13 ? 49  GLU A CA  1 
ATOM   166  C C   . GLU A 1 48  ? 11.530  -0.140  14.217  1.00 38.13 ? 49  GLU A C   1 
ATOM   167  O O   . GLU A 1 48  ? 12.003  0.934   13.836  1.00 38.83 ? 49  GLU A O   1 
ATOM   168  C CB  . GLU A 1 48  ? 13.170  -2.036  14.176  1.00 41.64 ? 49  GLU A CB  1 
ATOM   169  C CG  . GLU A 1 48  ? 14.354  -2.675  14.869  1.00 49.53 ? 49  GLU A CG  1 
ATOM   170  C CD  . GLU A 1 48  ? 15.265  -1.644  15.507  1.00 51.06 ? 49  GLU A CD  1 
ATOM   171  O OE1 . GLU A 1 48  ? 15.810  -0.796  14.770  1.00 56.63 ? 49  GLU A OE1 1 
ATOM   172  O OE2 . GLU A 1 48  ? 15.421  -1.672  16.748  1.00 53.73 ? 49  GLU A OE2 1 
ATOM   173  N N   . LEU A 1 49  ? 10.287  -0.517  13.932  1.00 35.84 ? 50  LEU A N   1 
ATOM   174  C CA  . LEU A 1 49  ? 9.463   0.226   12.987  1.00 35.15 ? 50  LEU A CA  1 
ATOM   175  C C   . LEU A 1 49  ? 8.412   1.114   13.628  1.00 37.82 ? 50  LEU A C   1 
ATOM   176  O O   . LEU A 1 49  ? 7.694   1.831   12.925  1.00 35.73 ? 50  LEU A O   1 
ATOM   177  C CB  . LEU A 1 49  ? 8.774   -0.764  12.033  1.00 34.15 ? 50  LEU A CB  1 
ATOM   178  C CG  . LEU A 1 49  ? 9.777   -1.473  11.139  1.00 31.73 ? 50  LEU A CG  1 
ATOM   179  C CD1 . LEU A 1 49  ? 9.119   -2.555  10.306  1.00 31.69 ? 50  LEU A CD1 1 
ATOM   180  C CD2 . LEU A 1 49  ? 10.450  -0.445  10.255  1.00 37.79 ? 50  LEU A CD2 1 
ATOM   181  N N   . SER A 1 50  ? 8.310   1.066   14.954  1.00 40.13 ? 51  SER A N   1 
ATOM   182  C CA  . SER A 1 50  ? 7.231   1.772   15.645  1.00 35.77 ? 51  SER A CA  1 
ATOM   183  C C   . SER A 1 50  ? 7.197   3.265   15.302  1.00 36.52 ? 51  SER A C   1 
ATOM   184  O O   . SER A 1 50  ? 6.126   3.821   15.044  1.00 34.52 ? 51  SER A O   1 
ATOM   185  C CB  . SER A 1 50  ? 7.308   1.542   17.161  1.00 42.76 ? 51  SER A CB  1 
ATOM   186  O OG  . SER A 1 50  ? 8.511   2.049   17.716  1.00 42.62 ? 51  SER A OG  1 
ATOM   187  N N   . SER A 1 51  ? 8.368   3.902   15.264  1.00 35.47 ? 52  SER A N   1 
ATOM   188  C CA  . SER A 1 51  ? 8.445   5.324   14.930  1.00 32.44 ? 52  SER A CA  1 
ATOM   189  C C   . SER A 1 51  ? 7.989   5.622   13.505  1.00 33.01 ? 52  SER A C   1 
ATOM   190  O O   . SER A 1 51  ? 7.343   6.632   13.272  1.00 30.24 ? 52  SER A O   1 
ATOM   191  C CB  . SER A 1 51  ? 9.865   5.864   15.148  1.00 40.99 ? 52  SER A CB  1 
ATOM   192  O OG  . SER A 1 51  ? 10.332  5.542   16.449  1.00 48.55 ? 52  SER A OG  1 
ATOM   193  N N   . SER A 1 52  ? 8.323   4.740   12.560  1.00 33.86 ? 53  SER A N   1 
ATOM   194  C CA  . SER A 1 52  ? 7.933   4.928   11.161  1.00 31.10 ? 53  SER A CA  1 
ATOM   195  C C   . SER A 1 52  ? 6.439   4.746   10.978  1.00 27.48 ? 53  SER A C   1 
ATOM   196  O O   . SER A 1 52  ? 5.835   5.413   10.152  1.00 30.49 ? 53  SER A O   1 
ATOM   197  C CB  . SER A 1 52  ? 8.674   3.947   10.236  1.00 30.20 ? 53  SER A CB  1 
ATOM   198  O OG  . SER A 1 52  ? 10.067  4.224   10.219  1.00 36.57 ? 53  SER A OG  1 
ATOM   199  N N   . ILE A 1 53  ? 5.851   3.828   11.737  1.00 28.87 ? 54  ILE A N   1 
ATOM   200  C CA  . ILE A 1 53  ? 4.407   3.592   11.646  1.00 29.18 ? 54  ILE A CA  1 
ATOM   201  C C   . ILE A 1 53  ? 3.648   4.803   12.179  1.00 32.88 ? 54  ILE A C   1 
ATOM   202  O O   . ILE A 1 53  ? 2.673   5.259   11.580  1.00 31.45 ? 54  ILE A O   1 
ATOM   203  C CB  . ILE A 1 53  ? 3.984   2.309   12.398  1.00 30.85 ? 54  ILE A CB  1 
ATOM   204  C CG1 . ILE A 1 53  ? 4.742   1.097   11.847  1.00 35.07 ? 54  ILE A CG1 1 
ATOM   205  C CG2 . ILE A 1 53  ? 2.475   2.083   12.268  1.00 31.48 ? 54  ILE A CG2 1 
ATOM   206  C CD1 . ILE A 1 53  ? 4.548   -0.195  12.640  1.00 32.24 ? 54  ILE A CD1 1 
ATOM   207  N N   . ALA A 1 54  ? 4.107   5.345   13.305  1.00 33.41 ? 55  ALA A N   1 
ATOM   208  C CA  . ALA A 1 54  ? 3.509   6.557   13.836  1.00 32.75 ? 55  ALA A CA  1 
ATOM   209  C C   . ALA A 1 54  ? 3.616   7.667   12.812  1.00 30.52 ? 55  ALA A C   1 
ATOM   210  O O   . ALA A 1 54  ? 2.667   8.409   12.587  1.00 32.79 ? 55  ALA A O   1 
ATOM   211  C CB  . ALA A 1 54  ? 4.212   6.973   15.147  1.00 34.26 ? 55  ALA A CB  1 
ATOM   212  N N   . GLU A 1 55  ? 4.779   7.772   12.180  1.00 27.79 ? 56  GLU A N   1 
ATOM   213  C CA  . GLU A 1 55  ? 5.040   8.883   11.277  1.00 28.78 ? 56  GLU A CA  1 
ATOM   214  C C   . GLU A 1 55  ? 4.274   8.784   9.967   1.00 29.15 ? 56  GLU A C   1 
ATOM   215  O O   . GLU A 1 55  ? 3.709   9.775   9.489   1.00 31.23 ? 56  GLU A O   1 
ATOM   216  C CB  . GLU A 1 55  ? 6.553   9.000   10.987  1.00 32.07 ? 56  GLU A CB  1 
ATOM   217  C CG  . GLU A 1 55  ? 6.904   10.238  10.160  1.00 36.01 ? 56  GLU A CG  1 
ATOM   218  C CD  . GLU A 1 55  ? 8.410   10.452  9.990   1.00 39.34 ? 56  GLU A CD  1 
ATOM   219  O OE1 . GLU A 1 55  ? 9.211   9.662   10.546  1.00 41.50 ? 56  GLU A OE1 1 
ATOM   220  O OE2 . GLU A 1 55  ? 8.786   11.417  9.290   1.00 42.81 ? 56  GLU A OE2 1 
ATOM   221  N N   . PHE A 1 56  ? 4.251   7.592   9.378   1.00 29.71 ? 57  PHE A N   1 
ATOM   222  C CA  . PHE A 1 56  ? 3.712   7.447   8.029   1.00 28.92 ? 57  PHE A CA  1 
ATOM   223  C C   . PHE A 1 56  ? 2.403   6.669   7.928   1.00 27.85 ? 57  PHE A C   1 
ATOM   224  O O   . PHE A 1 56  ? 1.688   6.772   6.930   1.00 28.96 ? 57  PHE A O   1 
ATOM   225  C CB  . PHE A 1 56  ? 4.764   6.783   7.126   1.00 27.14 ? 57  PHE A CB  1 
ATOM   226  C CG  . PHE A 1 56  ? 6.016   7.602   6.971   1.00 29.34 ? 57  PHE A CG  1 
ATOM   227  C CD1 . PHE A 1 56  ? 5.964   8.837   6.344   1.00 32.91 ? 57  PHE A CD1 1 
ATOM   228  C CD2 . PHE A 1 56  ? 7.228   7.150   7.460   1.00 32.43 ? 57  PHE A CD2 1 
ATOM   229  C CE1 . PHE A 1 56  ? 7.105   9.604   6.195   1.00 34.27 ? 57  PHE A CE1 1 
ATOM   230  C CE2 . PHE A 1 56  ? 8.379   7.920   7.314   1.00 37.70 ? 57  PHE A CE2 1 
ATOM   231  C CZ  . PHE A 1 56  ? 8.308   9.149   6.676   1.00 35.29 ? 57  PHE A CZ  1 
ATOM   232  N N   . HIS A 1 57  ? 2.084   5.891   8.950   1.00 26.22 ? 58  HIS A N   1 
ATOM   233  C CA  . HIS A 1 57  ? 0.942   4.998   8.847   1.00 26.87 ? 58  HIS A CA  1 
ATOM   234  C C   . HIS A 1 57  ? -0.107  5.329   9.892   1.00 32.77 ? 58  HIS A C   1 
ATOM   235  O O   . HIS A 1 57  ? -0.706  4.424   10.472  1.00 34.12 ? 58  HIS A O   1 
ATOM   236  C CB  . HIS A 1 57  ? 1.402   3.544   8.966   1.00 26.47 ? 58  HIS A CB  1 
ATOM   237  C CG  . HIS A 1 57  ? 2.280   3.108   7.838   1.00 27.18 ? 58  HIS A CG  1 
ATOM   238  N ND1 . HIS A 1 57  ? 1.778   2.793   6.591   1.00 21.07 ? 58  HIS A ND1 1 
ATOM   239  C CD2 . HIS A 1 57  ? 3.624   2.953   7.750   1.00 27.91 ? 58  HIS A CD2 1 
ATOM   240  C CE1 . HIS A 1 57  ? 2.771   2.447   5.793   1.00 22.08 ? 58  HIS A CE1 1 
ATOM   241  N NE2 . HIS A 1 57  ? 3.907   2.545   6.470   1.00 24.66 ? 58  HIS A NE2 1 
ATOM   242  N N   . SER A 1 58  ? -0.294  6.633   10.124  1.00 32.22 ? 59  SER A N   1 
ATOM   243  C CA  . SER A 1 58  ? -1.316  7.162   11.036  1.00 36.73 ? 59  SER A CA  1 
ATOM   244  C C   . SER A 1 58  ? -2.346  7.975   10.279  1.00 34.68 ? 59  SER A C   1 
ATOM   245  O O   . SER A 1 58  ? -2.023  8.709   9.336   1.00 34.66 ? 59  SER A O   1 
ATOM   246  C CB  . SER A 1 58  ? -0.684  8.025   12.131  1.00 42.15 ? 59  SER A CB  1 
ATOM   247  O OG  . SER A 1 58  ? -0.254  7.218   13.213  1.00 43.43 ? 59  SER A OG  1 
ATOM   248  N N   . TYR A 1 59  ? -3.602  7.847   10.686  1.00 35.41 ? 60  TYR A N   1 
ATOM   249  C CA  . TYR A 1 59  ? -4.679  8.479   9.953   1.00 36.24 ? 60  TYR A CA  1 
ATOM   250  C C   . TYR A 1 59  ? -5.669  9.095   10.914  1.00 39.94 ? 60  TYR A C   1 
ATOM   251  O O   . TYR A 1 59  ? -5.841  8.601   12.036  1.00 37.79 ? 60  TYR A O   1 
ATOM   252  C CB  . TYR A 1 59  ? -5.408  7.446   9.096   1.00 35.88 ? 60  TYR A CB  1 
ATOM   253  C CG  . TYR A 1 59  ? -4.530  6.804   8.051   1.00 31.98 ? 60  TYR A CG  1 
ATOM   254  C CD1 . TYR A 1 59  ? -4.471  7.319   6.765   1.00 30.85 ? 60  TYR A CD1 1 
ATOM   255  C CD2 . TYR A 1 59  ? -3.757  5.684   8.354   1.00 32.73 ? 60  TYR A CD2 1 
ATOM   256  C CE1 . TYR A 1 59  ? -3.671  6.735   5.793   1.00 35.11 ? 60  TYR A CE1 1 
ATOM   257  C CE2 . TYR A 1 59  ? -2.941  5.099   7.389   1.00 27.86 ? 60  TYR A CE2 1 
ATOM   258  C CZ  . TYR A 1 59  ? -2.906  5.629   6.114   1.00 29.14 ? 60  TYR A CZ  1 
ATOM   259  O OH  . TYR A 1 59  ? -2.111  5.065   5.136   1.00 28.76 ? 60  TYR A OH  1 
ATOM   260  N N   . ARG A 1 60  ? -6.292  10.186  10.471  1.00 44.73 ? 61  ARG A N   1 
ATOM   261  C CA  . ARG A 1 60  ? -7.437  10.747  11.161  1.00 44.00 ? 61  ARG A CA  1 
ATOM   262  C C   . ARG A 1 60  ? -8.628  9.911   10.744  1.00 38.90 ? 61  ARG A C   1 
ATOM   263  O O   . ARG A 1 60  ? -8.875  9.698   9.547   1.00 45.31 ? 61  ARG A O   1 
ATOM   264  C CB  . ARG A 1 60  ? -7.636  12.223  10.808  1.00 49.75 ? 61  ARG A CB  1 
ATOM   265  C CG  . ARG A 1 60  ? -6.855  13.179  11.728  1.00 60.16 ? 61  ARG A CG  1 
ATOM   266  C CD  . ARG A 1 60  ? -5.491  13.573  11.155  1.00 62.47 ? 61  ARG A CD  1 
ATOM   267  N NE  . ARG A 1 60  ? -4.431  13.568  12.166  1.00 67.67 ? 61  ARG A NE  1 
ATOM   268  C CZ  . ARG A 1 60  ? -4.120  14.603  12.946  1.00 72.81 ? 61  ARG A CZ  1 
ATOM   269  N NH1 . ARG A 1 60  ? -4.792  15.748  12.849  1.00 65.84 ? 61  ARG A NH1 1 
ATOM   270  N NH2 . ARG A 1 60  ? -3.135  14.491  13.832  1.00 73.15 ? 61  ARG A NH2 1 
ATOM   271  N N   . ILE A 1 61  ? -9.344  9.384   11.722  1.00 36.34 ? 62  ILE A N   1 
ATOM   272  C CA  . ILE A 1 61  ? -10.384 8.426   11.410  1.00 34.96 ? 62  ILE A CA  1 
ATOM   273  C C   . ILE A 1 61  ? -11.718 8.861   12.007  1.00 39.35 ? 62  ILE A C   1 
ATOM   274  O O   . ILE A 1 61  ? -11.799 9.232   13.178  1.00 36.62 ? 62  ILE A O   1 
ATOM   275  C CB  . ILE A 1 61  ? -9.954  7.014   11.860  1.00 43.34 ? 62  ILE A CB  1 
ATOM   276  C CG1 . ILE A 1 61  ? -11.046 5.983   11.596  1.00 40.70 ? 62  ILE A CG1 1 
ATOM   277  C CG2 . ILE A 1 61  ? -9.505  7.011   13.315  1.00 41.47 ? 62  ILE A CG2 1 
ATOM   278  C CD1 . ILE A 1 61  ? -10.466 4.622   11.270  1.00 35.67 ? 62  ILE A CD1 1 
ATOM   279  N N   . ASN A 1 62  ? -12.751 8.850   11.176  1.00 33.34 ? 63  ASN A N   1 
ATOM   280  C CA  . ASN A 1 62  ? -14.084 9.293   11.574  1.00 37.25 ? 63  ASN A CA  1 
ATOM   281  C C   . ASN A 1 62  ? -15.041 8.113   11.558  1.00 37.29 ? 63  ASN A C   1 
ATOM   282  O O   . ASN A 1 62  ? -14.742 7.078   10.951  1.00 31.61 ? 63  ASN A O   1 
ATOM   283  C CB  . ASN A 1 62  ? -14.592 10.370  10.601  1.00 34.34 ? 63  ASN A CB  1 
ATOM   284  C CG  . ASN A 1 62  ? -13.713 11.600  10.575  1.00 34.35 ? 63  ASN A CG  1 
ATOM   285  O OD1 . ASN A 1 62  ? -13.813 12.467  11.446  1.00 37.92 ? 63  ASN A OD1 1 
ATOM   286  N ND2 . ASN A 1 62  ? -12.862 11.700  9.556   1.00 34.29 ? 63  ASN A ND2 1 
ATOM   287  N N   . PRO A 1 63  ? -16.202 8.252   12.227  1.00 35.44 ? 64  PRO A N   1 
ATOM   288  C CA  . PRO A 1 63  ? -17.243 7.226   12.078  1.00 35.71 ? 64  PRO A CA  1 
ATOM   289  C C   . PRO A 1 63  ? -17.539 7.009   10.595  1.00 33.08 ? 64  PRO A C   1 
ATOM   290  O O   . PRO A 1 63  ? -17.522 7.967   9.817   1.00 37.32 ? 64  PRO A O   1 
ATOM   291  C CB  . PRO A 1 63  ? -18.458 7.866   12.763  1.00 38.45 ? 64  PRO A CB  1 
ATOM   292  C CG  . PRO A 1 63  ? -17.870 8.800   13.754  1.00 39.90 ? 64  PRO A CG  1 
ATOM   293  C CD  . PRO A 1 63  ? -16.630 9.350   13.115  1.00 37.55 ? 64  PRO A CD  1 
ATOM   294  N N   . GLY A 1 64  ? -17.786 5.768   10.199  1.00 29.17 ? 65  GLY A N   1 
ATOM   295  C CA  . GLY A 1 64  ? -18.024 5.468   8.803   1.00 32.70 ? 65  GLY A CA  1 
ATOM   296  C C   . GLY A 1 64  ? -16.735 5.301   8.008   1.00 29.28 ? 65  GLY A C   1 
ATOM   297  O O   . GLY A 1 64  ? -16.767 5.265   6.771   1.00 30.09 ? 65  GLY A O   1 
ATOM   298  N N   . GLN A 1 65  ? -15.602 5.217   8.702   1.00 31.14 ? 66  GLN A N   1 
ATOM   299  C CA  . GLN A 1 65  ? -14.334 4.888   8.039   1.00 26.54 ? 66  GLN A CA  1 
ATOM   300  C C   . GLN A 1 65  ? -13.658 3.708   8.713   1.00 29.98 ? 66  GLN A C   1 
ATOM   301  O O   . GLN A 1 65  ? -13.970 3.354   9.843   1.00 27.76 ? 66  GLN A O   1 
ATOM   302  C CB  . GLN A 1 65  ? -13.382 6.083   8.063   1.00 30.12 ? 66  GLN A CB  1 
ATOM   303  C CG  . GLN A 1 65  ? -13.848 7.319   7.291   1.00 29.52 ? 66  GLN A CG  1 
ATOM   304  C CD  . GLN A 1 65  ? -12.821 8.428   7.364   1.00 31.67 ? 66  GLN A CD  1 
ATOM   305  O OE1 . GLN A 1 65  ? -12.417 8.839   8.452   1.00 35.37 ? 66  GLN A OE1 1 
ATOM   306  N NE2 . GLN A 1 65  ? -12.362 8.896   6.207   1.00 34.12 ? 66  GLN A NE2 1 
ATOM   307  N N   . CYS A 1 66  ? -12.724 3.081   8.017   1.00 27.74 ? 67  CYS A N   1 
ATOM   308  C CA  . CYS A 1 66  ? -11.903 2.085   8.690   1.00 29.51 ? 67  CYS A CA  1 
ATOM   309  C C   . CYS A 1 66  ? -10.477 2.188   8.187   1.00 26.41 ? 67  CYS A C   1 
ATOM   310  O O   . CYS A 1 66  ? -10.209 2.803   7.145   1.00 22.90 ? 67  CYS A O   1 
ATOM   311  C CB  . CYS A 1 66  ? -12.458 0.678   8.470   1.00 29.28 ? 67  CYS A CB  1 
ATOM   312  S SG  . CYS A 1 66  ? -12.439 0.139   6.747   1.00 31.35 ? 67  CYS A SG  1 
ATOM   313  N N   . SER A 1 67  ? -9.557  1.581   8.924   1.00 25.80 ? 68  SER A N   1 
ATOM   314  C CA  . SER A 1 67  ? -8.155  1.701   8.580   1.00 25.24 ? 68  SER A CA  1 
ATOM   315  C C   . SER A 1 67  ? -7.421  0.443   9.004   1.00 28.17 ? 68  SER A C   1 
ATOM   316  O O   . SER A 1 67  ? -7.751  -0.158  10.033  1.00 27.53 ? 68  SER A O   1 
ATOM   317  C CB  . SER A 1 67  ? -7.556  2.911   9.294   1.00 25.05 ? 68  SER A CB  1 
ATOM   318  O OG  . SER A 1 67  ? -6.231  3.122   8.855   1.00 23.41 ? 68  SER A OG  1 
ATOM   319  N N   . SER A 1 68  ? -6.425  0.045   8.217   1.00 24.16 ? 69  SER A N   1 
ATOM   320  C CA  . SER A 1 68  ? -5.661  -1.145  8.528   1.00 24.86 ? 69  SER A CA  1 
ATOM   321  C C   . SER A 1 68  ? -4.193  -0.944  8.152   1.00 23.04 ? 69  SER A C   1 
ATOM   322  O O   . SER A 1 68  ? -3.879  -0.135  7.277   1.00 22.23 ? 69  SER A O   1 
ATOM   323  C CB  . SER A 1 68  ? -6.257  -2.312  7.724   1.00 26.96 ? 69  SER A CB  1 
ATOM   324  O OG  . SER A 1 68  ? -5.737  -3.545  8.152   1.00 38.20 ? 69  SER A OG  1 
ATOM   325  N N   . LEU A 1 69  ? -3.302  -1.674  8.824   1.00 22.81 ? 70  LEU A N   1 
ATOM   326  C CA  . LEU A 1 69  ? -1.886  -1.755  8.446   1.00 23.86 ? 70  LEU A CA  1 
ATOM   327  C C   . LEU A 1 69  ? -1.528  -3.216  8.163   1.00 22.75 ? 70  LEU A C   1 
ATOM   328  O O   . LEU A 1 69  ? -1.793  -4.101  8.996   1.00 24.61 ? 70  LEU A O   1 
ATOM   329  C CB  . LEU A 1 69  ? -1.003  -1.203  9.563   1.00 20.53 ? 70  LEU A CB  1 
ATOM   330  C CG  . LEU A 1 69  ? 0.504   -1.492  9.378   1.00 26.25 ? 70  LEU A CG  1 
ATOM   331  C CD1 . LEU A 1 69  ? 1.067   -0.687  8.212   1.00 24.12 ? 70  LEU A CD1 1 
ATOM   332  C CD2 . LEU A 1 69  ? 1.272   -1.203  10.665  1.00 30.39 ? 70  LEU A CD2 1 
ATOM   333  N N   . LEU A 1 70  ? -0.974  -3.484  6.978   1.00 21.74 ? 71  LEU A N   1 
ATOM   334  C CA  . LEU A 1 70  ? -0.538  -4.831  6.635   1.00 22.25 ? 71  LEU A CA  1 
ATOM   335  C C   . LEU A 1 70  ? 0.966   -4.850  6.426   1.00 21.71 ? 71  LEU A C   1 
ATOM   336  O O   . LEU A 1 70  ? 1.559   -3.838  6.049   1.00 21.02 ? 71  LEU A O   1 
ATOM   337  C CB  . LEU A 1 70  ? -1.259  -5.348  5.375   1.00 21.57 ? 71  LEU A CB  1 
ATOM   338  C CG  . LEU A 1 70  ? -2.762  -5.637  5.581   1.00 25.97 ? 71  LEU A CG  1 
ATOM   339  C CD1 . LEU A 1 70  ? -3.611  -4.395  5.283   1.00 29.33 ? 71  LEU A CD1 1 
ATOM   340  C CD2 . LEU A 1 70  ? -3.206  -6.824  4.752   1.00 31.96 ? 71  LEU A CD2 1 
ATOM   341  N N   . ALA A 1 71  ? 1.592   -5.989  6.697   1.00 21.93 ? 72  ALA A N   1 
ATOM   342  C CA  . ALA A 1 71  ? 3.047   -6.089  6.554   1.00 23.07 ? 72  ALA A CA  1 
ATOM   343  C C   . ALA A 1 71  ? 3.460   -7.313  5.767   1.00 22.38 ? 72  ALA A C   1 
ATOM   344  O O   . ALA A 1 71  ? 2.765   -8.323  5.769   1.00 23.04 ? 72  ALA A O   1 
ATOM   345  C CB  . ALA A 1 71  ? 3.717   -6.087  7.928   1.00 25.51 ? 72  ALA A CB  1 
ATOM   346  N N   . GLN A 1 72  ? 4.607   -7.226  5.098   1.00 22.55 ? 73  GLN A N   1 
ATOM   347  C CA  . GLN A 1 72  ? 5.112   -8.344  4.316   1.00 22.36 ? 73  GLN A CA  1 
ATOM   348  C C   . GLN A 1 72  ? 6.637   -8.381  4.362   1.00 23.42 ? 73  GLN A C   1 
ATOM   349  O O   . GLN A 1 72  ? 7.295   -7.407  4.007   1.00 22.48 ? 73  GLN A O   1 
ATOM   350  C CB  . GLN A 1 72  ? 4.649   -8.228  2.853   1.00 21.32 ? 73  GLN A CB  1 
ATOM   351  C CG  . GLN A 1 72  ? 5.210   -9.333  1.939   1.00 25.02 ? 73  GLN A CG  1 
ATOM   352  C CD  . GLN A 1 72  ? 4.673   -10.711 2.290   1.00 29.67 ? 73  GLN A CD  1 
ATOM   353  O OE1 . GLN A 1 72  ? 3.456   -10.928 2.317   1.00 26.59 ? 73  GLN A OE1 1 
ATOM   354  N NE2 . GLN A 1 72  ? 5.580   -11.654 2.560   1.00 26.35 ? 73  GLN A NE2 1 
ATOM   355  N N   . ARG A 1 73  ? 7.195   -9.507  4.792   1.00 22.85 ? 74  ARG A N   1 
ATOM   356  C CA  . ARG A 1 73  ? 8.646   -9.695  4.743   1.00 23.19 ? 74  ARG A CA  1 
ATOM   357  C C   . ARG A 1 73  ? 9.062   -10.160 3.347   1.00 22.98 ? 74  ARG A C   1 
ATOM   358  O O   . ARG A 1 73  ? 8.402   -11.000 2.737   1.00 24.41 ? 74  ARG A O   1 
ATOM   359  C CB  . ARG A 1 73  ? 9.087   -10.714 5.809   1.00 27.02 ? 74  ARG A CB  1 
ATOM   360  C CG  . ARG A 1 73  ? 10.599  -10.821 6.009   1.00 32.34 ? 74  ARG A CG  1 
ATOM   361  C CD  . ARG A 1 73  ? 10.929  -11.323 7.422   1.00 36.66 ? 74  ARG A CD  1 
ATOM   362  N NE  . ARG A 1 73  ? 10.161  -12.513 7.766   1.00 49.93 ? 74  ARG A NE  1 
ATOM   363  C CZ  . ARG A 1 73  ? 9.210   -12.558 8.698   1.00 50.26 ? 74  ARG A CZ  1 
ATOM   364  N NH1 . ARG A 1 73  ? 8.916   -11.479 9.418   1.00 46.19 ? 74  ARG A NH1 1 
ATOM   365  N NH2 . ARG A 1 73  ? 8.561   -13.694 8.922   1.00 55.10 ? 74  ARG A NH2 1 
ATOM   366  N N   . ILE A 1 74  ? 10.158  -9.597  2.838   1.00 22.30 ? 75  ILE A N   1 
ATOM   367  C CA  . ILE A 1 74  ? 10.648  -9.914  1.506   1.00 24.35 ? 75  ILE A CA  1 
ATOM   368  C C   . ILE A 1 74  ? 12.152  -10.177 1.548   1.00 26.19 ? 75  ILE A C   1 
ATOM   369  O O   . ILE A 1 74  ? 12.930  -9.384  2.090   1.00 25.18 ? 75  ILE A O   1 
ATOM   370  C CB  . ILE A 1 74  ? 10.332  -8.790  0.497   1.00 25.85 ? 75  ILE A CB  1 
ATOM   371  C CG1 . ILE A 1 74  ? 8.814   -8.509  0.474   1.00 23.50 ? 75  ILE A CG1 1 
ATOM   372  C CG2 . ILE A 1 74  ? 10.840  -9.148  -0.890  1.00 23.04 ? 75  ILE A CG2 1 
ATOM   373  C CD1 . ILE A 1 74  ? 8.418   -7.334  -0.393  1.00 25.43 ? 75  ILE A CD1 1 
ATOM   374  N N   . HIS A 1 75  ? 12.554  -11.304 0.983   1.00 27.56 ? 76  HIS A N   1 
ATOM   375  C CA  . HIS A 1 75  ? 13.964  -11.670 0.977   1.00 28.48 ? 76  HIS A CA  1 
ATOM   376  C C   . HIS A 1 75  ? 14.620  -11.102 -0.276  1.00 26.88 ? 76  HIS A C   1 
ATOM   377  O O   . HIS A 1 75  ? 14.944  -11.811 -1.234  1.00 29.67 ? 76  HIS A O   1 
ATOM   378  C CB  . HIS A 1 75  ? 14.103  -13.191 1.148   1.00 31.97 ? 76  HIS A CB  1 
ATOM   379  C CG  . HIS A 1 75  ? 13.489  -13.681 2.426   1.00 35.28 ? 76  HIS A CG  1 
ATOM   380  N ND1 . HIS A 1 75  ? 14.104  -13.530 3.653   1.00 39.24 ? 76  HIS A ND1 1 
ATOM   381  C CD2 . HIS A 1 75  ? 12.281  -14.239 2.679   1.00 37.87 ? 76  HIS A CD2 1 
ATOM   382  C CE1 . HIS A 1 75  ? 13.315  -14.008 4.601   1.00 37.62 ? 76  HIS A CE1 1 
ATOM   383  N NE2 . HIS A 1 75  ? 12.203  -14.443 4.035   1.00 39.10 ? 76  HIS A NE2 1 
ATOM   384  N N   . ALA A 1 76  ? 14.781  -9.782  -0.241  1.00 30.97 ? 77  ALA A N   1 
ATOM   385  C CA  . ALA A 1 76  ? 15.312  -8.993  -1.345  1.00 28.27 ? 77  ALA A CA  1 
ATOM   386  C C   . ALA A 1 76  ? 15.807  -7.681  -0.756  1.00 30.28 ? 77  ALA A C   1 
ATOM   387  O O   . ALA A 1 76  ? 15.305  -7.240  0.287   1.00 31.41 ? 77  ALA A O   1 
ATOM   388  C CB  . ALA A 1 76  ? 14.236  -8.747  -2.399  1.00 28.77 ? 77  ALA A CB  1 
ATOM   389  N N   . PRO A 1 77  ? 16.811  -7.063  -1.400  1.00 29.98 ? 78  PRO A N   1 
ATOM   390  C CA  . PRO A 1 77  ? 17.356  -5.782  -0.939  1.00 32.02 ? 78  PRO A CA  1 
ATOM   391  C C   . PRO A 1 77  ? 16.314  -4.659  -1.006  1.00 28.33 ? 78  PRO A C   1 
ATOM   392  O O   . PRO A 1 77  ? 15.450  -4.684  -1.882  1.00 30.35 ? 78  PRO A O   1 
ATOM   393  C CB  . PRO A 1 77  ? 18.484  -5.512  -1.941  1.00 35.30 ? 78  PRO A CB  1 
ATOM   394  C CG  . PRO A 1 77  ? 18.923  -6.881  -2.366  1.00 33.61 ? 78  PRO A CG  1 
ATOM   395  C CD  . PRO A 1 77  ? 17.641  -7.663  -2.467  1.00 33.13 ? 78  PRO A CD  1 
ATOM   396  N N   . VAL A 1 78  ? 16.421  -3.690  -0.104  1.00 28.30 ? 79  VAL A N   1 
ATOM   397  C CA  . VAL A 1 78  ? 15.464  -2.574  -0.053  1.00 30.20 ? 79  VAL A CA  1 
ATOM   398  C C   . VAL A 1 78  ? 15.281  -1.874  -1.383  1.00 31.68 ? 79  VAL A C   1 
ATOM   399  O O   . VAL A 1 78  ? 14.147  -1.619  -1.795  1.00 26.00 ? 79  VAL A O   1 
ATOM   400  C CB  . VAL A 1 78  ? 15.904  -1.531  0.975   1.00 29.86 ? 79  VAL A CB  1 
ATOM   401  C CG1 . VAL A 1 78  ? 15.020  -0.265  0.915   1.00 30.75 ? 79  VAL A CG1 1 
ATOM   402  C CG2 . VAL A 1 78  ? 15.854  -2.142  2.324   1.00 30.73 ? 79  VAL A CG2 1 
ATOM   403  N N   . GLU A 1 79  ? 16.386  -1.541  -2.052  1.00 27.37 ? 80  GLU A N   1 
ATOM   404  C CA  . GLU A 1 79  ? 16.290  -0.776  -3.296  1.00 32.51 ? 80  GLU A CA  1 
ATOM   405  C C   . GLU A 1 79  ? 15.655  -1.577  -4.427  1.00 29.44 ? 80  GLU A C   1 
ATOM   406  O O   . GLU A 1 79  ? 15.000  -1.016  -5.315  1.00 30.49 ? 80  GLU A O   1 
ATOM   407  C CB  . GLU A 1 79  ? 17.652  -0.196  -3.717  1.00 33.84 ? 80  GLU A CB  1 
ATOM   408  C CG  . GLU A 1 79  ? 18.241  0.806   -2.733  1.00 36.28 ? 80  GLU A CG  1 
ATOM   409  C CD  . GLU A 1 79  ? 17.368  2.041   -2.515  1.00 34.33 ? 80  GLU A CD  1 
ATOM   410  O OE1 . GLU A 1 79  ? 16.468  2.322   -3.337  1.00 35.41 ? 80  GLU A OE1 1 
ATOM   411  O OE2 . GLU A 1 79  ? 17.601  2.737   -1.510  1.00 40.12 ? 80  GLU A OE2 1 
ATOM   412  N N   . THR A 1 80  ? 15.812  -2.895  -4.382  1.00 32.76 ? 81  THR A N   1 
ATOM   413  C CA  . THR A 1 80  ? 15.156  -3.752  -5.363  1.00 27.85 ? 81  THR A CA  1 
ATOM   414  C C   . THR A 1 80  ? 13.645  -3.694  -5.172  1.00 26.95 ? 81  THR A C   1 
ATOM   415  O O   . THR A 1 80  ? 12.891  -3.564  -6.135  1.00 28.06 ? 81  THR A O   1 
ATOM   416  C CB  . THR A 1 80  ? 15.629  -5.209  -5.233  1.00 32.95 ? 81  THR A CB  1 
ATOM   417  O OG1 . THR A 1 80  ? 17.047  -5.254  -5.418  1.00 33.38 ? 81  THR A OG1 1 
ATOM   418  C CG2 . THR A 1 80  ? 14.956  -6.089  -6.278  1.00 30.97 ? 81  THR A CG2 1 
ATOM   419  N N   . VAL A 1 81  ? 13.204  -3.789  -3.921  1.00 24.88 ? 82  VAL A N   1 
ATOM   420  C CA  . VAL A 1 81  ? 11.773  -3.718  -3.625  1.00 22.73 ? 82  VAL A CA  1 
ATOM   421  C C   . VAL A 1 81  ? 11.247  -2.315  -3.927  1.00 26.01 ? 82  VAL A C   1 
ATOM   422  O O   . VAL A 1 81  ? 10.152  -2.157  -4.465  1.00 24.22 ? 82  VAL A O   1 
ATOM   423  C CB  . VAL A 1 81  ? 11.486  -4.056  -2.144  1.00 25.13 ? 82  VAL A CB  1 
ATOM   424  C CG1 . VAL A 1 81  ? 9.989   -3.916  -1.837  1.00 25.83 ? 82  VAL A CG1 1 
ATOM   425  C CG2 . VAL A 1 81  ? 11.940  -5.458  -1.821  1.00 24.49 ? 82  VAL A CG2 1 
ATOM   426  N N   . TRP A 1 82  ? 12.021  -1.297  -3.559  1.00 26.96 ? 83  TRP A N   1 
ATOM   427  C CA  . TRP A 1 82  ? 11.599  0.092   -3.753  1.00 26.91 ? 83  TRP A CA  1 
ATOM   428  C C   . TRP A 1 82  ? 11.426  0.444   -5.233  1.00 30.69 ? 83  TRP A C   1 
ATOM   429  O O   . TRP A 1 82  ? 10.520  1.204   -5.596  1.00 27.30 ? 83  TRP A O   1 
ATOM   430  C CB  . TRP A 1 82  ? 12.584  1.046   -3.073  1.00 28.22 ? 83  TRP A CB  1 
ATOM   431  C CG  . TRP A 1 82  ? 12.280  2.493   -3.296  1.00 28.60 ? 83  TRP A CG  1 
ATOM   432  C CD1 . TRP A 1 82  ? 13.039  3.393   -3.987  1.00 28.93 ? 83  TRP A CD1 1 
ATOM   433  C CD2 . TRP A 1 82  ? 11.118  3.210   -2.842  1.00 27.27 ? 83  TRP A CD2 1 
ATOM   434  N NE1 . TRP A 1 82  ? 12.429  4.627   -3.979  1.00 31.76 ? 83  TRP A NE1 1 
ATOM   435  C CE2 . TRP A 1 82  ? 11.248  4.539   -3.285  1.00 28.63 ? 83  TRP A CE2 1 
ATOM   436  C CE3 . TRP A 1 82  ? 9.987   2.852   -2.100  1.00 26.97 ? 83  TRP A CE3 1 
ATOM   437  C CZ2 . TRP A 1 82  ? 10.290  5.520   -3.004  1.00 29.19 ? 83  TRP A CZ2 1 
ATOM   438  C CZ3 . TRP A 1 82  ? 9.035   3.833   -1.819  1.00 27.52 ? 83  TRP A CZ3 1 
ATOM   439  C CH2 . TRP A 1 82  ? 9.195   5.144   -2.277  1.00 27.25 ? 83  TRP A CH2 1 
ATOM   440  N N   . THR A 1 83  ? 12.285  -0.107  -6.089  1.00 26.51 ? 84  THR A N   1 
ATOM   441  C CA  . THR A 1 83  ? 12.155  0.097   -7.533  1.00 29.84 ? 84  THR A CA  1 
ATOM   442  C C   . THR A 1 83  ? 10.756  -0.272  -8.024  1.00 29.13 ? 84  THR A C   1 
ATOM   443  O O   . THR A 1 83  ? 10.166  0.427   -8.866  1.00 31.23 ? 84  THR A O   1 
ATOM   444  C CB  . THR A 1 83  ? 13.230  -0.705  -8.310  1.00 33.98 ? 84  THR A CB  1 
ATOM   445  O OG1 . THR A 1 83  ? 14.510  -0.104  -8.087  1.00 34.34 ? 84  THR A OG1 1 
ATOM   446  C CG2 . THR A 1 83  ? 12.951  -0.713  -9.802  1.00 39.58 ? 84  THR A CG2 1 
ATOM   447  N N   . VAL A 1 84  ? 10.196  -1.346  -7.474  1.00 27.45 ? 85  VAL A N   1 
ATOM   448  C CA  . VAL A 1 84  ? 8.857   -1.768  -7.873  1.00 29.26 ? 85  VAL A CA  1 
ATOM   449  C C   . VAL A 1 84  ? 7.764   -0.931  -7.185  1.00 27.25 ? 85  VAL A C   1 
ATOM   450  O O   . VAL A 1 84  ? 6.815   -0.489  -7.833  1.00 26.51 ? 85  VAL A O   1 
ATOM   451  C CB  . VAL A 1 84  ? 8.642   -3.272  -7.614  1.00 26.65 ? 85  VAL A CB  1 
ATOM   452  C CG1 . VAL A 1 84  ? 7.174   -3.665  -7.832  1.00 25.10 ? 85  VAL A CG1 1 
ATOM   453  C CG2 . VAL A 1 84  ? 9.557   -4.102  -8.530  1.00 30.66 ? 85  VAL A CG2 1 
ATOM   454  N N   . VAL A 1 85  ? 7.915   -0.720  -5.882  1.00 23.03 ? 86  VAL A N   1 
ATOM   455  C CA  . VAL A 1 85  ? 6.933   0.005   -5.068  1.00 26.27 ? 86  VAL A CA  1 
ATOM   456  C C   . VAL A 1 85  ? 6.723   1.448   -5.552  1.00 24.71 ? 86  VAL A C   1 
ATOM   457  O O   . VAL A 1 85  ? 5.602   1.969   -5.507  1.00 25.35 ? 86  VAL A O   1 
ATOM   458  C CB  . VAL A 1 85  ? 7.361   -0.012  -3.554  1.00 23.63 ? 86  VAL A CB  1 
ATOM   459  C CG1 . VAL A 1 85  ? 6.665   1.089   -2.741  1.00 27.20 ? 86  VAL A CG1 1 
ATOM   460  C CG2 . VAL A 1 85  ? 7.062   -1.374  -2.943  1.00 27.22 ? 86  VAL A CG2 1 
ATOM   461  N N   . ARG A 1 86  ? 7.797   2.095   -6.009  1.00 28.15 ? 87  ARG A N   1 
ATOM   462  C CA  . ARG A 1 86  ? 7.724   3.514   -6.417  1.00 27.18 ? 87  ARG A CA  1 
ATOM   463  C C   . ARG A 1 86  ? 7.159   3.711   -7.831  1.00 27.49 ? 87  ARG A C   1 
ATOM   464  O O   . ARG A 1 86  ? 6.882   4.843   -8.243  1.00 29.70 ? 87  ARG A O   1 
ATOM   465  C CB  . ARG A 1 86  ? 9.114   4.166   -6.347  1.00 29.42 ? 87  ARG A CB  1 
ATOM   466  C CG  . ARG A 1 86  ? 9.984   3.805   -7.551  1.00 29.79 ? 87  ARG A CG  1 
ATOM   467  C CD  . ARG A 1 86  ? 11.406  4.360   -7.452  1.00 34.20 ? 87  ARG A CD  1 
ATOM   468  N NE  . ARG A 1 86  ? 11.465  5.821   -7.480  1.00 33.06 ? 87  ARG A NE  1 
ATOM   469  C CZ  . ARG A 1 86  ? 11.404  6.561   -8.584  1.00 38.32 ? 87  ARG A CZ  1 
ATOM   470  N NH1 . ARG A 1 86  ? 11.264  5.983   -9.772  1.00 41.75 ? 87  ARG A NH1 1 
ATOM   471  N NH2 . ARG A 1 86  ? 11.474  7.889   -8.497  1.00 36.23 ? 87  ARG A NH2 1 
ATOM   472  N N   . ARG A 1 87  ? 6.986   2.618   -8.567  1.00 26.19 ? 88  ARG A N   1 
ATOM   473  C CA  . ARG A 1 87  ? 6.577   2.688   -9.974  1.00 30.02 ? 88  ARG A CA  1 
ATOM   474  C C   . ARG A 1 87  ? 5.089   3.033   -10.131 1.00 26.88 ? 88  ARG A C   1 
ATOM   475  O O   . ARG A 1 87  ? 4.272   2.171   -10.443 1.00 29.53 ? 88  ARG A O   1 
ATOM   476  C CB  . ARG A 1 87  ? 6.866   1.353   -10.651 1.00 34.10 ? 88  ARG A CB  1 
ATOM   477  C CG  . ARG A 1 87  ? 6.743   1.391   -12.158 1.00 41.76 ? 88  ARG A CG  1 
ATOM   478  C CD  . ARG A 1 87  ? 7.940   2.054   -12.812 1.00 45.43 ? 88  ARG A CD  1 
ATOM   479  N NE  . ARG A 1 87  ? 7.939   1.794   -14.249 1.00 54.78 ? 88  ARG A NE  1 
ATOM   480  C CZ  . ARG A 1 87  ? 7.978   2.740   -15.180 1.00 57.11 ? 88  ARG A CZ  1 
ATOM   481  N NH1 . ARG A 1 87  ? 8.037   4.019   -14.823 1.00 58.75 ? 88  ARG A NH1 1 
ATOM   482  N NH2 . ARG A 1 87  ? 7.961   2.406   -16.465 1.00 53.09 ? 88  ARG A NH2 1 
ATOM   483  N N   . PHE A 1 88  ? 4.752   4.303   -9.925  1.00 25.56 ? 89  PHE A N   1 
ATOM   484  C CA  . PHE A 1 88  ? 3.359   4.734   -9.839  1.00 25.38 ? 89  PHE A CA  1 
ATOM   485  C C   . PHE A 1 88  ? 2.594   4.489   -11.135 1.00 28.47 ? 89  PHE A C   1 
ATOM   486  O O   . PHE A 1 88  ? 1.390   4.210   -11.116 1.00 26.39 ? 89  PHE A O   1 
ATOM   487  C CB  . PHE A 1 88  ? 3.303   6.223   -9.410  1.00 28.43 ? 89  PHE A CB  1 
ATOM   488  C CG  . PHE A 1 88  ? 1.909   6.785   -9.295  1.00 26.91 ? 89  PHE A CG  1 
ATOM   489  C CD1 . PHE A 1 88  ? 1.143   6.551   -8.164  1.00 23.89 ? 89  PHE A CD1 1 
ATOM   490  C CD2 . PHE A 1 88  ? 1.371   7.572   -10.315 1.00 29.84 ? 89  PHE A CD2 1 
ATOM   491  C CE1 . PHE A 1 88  ? -0.127  7.089   -8.044  1.00 26.94 ? 89  PHE A CE1 1 
ATOM   492  C CE2 . PHE A 1 88  ? 0.090   8.104   -10.210 1.00 26.93 ? 89  PHE A CE2 1 
ATOM   493  C CZ  . PHE A 1 88  ? -0.666  7.859   -9.076  1.00 26.73 ? 89  PHE A CZ  1 
ATOM   494  N N   . ASP A 1 89  ? 3.297   4.552   -12.263 1.00 27.90 ? 90  ASP A N   1 
ATOM   495  C CA  . ASP A 1 89  ? 2.639   4.343   -13.550 1.00 31.59 ? 90  ASP A CA  1 
ATOM   496  C C   . ASP A 1 89  ? 2.378   2.866   -13.841 1.00 33.44 ? 90  ASP A C   1 
ATOM   497  O O   . ASP A 1 89  ? 1.597   2.547   -14.732 1.00 30.78 ? 90  ASP A O   1 
ATOM   498  C CB  . ASP A 1 89  ? 3.431   4.989   -14.694 1.00 33.74 ? 90  ASP A CB  1 
ATOM   499  C CG  . ASP A 1 89  ? 4.875   4.502   -14.762 1.00 39.31 ? 90  ASP A CG  1 
ATOM   500  O OD1 . ASP A 1 89  ? 5.474   4.217   -13.701 1.00 38.25 ? 90  ASP A OD1 1 
ATOM   501  O OD2 . ASP A 1 89  ? 5.416   4.419   -15.884 1.00 41.50 ? 90  ASP A OD2 1 
ATOM   502  N N   . LYS A 1 90  ? 3.002   1.967   -13.081 1.00 29.50 ? 91  LYS A N   1 
ATOM   503  C CA  . LYS A 1 90  ? 2.776   0.531   -13.299 1.00 34.30 ? 91  LYS A CA  1 
ATOM   504  C C   . LYS A 1 90  ? 2.414   -0.267  -12.037 1.00 29.76 ? 91  LYS A C   1 
ATOM   505  O O   . LYS A 1 90  ? 3.173   -1.145  -11.625 1.00 28.58 ? 91  LYS A O   1 
ATOM   506  C CB  . LYS A 1 90  ? 4.017   -0.099  -13.942 1.00 37.59 ? 91  LYS A CB  1 
ATOM   507  C CG  . LYS A 1 90  ? 3.907   -0.358  -15.434 1.00 48.18 ? 91  LYS A CG  1 
ATOM   508  C CD  . LYS A 1 90  ? 4.193   0.889   -16.248 1.00 47.53 ? 91  LYS A CD  1 
ATOM   509  C CE  . LYS A 1 90  ? 4.162   0.570   -17.737 1.00 49.04 ? 91  LYS A CE  1 
ATOM   510  N NZ  . LYS A 1 90  ? 5.106   -0.534  -18.079 1.00 60.79 ? 91  LYS A NZ  1 
ATOM   511  N N   . PRO A 1 91  ? 1.245   0.006   -11.440 1.00 25.83 ? 92  PRO A N   1 
ATOM   512  C CA  . PRO A 1 91  ? 0.878   -0.717  -10.222 1.00 24.52 ? 92  PRO A CA  1 
ATOM   513  C C   . PRO A 1 91  ? 0.619   -2.189  -10.508 1.00 28.04 ? 92  PRO A C   1 
ATOM   514  O O   . PRO A 1 91  ? 0.742   -3.009  -9.592  1.00 24.08 ? 92  PRO A O   1 
ATOM   515  C CB  . PRO A 1 91  ? -0.413  -0.020  -9.775  1.00 23.49 ? 92  PRO A CB  1 
ATOM   516  C CG  . PRO A 1 91  ? -0.998  0.515   -11.050 1.00 27.49 ? 92  PRO A CG  1 
ATOM   517  C CD  . PRO A 1 91  ? 0.198   0.959   -11.852 1.00 26.51 ? 92  PRO A CD  1 
ATOM   518  N N   . GLN A 1 92  ? 0.285   -2.523  -11.754 1.00 27.04 ? 93  GLN A N   1 
ATOM   519  C CA  . GLN A 1 92  ? 0.002   -3.917  -12.099 1.00 29.18 ? 93  GLN A CA  1 
ATOM   520  C C   . GLN A 1 92  ? 1.250   -4.772  -11.997 1.00 31.24 ? 93  GLN A C   1 
ATOM   521  O O   . GLN A 1 92  ? 1.161   -6.010  -12.050 1.00 33.19 ? 93  GLN A O   1 
ATOM   522  C CB  . GLN A 1 92  ? -0.594  -4.031  -13.510 1.00 29.89 ? 93  GLN A CB  1 
ATOM   523  C CG  . GLN A 1 92  ? 0.382   -3.666  -14.628 1.00 30.84 ? 93  GLN A CG  1 
ATOM   524  C CD  . GLN A 1 92  ? 0.314   -2.188  -14.997 1.00 36.49 ? 93  GLN A CD  1 
ATOM   525  O OE1 . GLN A 1 92  ? 0.080   -1.328  -14.140 1.00 31.51 ? 93  GLN A OE1 1 
ATOM   526  N NE2 . GLN A 1 92  ? 0.511   -1.888  -16.279 1.00 34.20 ? 93  GLN A NE2 1 
ATOM   527  N N   . THR A 1 93  ? 2.414   -4.130  -11.860 1.00 27.45 ? 94  THR A N   1 
ATOM   528  C CA  . THR A 1 93  ? 3.671   -4.864  -11.679 1.00 33.30 ? 94  THR A CA  1 
ATOM   529  C C   . THR A 1 93  ? 3.619   -5.704  -10.407 1.00 35.12 ? 94  THR A C   1 
ATOM   530  O O   . THR A 1 93  ? 4.230   -6.776  -10.336 1.00 35.02 ? 94  THR A O   1 
ATOM   531  C CB  . THR A 1 93  ? 4.897   -3.917  -11.651 1.00 33.21 ? 94  THR A CB  1 
ATOM   532  O OG1 . THR A 1 93  ? 5.070   -3.318  -12.941 1.00 39.45 ? 94  THR A OG1 1 
ATOM   533  C CG2 . THR A 1 93  ? 6.175   -4.680  -11.310 1.00 39.13 ? 94  THR A CG2 1 
ATOM   534  N N   . TYR A 1 94  ? 2.881   -5.230  -9.401  1.00 32.15 ? 95  TYR A N   1 
ATOM   535  C CA  . TYR A 1 94  ? 2.749   -6.007  -8.163  1.00 30.64 ? 95  TYR A CA  1 
ATOM   536  C C   . TYR A 1 94  ? 1.307   -6.175  -7.658  1.00 33.22 ? 95  TYR A C   1 
ATOM   537  O O   . TYR A 1 94  ? 1.074   -6.908  -6.694  1.00 33.75 ? 95  TYR A O   1 
ATOM   538  C CB  . TYR A 1 94  ? 3.664   -5.448  -7.055  1.00 33.60 ? 95  TYR A CB  1 
ATOM   539  C CG  . TYR A 1 94  ? 3.144   -4.255  -6.267  1.00 34.22 ? 95  TYR A CG  1 
ATOM   540  C CD1 . TYR A 1 94  ? 2.502   -4.434  -5.041  1.00 31.90 ? 95  TYR A CD1 1 
ATOM   541  C CD2 . TYR A 1 94  ? 3.348   -2.949  -6.710  1.00 30.31 ? 95  TYR A CD2 1 
ATOM   542  C CE1 . TYR A 1 94  ? 2.042   -3.356  -4.299  1.00 33.62 ? 95  TYR A CE1 1 
ATOM   543  C CE2 . TYR A 1 94  ? 2.881   -1.847  -5.963  1.00 33.27 ? 95  TYR A CE2 1 
ATOM   544  C CZ  . TYR A 1 94  ? 2.236   -2.065  -4.758  1.00 32.53 ? 95  TYR A CZ  1 
ATOM   545  O OH  . TYR A 1 94  ? 1.769   -1.008  -3.993  1.00 37.45 ? 95  TYR A OH  1 
ATOM   546  N N   . LYS A 1 95  ? 0.336   -5.512  -8.282  1.00 26.13 ? 96  LYS A N   1 
ATOM   547  C CA  . LYS A 1 95  ? -1.032  -5.641  -7.794  1.00 25.05 ? 96  LYS A CA  1 
ATOM   548  C C   . LYS A 1 95  ? -1.864  -6.564  -8.662  1.00 26.08 ? 96  LYS A C   1 
ATOM   549  O O   . LYS A 1 95  ? -1.656  -6.643  -9.866  1.00 28.93 ? 96  LYS A O   1 
ATOM   550  C CB  . LYS A 1 95  ? -1.723  -4.276  -7.718  1.00 23.65 ? 96  LYS A CB  1 
ATOM   551  C CG  . LYS A 1 95  ? -0.991  -3.279  -6.841  1.00 24.96 ? 96  LYS A CG  1 
ATOM   552  C CD  . LYS A 1 95  ? -1.871  -2.037  -6.645  1.00 24.08 ? 96  LYS A CD  1 
ATOM   553  C CE  . LYS A 1 95  ? -1.105  -0.960  -5.914  1.00 23.78 ? 96  LYS A CE  1 
ATOM   554  N NZ  . LYS A 1 95  ? -2.051  0.173   -5.580  1.00 24.04 ? 96  LYS A NZ  1 
ATOM   555  N N   . HIS A 1 96  ? -2.829  -7.223  -8.034  1.00 27.65 ? 97  HIS A N   1 
ATOM   556  C CA  . HIS A 1 96  ? -3.800  -8.064  -8.732  1.00 29.91 ? 97  HIS A CA  1 
ATOM   557  C C   . HIS A 1 96  ? -5.028  -7.262  -9.146  1.00 33.67 ? 97  HIS A C   1 
ATOM   558  O O   . HIS A 1 96  ? -5.275  -6.155  -8.633  1.00 30.07 ? 97  HIS A O   1 
ATOM   559  C CB  . HIS A 1 96  ? -4.261  -9.197  -7.811  1.00 29.98 ? 97  HIS A CB  1 
ATOM   560  C CG  . HIS A 1 96  ? -3.185  -10.172 -7.467  1.00 32.14 ? 97  HIS A CG  1 
ATOM   561  N ND1 . HIS A 1 96  ? -2.602  -10.996 -8.406  1.00 34.52 ? 97  HIS A ND1 1 
ATOM   562  C CD2 . HIS A 1 96  ? -2.578  -10.450 -6.290  1.00 35.76 ? 97  HIS A CD2 1 
ATOM   563  C CE1 . HIS A 1 96  ? -1.685  -11.741 -7.821  1.00 31.96 ? 97  HIS A CE1 1 
ATOM   564  N NE2 . HIS A 1 96  ? -1.649  -11.431 -6.537  1.00 34.87 ? 97  HIS A NE2 1 
ATOM   565  N N   . PHE A 1 97  ? -5.805  -7.831  -10.066 1.00 29.42 ? 98  PHE A N   1 
ATOM   566  C CA  . PHE A 1 97  ? -7.116  -7.272  -10.451 1.00 31.35 ? 98  PHE A CA  1 
ATOM   567  C C   . PHE A 1 97  ? -7.035  -5.933  -11.160 1.00 30.29 ? 98  PHE A C   1 
ATOM   568  O O   . PHE A 1 97  ? -7.970  -5.122  -11.074 1.00 32.77 ? 98  PHE A O   1 
ATOM   569  C CB  . PHE A 1 97  ? -8.049  -7.138  -9.241  1.00 31.57 ? 98  PHE A CB  1 
ATOM   570  C CG  . PHE A 1 97  ? -8.436  -8.445  -8.620  1.00 36.29 ? 98  PHE A CG  1 
ATOM   571  C CD1 . PHE A 1 97  ? -9.493  -9.182  -9.128  1.00 35.43 ? 98  PHE A CD1 1 
ATOM   572  C CD2 . PHE A 1 97  ? -7.748  -8.933  -7.522  1.00 34.56 ? 98  PHE A CD2 1 
ATOM   573  C CE1 . PHE A 1 97  ? -9.861  -10.390 -8.554  1.00 36.35 ? 98  PHE A CE1 1 
ATOM   574  C CE2 . PHE A 1 97  ? -8.105  -10.138 -6.944  1.00 29.66 ? 98  PHE A CE2 1 
ATOM   575  C CZ  . PHE A 1 97  ? -9.163  -10.869 -7.460  1.00 40.55 ? 98  PHE A CZ  1 
ATOM   576  N N   . ILE A 1 98  ? -5.922  -5.689  -11.841 1.00 27.49 ? 99  ILE A N   1 
ATOM   577  C CA  . ILE A 1 98  ? -5.792  -4.493  -12.657 1.00 30.07 ? 99  ILE A CA  1 
ATOM   578  C C   . ILE A 1 98  ? -5.919  -4.904  -14.114 1.00 28.97 ? 99  ILE A C   1 
ATOM   579  O O   . ILE A 1 98  ? -5.111  -5.683  -14.608 1.00 29.79 ? 99  ILE A O   1 
ATOM   580  C CB  . ILE A 1 98  ? -4.411  -3.854  -12.508 1.00 32.77 ? 99  ILE A CB  1 
ATOM   581  C CG1 . ILE A 1 98  ? -4.077  -3.584  -11.035 1.00 38.07 ? 99  ILE A CG1 1 
ATOM   582  C CG2 . ILE A 1 98  ? -4.295  -2.628  -13.406 1.00 30.04 ? 99  ILE A CG2 1 
ATOM   583  C CD1 . ILE A 1 98  ? -4.980  -2.647  -10.366 1.00 37.61 ? 99  ILE A CD1 1 
ATOM   584  N N   . LYS A 1 99  ? -6.929  -4.386  -14.794 1.00 29.67 ? 100 LYS A N   1 
ATOM   585  C CA  . LYS A 1 99  ? -7.118  -4.693  -16.216 1.00 32.28 ? 100 LYS A CA  1 
ATOM   586  C C   . LYS A 1 99  ? -6.145  -3.850  -17.042 1.00 36.46 ? 100 LYS A C   1 
ATOM   587  O O   . LYS A 1 99  ? -5.538  -4.333  -18.000 1.00 32.93 ? 100 LYS A O   1 
ATOM   588  C CB  . LYS A 1 99  ? -8.561  -4.416  -16.620 1.00 31.03 ? 100 LYS A CB  1 
ATOM   589  C CG  . LYS A 1 99  ? -8.856  -4.620  -18.105 1.00 35.54 ? 100 LYS A CG  1 
ATOM   590  C CD  . LYS A 1 99  ? -10.326 -4.379  -18.383 1.00 35.48 ? 100 LYS A CD  1 
ATOM   591  C CE  . LYS A 1 99  ? -10.630 -4.501  -19.871 1.00 43.51 ? 100 LYS A CE  1 
ATOM   592  N NZ  . LYS A 1 99  ? -12.097 -4.348  -20.126 1.00 39.92 ? 100 LYS A NZ  1 
ATOM   593  N N   . SER A 1 100 ? -5.977  -2.590  -16.641 1.00 31.29 ? 101 SER A N   1 
ATOM   594  C CA  . SER A 1 100 ? -5.086  -1.672  -17.333 1.00 31.60 ? 101 SER A CA  1 
ATOM   595  C C   . SER A 1 100 ? -4.807  -0.475  -16.427 1.00 31.38 ? 101 SER A C   1 
ATOM   596  O O   . SER A 1 100 ? -5.542  -0.226  -15.474 1.00 29.09 ? 101 SER A O   1 
ATOM   597  C CB  . SER A 1 100 ? -5.749  -1.177  -18.620 1.00 36.30 ? 101 SER A CB  1 
ATOM   598  O OG  . SER A 1 100 ? -6.920  -0.438  -18.315 1.00 36.53 ? 101 SER A OG  1 
ATOM   599  N N   . CYS A 1 101 ? -3.742  0.252   -16.736 1.00 31.29 ? 102 CYS A N   1 
ATOM   600  C CA  . CYS A 1 101 ? -3.412  1.481   -16.041 1.00 32.20 ? 102 CYS A CA  1 
ATOM   601  C C   . CYS A 1 101 ? -2.864  2.452   -17.067 1.00 33.25 ? 102 CYS A C   1 
ATOM   602  O O   . CYS A 1 101 ? -1.957  2.113   -17.827 1.00 39.13 ? 102 CYS A O   1 
ATOM   603  C CB  . CYS A 1 101 ? -2.363  1.237   -14.956 1.00 26.26 ? 102 CYS A CB  1 
ATOM   604  S SG  . CYS A 1 101 ? -1.931  2.765   -14.048 1.00 29.48 ? 102 CYS A SG  1 
ATOM   605  N N   . SER A 1 102 ? -3.418  3.657   -17.101 1.00 30.36 ? 103 SER A N   1 
ATOM   606  C CA  . SER A 1 102 ? -2.976  4.648   -18.064 1.00 32.55 ? 103 SER A CA  1 
ATOM   607  C C   . SER A 1 102 ? -2.571  5.935   -17.360 1.00 37.00 ? 103 SER A C   1 
ATOM   608  O O   . SER A 1 102 ? -3.262  6.391   -16.436 1.00 36.67 ? 103 SER A O   1 
ATOM   609  C CB  . SER A 1 102 ? -4.090  4.926   -19.079 1.00 42.03 ? 103 SER A CB  1 
ATOM   610  O OG  . SER A 1 102 ? -3.690  5.912   -20.010 1.00 51.23 ? 103 SER A OG  1 
ATOM   611  N N   . VAL A 1 103 ? -1.447  6.507   -17.790 1.00 36.47 ? 104 VAL A N   1 
ATOM   612  C CA  . VAL A 1 103 ? -1.029  7.816   -17.306 1.00 42.12 ? 104 VAL A CA  1 
ATOM   613  C C   . VAL A 1 103 ? -1.020  8.825   -18.449 1.00 48.35 ? 104 VAL A C   1 
ATOM   614  O O   . VAL A 1 103 ? -1.272  8.478   -19.607 1.00 46.08 ? 104 VAL A O   1 
ATOM   615  C CB  . VAL A 1 103 ? 0.358   7.769   -16.658 1.00 36.46 ? 104 VAL A CB  1 
ATOM   616  C CG1 . VAL A 1 103 ? 0.313   6.951   -15.383 1.00 38.53 ? 104 VAL A CG1 1 
ATOM   617  C CG2 . VAL A 1 103 ? 1.377   7.186   -17.630 1.00 43.19 ? 104 VAL A CG2 1 
ATOM   618  N N   . GLY A 1 104 ? -0.729  10.077  -18.120 1.00 50.05 ? 105 GLY A N   1 
ATOM   619  C CA  . GLY A 1 104 ? -0.702  11.132  -19.117 1.00 58.70 ? 105 GLY A CA  1 
ATOM   620  C C   . GLY A 1 104 ? 0.415   10.935  -20.125 1.00 62.34 ? 105 GLY A C   1 
ATOM   621  O O   . GLY A 1 104 ? 1.353   10.166  -19.893 1.00 59.81 ? 105 GLY A O   1 
ATOM   622  N N   . GLU A 1 105 ? 0.316   11.633  -21.250 1.00 64.68 ? 106 GLU A N   1 
ATOM   623  C CA  . GLU A 1 105 ? 1.330   11.529  -22.289 1.00 68.06 ? 106 GLU A CA  1 
ATOM   624  C C   . GLU A 1 105 ? 2.630   12.165  -21.807 1.00 66.04 ? 106 GLU A C   1 
ATOM   625  O O   . GLU A 1 105 ? 3.723   11.741  -22.183 1.00 69.71 ? 106 GLU A O   1 
ATOM   626  C CB  . GLU A 1 105 ? 0.837   12.168  -23.588 1.00 68.65 ? 106 GLU A CB  1 
ATOM   627  C CG  . GLU A 1 105 ? -0.232  11.346  -24.317 1.00 71.54 ? 106 GLU A CG  1 
ATOM   628  C CD  . GLU A 1 105 ? -1.590  11.343  -23.611 1.00 74.52 ? 106 GLU A CD  1 
ATOM   629  O OE1 . GLU A 1 105 ? -2.408  10.440  -23.899 1.00 72.09 ? 106 GLU A OE1 1 
ATOM   630  O OE2 . GLU A 1 105 ? -1.844  12.244  -22.778 1.00 71.01 ? 106 GLU A OE2 1 
ATOM   631  N N   . ASP A 1 106 ? 2.501   13.176  -20.957 1.00 68.30 ? 107 ASP A N   1 
ATOM   632  C CA  . ASP A 1 106 ? 3.665   13.774  -20.323 1.00 66.76 ? 107 ASP A CA  1 
ATOM   633  C C   . ASP A 1 106 ? 3.646   13.431  -18.843 1.00 65.59 ? 107 ASP A C   1 
ATOM   634  O O   . ASP A 1 106 ? 3.661   14.318  -17.986 1.00 65.78 ? 107 ASP A O   1 
ATOM   635  C CB  . ASP A 1 106 ? 3.674   15.286  -20.526 1.00 71.53 ? 107 ASP A CB  1 
ATOM   636  C CG  . ASP A 1 106 ? 3.595   15.674  -21.989 1.00 75.80 ? 107 ASP A CG  1 
ATOM   637  O OD1 . ASP A 1 106 ? 4.403   15.148  -22.790 1.00 73.97 ? 107 ASP A OD1 1 
ATOM   638  O OD2 . ASP A 1 106 ? 2.707   16.484  -22.336 1.00 76.10 ? 107 ASP A OD2 1 
ATOM   639  N N   . PHE A 1 107 ? 3.591   12.138  -18.548 1.00 61.52 ? 108 PHE A N   1 
ATOM   640  C CA  . PHE A 1 107 ? 3.654   11.700  -17.170 1.00 55.36 ? 108 PHE A CA  1 
ATOM   641  C C   . PHE A 1 107 ? 5.081   11.834  -16.685 1.00 53.00 ? 108 PHE A C   1 
ATOM   642  O O   . PHE A 1 107 ? 6.025   11.470  -17.387 1.00 51.24 ? 108 PHE A O   1 
ATOM   643  C CB  . PHE A 1 107 ? 3.181   10.249  -17.012 1.00 51.21 ? 108 PHE A CB  1 
ATOM   644  C CG  . PHE A 1 107 ? 3.375   9.698   -15.619 1.00 47.18 ? 108 PHE A CG  1 
ATOM   645  C CD1 . PHE A 1 107 ? 2.458   9.974   -14.613 1.00 42.41 ? 108 PHE A CD1 1 
ATOM   646  C CD2 . PHE A 1 107 ? 4.475   8.907   -15.320 1.00 44.83 ? 108 PHE A CD2 1 
ATOM   647  C CE1 . PHE A 1 107 ? 2.638   9.471   -13.336 1.00 37.38 ? 108 PHE A CE1 1 
ATOM   648  C CE2 . PHE A 1 107 ? 4.663   8.401   -14.044 1.00 43.96 ? 108 PHE A CE2 1 
ATOM   649  C CZ  . PHE A 1 107 ? 3.746   8.685   -13.053 1.00 42.81 ? 108 PHE A CZ  1 
ATOM   650  N N   . ARG A 1 108 ? 5.236   12.386  -15.490 1.00 52.77 ? 109 ARG A N   1 
ATOM   651  C CA  . ARG A 1 108 ? 6.513   12.331  -14.808 1.00 52.02 ? 109 ARG A CA  1 
ATOM   652  C C   . ARG A 1 108 ? 6.247   11.917  -13.370 1.00 45.61 ? 109 ARG A C   1 
ATOM   653  O O   . ARG A 1 108 ? 5.220   12.281  -12.796 1.00 48.23 ? 109 ARG A O   1 
ATOM   654  C CB  . ARG A 1 108 ? 7.262   13.667  -14.906 1.00 56.36 ? 109 ARG A CB  1 
ATOM   655  C CG  . ARG A 1 108 ? 6.420   14.916  -14.624 1.00 60.63 ? 109 ARG A CG  1 
ATOM   656  C CD  . ARG A 1 108 ? 7.248   16.204  -14.826 1.00 66.43 ? 109 ARG A CD  1 
ATOM   657  N NE  . ARG A 1 108 ? 7.462   16.956  -13.584 1.00 64.61 ? 109 ARG A NE  1 
ATOM   658  C CZ  . ARG A 1 108 ? 7.004   18.187  -13.361 1.00 67.43 ? 109 ARG A CZ  1 
ATOM   659  N NH1 . ARG A 1 108 ? 6.309   18.824  -14.298 1.00 68.52 ? 109 ARG A NH1 1 
ATOM   660  N NH2 . ARG A 1 108 ? 7.245   18.789  -12.200 1.00 62.35 ? 109 ARG A NH2 1 
ATOM   661  N N   . MET A 1 109 ? 7.151   11.120  -12.811 1.00 49.11 ? 110 MET A N   1 
ATOM   662  C CA  . MET A 1 109 ? 7.042   10.678  -11.423 1.00 47.73 ? 110 MET A CA  1 
ATOM   663  C C   . MET A 1 109 ? 7.081   11.861  -10.461 1.00 44.23 ? 110 MET A C   1 
ATOM   664  O O   . MET A 1 109 ? 8.118   12.116  -9.849  1.00 44.63 ? 110 MET A O   1 
ATOM   665  C CB  . MET A 1 109 ? 8.195   9.726   -11.066 1.00 46.81 ? 110 MET A CB  1 
ATOM   666  C CG  . MET A 1 109 ? 8.013   8.279   -11.506 1.00 47.77 ? 110 MET A CG  1 
ATOM   667  S SD  . MET A 1 109 ? 6.598   7.461   -10.734 1.00 43.46 ? 110 MET A SD  1 
ATOM   668  C CE  . MET A 1 109 ? 6.855   7.834   -9.023  1.00 42.38 ? 110 MET A CE  1 
ATOM   669  N N   . THR A 1 110 ? 5.969   12.582  -10.326 1.00 41.75 ? 111 THR A N   1 
ATOM   670  C CA  . THR A 1 110 ? 5.897   13.686  -9.367  1.00 39.90 ? 111 THR A CA  1 
ATOM   671  C C   . THR A 1 110 ? 4.601   13.672  -8.556  1.00 33.38 ? 111 THR A C   1 
ATOM   672  O O   . THR A 1 110 ? 3.548   13.277  -9.060  1.00 33.44 ? 111 THR A O   1 
ATOM   673  C CB  . THR A 1 110 ? 6.027   15.068  -10.053 1.00 44.53 ? 111 THR A CB  1 
ATOM   674  O OG1 . THR A 1 110 ? 4.990   15.220  -11.025 1.00 49.81 ? 111 THR A OG1 1 
ATOM   675  C CG2 . THR A 1 110 ? 7.378   15.215  -10.732 1.00 48.99 ? 111 THR A CG2 1 
ATOM   676  N N   . VAL A 1 111 ? 4.694   14.098  -7.296  1.00 36.97 ? 112 VAL A N   1 
ATOM   677  C CA  . VAL A 1 111 ? 3.511   14.250  -6.456  1.00 30.77 ? 112 VAL A CA  1 
ATOM   678  C C   . VAL A 1 111 ? 2.491   15.135  -7.170  1.00 37.74 ? 112 VAL A C   1 
ATOM   679  O O   . VAL A 1 111 ? 2.847   16.170  -7.746  1.00 38.21 ? 112 VAL A O   1 
ATOM   680  C CB  . VAL A 1 111 ? 3.870   14.856  -5.084  1.00 36.64 ? 112 VAL A CB  1 
ATOM   681  C CG1 . VAL A 1 111 ? 2.612   15.307  -4.338  1.00 36.36 ? 112 VAL A CG1 1 
ATOM   682  C CG2 . VAL A 1 111 ? 4.664   13.854  -4.251  1.00 37.02 ? 112 VAL A CG2 1 
ATOM   683  N N   . GLY A 1 112 ? 1.231   14.703  -7.160  1.00 31.12 ? 113 GLY A N   1 
ATOM   684  C CA  . GLY A 1 112 ? 0.187   15.412  -7.860  1.00 30.12 ? 113 GLY A CA  1 
ATOM   685  C C   . GLY A 1 112 ? -0.160  14.761  -9.178  1.00 31.98 ? 113 GLY A C   1 
ATOM   686  O O   . GLY A 1 112 ? -1.229  15.017  -9.730  1.00 35.01 ? 113 GLY A O   1 
ATOM   687  N N   . SER A 1 113 ? 0.737   13.912  -9.682  1.00 33.33 ? 114 SER A N   1 
ATOM   688  C CA  . SER A 1 113 ? 0.467   13.161  -10.908 1.00 31.09 ? 114 SER A CA  1 
ATOM   689  C C   . SER A 1 113 ? -0.658  12.169  -10.687 1.00 30.11 ? 114 SER A C   1 
ATOM   690  O O   . SER A 1 113 ? -0.942  11.766  -9.555  1.00 31.58 ? 114 SER A O   1 
ATOM   691  C CB  . SER A 1 113 ? 1.716   12.424  -11.389 1.00 34.23 ? 114 SER A CB  1 
ATOM   692  O OG  . SER A 1 113 ? 2.711   13.348  -11.783 1.00 43.82 ? 114 SER A OG  1 
ATOM   693  N N   . THR A 1 114 ? -1.287  11.752  -11.777 1.00 29.93 ? 115 THR A N   1 
ATOM   694  C CA  . THR A 1 114 ? -2.447  10.897  -11.665 1.00 28.83 ? 115 THR A CA  1 
ATOM   695  C C   . THR A 1 114 ? -2.344  9.687   -12.602 1.00 29.19 ? 115 THR A C   1 
ATOM   696  O O   . THR A 1 114 ? -1.619  9.711   -13.597 1.00 31.55 ? 115 THR A O   1 
ATOM   697  C CB  . THR A 1 114 ? -3.727  11.717  -11.906 1.00 34.24 ? 115 THR A CB  1 
ATOM   698  O OG1 . THR A 1 114 ? -4.865  11.001  -11.420 1.00 45.09 ? 115 THR A OG1 1 
ATOM   699  C CG2 . THR A 1 114 ? -3.896  12.048  -13.366 1.00 29.38 ? 115 THR A CG2 1 
ATOM   700  N N   . ARG A 1 115 ? -3.043  8.619   -12.248 1.00 27.22 ? 116 ARG A N   1 
ATOM   701  C CA  . ARG A 1 115 ? -3.123  7.435   -13.096 1.00 29.30 ? 116 ARG A CA  1 
ATOM   702  C C   . ARG A 1 115 ? -4.571  6.977   -13.105 1.00 31.72 ? 116 ARG A C   1 
ATOM   703  O O   . ARG A 1 115 ? -5.312  7.186   -12.121 1.00 26.29 ? 116 ARG A O   1 
ATOM   704  C CB  . ARG A 1 115 ? -2.202  6.323   -12.570 1.00 28.84 ? 116 ARG A CB  1 
ATOM   705  C CG  . ARG A 1 115 ? -2.679  5.691   -11.265 1.00 26.38 ? 116 ARG A CG  1 
ATOM   706  C CD  . ARG A 1 115 ? -1.652  4.711   -10.667 1.00 24.75 ? 116 ARG A CD  1 
ATOM   707  N NE  . ARG A 1 115 ? -2.043  4.323   -9.314  1.00 22.80 ? 116 ARG A NE  1 
ATOM   708  C CZ  . ARG A 1 115 ? -1.236  3.758   -8.426  1.00 26.26 ? 116 ARG A CZ  1 
ATOM   709  N NH1 . ARG A 1 115 ? 0.027   3.474   -8.738  1.00 25.81 ? 116 ARG A NH1 1 
ATOM   710  N NH2 . ARG A 1 115 ? -1.707  3.470   -7.222  1.00 24.05 ? 116 ARG A NH2 1 
ATOM   711  N N   . ASP A 1 116 ? -4.990  6.389   -14.228 1.00 30.88 ? 117 ASP A N   1 
ATOM   712  C CA  . ASP A 1 116 ? -6.335  5.840   -14.346 1.00 29.28 ? 117 ASP A CA  1 
ATOM   713  C C   . ASP A 1 116 ? -6.235  4.330   -14.294 1.00 32.53 ? 117 ASP A C   1 
ATOM   714  O O   . ASP A 1 116 ? -5.648  3.708   -15.178 1.00 31.32 ? 117 ASP A O   1 
ATOM   715  C CB  . ASP A 1 116 ? -6.975  6.250   -15.666 1.00 32.10 ? 117 ASP A CB  1 
ATOM   716  C CG  . ASP A 1 116 ? -7.368  7.710   -15.696 1.00 41.48 ? 117 ASP A CG  1 
ATOM   717  O OD1 . ASP A 1 116 ? -7.519  8.314   -14.609 1.00 36.41 ? 117 ASP A OD1 1 
ATOM   718  O OD2 . ASP A 1 116 ? -7.539  8.245   -16.816 1.00 49.44 ? 117 ASP A OD2 1 
ATOM   719  N N   . VAL A 1 117 ? -6.806  3.736   -13.258 1.00 30.11 ? 118 VAL A N   1 
ATOM   720  C CA  . VAL A 1 117 ? -6.663  2.303   -13.072 1.00 29.35 ? 118 VAL A CA  1 
ATOM   721  C C   . VAL A 1 117 ? -7.991  1.637   -13.362 1.00 35.35 ? 118 VAL A C   1 
ATOM   722  O O   . VAL A 1 117 ? -9.008  1.957   -12.741 1.00 33.60 ? 118 VAL A O   1 
ATOM   723  C CB  . VAL A 1 117 ? -6.207  1.977   -11.641 1.00 28.28 ? 118 VAL A CB  1 
ATOM   724  C CG1 . VAL A 1 117 ? -6.192  0.473   -11.427 1.00 32.52 ? 118 VAL A CG1 1 
ATOM   725  C CG2 . VAL A 1 117 ? -4.813  2.572   -11.379 1.00 27.31 ? 118 VAL A CG2 1 
ATOM   726  N N   . THR A 1 118 ? -7.995  0.723   -14.328 1.00 34.25 ? 119 THR A N   1 
ATOM   727  C CA  . THR A 1 118 ? -9.202  -0.032  -14.604 1.00 34.91 ? 119 THR A CA  1 
ATOM   728  C C   . THR A 1 118 ? -9.134  -1.340  -13.838 1.00 32.94 ? 119 THR A C   1 
ATOM   729  O O   . THR A 1 118 ? -8.210  -2.144  -14.015 1.00 35.35 ? 119 THR A O   1 
ATOM   730  C CB  . THR A 1 118 ? -9.415  -0.245  -16.104 1.00 35.96 ? 119 THR A CB  1 
ATOM   731  O OG1 . THR A 1 118 ? -9.486  1.036   -16.747 1.00 38.00 ? 119 THR A OG1 1 
ATOM   732  C CG2 . THR A 1 118 ? -10.718 -0.992  -16.351 1.00 43.32 ? 119 THR A CG2 1 
ATOM   733  N N   . VAL A 1 119 ? -10.113 -1.522  -12.961 1.00 34.58 ? 120 VAL A N   1 
ATOM   734  C CA  . VAL A 1 119 ? -10.117 -2.608  -12.002 1.00 38.84 ? 120 VAL A CA  1 
ATOM   735  C C   . VAL A 1 119 ? -10.921 -3.793  -12.533 1.00 41.60 ? 120 VAL A C   1 
ATOM   736  O O   . VAL A 1 119 ? -11.818 -3.633  -13.375 1.00 43.31 ? 120 VAL A O   1 
ATOM   737  C CB  . VAL A 1 119 ? -10.695 -2.131  -10.653 1.00 45.46 ? 120 VAL A CB  1 
ATOM   738  C CG1 . VAL A 1 119 ? -12.216 -2.236  -10.649 1.00 46.56 ? 120 VAL A CG1 1 
ATOM   739  C CG2 . VAL A 1 119 ? -10.090 -2.928  -9.504  1.00 49.01 ? 120 VAL A CG2 1 
ATOM   740  N N   . ILE A 1 120 ? -10.575 -4.985  -12.064 1.00 36.99 ? 121 ILE A N   1 
ATOM   741  C CA  . ILE A 1 120 ? -11.319 -6.191  -12.408 1.00 29.79 ? 121 ILE A CA  1 
ATOM   742  C C   . ILE A 1 120 ? -12.164 -6.529  -11.187 1.00 40.88 ? 121 ILE A C   1 
ATOM   743  O O   . ILE A 1 120 ? -11.632 -6.795  -10.097 1.00 36.69 ? 121 ILE A O   1 
ATOM   744  C CB  . ILE A 1 120 ? -10.367 -7.345  -12.739 1.00 37.77 ? 121 ILE A CB  1 
ATOM   745  C CG1 . ILE A 1 120 ? -9.623  -7.069  -14.041 1.00 34.15 ? 121 ILE A CG1 1 
ATOM   746  C CG2 . ILE A 1 120 ? -11.121 -8.623  -12.860 1.00 35.87 ? 121 ILE A CG2 1 
ATOM   747  C CD1 . ILE A 1 120 ? -8.412  -7.951  -14.229 1.00 35.85 ? 121 ILE A CD1 1 
ATOM   748  N N   . SER A 1 121 ? -13.483 -6.498  -11.368 1.00 38.10 ? 122 SER A N   1 
ATOM   749  C CA  . SER A 1 121 ? -14.410 -6.491  -10.235 1.00 44.95 ? 122 SER A CA  1 
ATOM   750  C C   . SER A 1 121 ? -15.597 -7.422  -10.431 1.00 38.09 ? 122 SER A C   1 
ATOM   751  O O   . SER A 1 121 ? -16.290 -7.769  -9.467  1.00 42.33 ? 122 SER A O   1 
ATOM   752  C CB  . SER A 1 121 ? -14.938 -5.070  -10.014 1.00 42.67 ? 122 SER A CB  1 
ATOM   753  O OG  . SER A 1 121 ? -15.656 -4.610  -11.150 1.00 49.42 ? 122 SER A OG  1 
ATOM   754  N N   . GLY A 1 122 ? -15.840 -7.810  -11.678 1.00 36.21 ? 123 GLY A N   1 
ATOM   755  C CA  . GLY A 1 122 ? -17.005 -8.618  -12.008 1.00 36.57 ? 123 GLY A CA  1 
ATOM   756  C C   . GLY A 1 122 ? -18.224 -7.737  -12.230 1.00 44.03 ? 123 GLY A C   1 
ATOM   757  O O   . GLY A 1 122 ? -19.332 -8.244  -12.457 1.00 41.62 ? 123 GLY A O   1 
ATOM   758  N N   . LEU A 1 123 ? -17.998 -6.421  -12.156 1.00 39.96 ? 124 LEU A N   1 
ATOM   759  C CA  . LEU A 1 123 ? -19.010 -5.383  -12.410 1.00 40.95 ? 124 LEU A CA  1 
ATOM   760  C C   . LEU A 1 123 ? -18.661 -4.671  -13.729 1.00 43.60 ? 124 LEU A C   1 
ATOM   761  O O   . LEU A 1 123 ? -17.593 -4.907  -14.287 1.00 48.84 ? 124 LEU A O   1 
ATOM   762  C CB  . LEU A 1 123 ? -19.010 -4.386  -11.250 1.00 45.14 ? 124 LEU A CB  1 
ATOM   763  C CG  . LEU A 1 123 ? -19.917 -4.686  -10.052 1.00 53.59 ? 124 LEU A CG  1 
ATOM   764  C CD1 . LEU A 1 123 ? -19.436 -5.898  -9.262  1.00 47.72 ? 124 LEU A CD1 1 
ATOM   765  C CD2 . LEU A 1 123 ? -20.021 -3.463  -9.151  1.00 57.70 ? 124 LEU A CD2 1 
ATOM   766  N N   . PRO A 1 124 ? -19.549 -3.798  -14.250 1.00 53.58 ? 125 PRO A N   1 
ATOM   767  C CA  . PRO A 1 124 ? -19.167 -3.168  -15.531 1.00 52.74 ? 125 PRO A CA  1 
ATOM   768  C C   . PRO A 1 124 ? -17.979 -2.174  -15.447 1.00 56.27 ? 125 PRO A C   1 
ATOM   769  O O   . PRO A 1 124 ? -17.515 -1.880  -14.341 1.00 52.93 ? 125 PRO A O   1 
ATOM   770  C CB  . PRO A 1 124 ? -20.460 -2.475  -15.990 1.00 54.08 ? 125 PRO A CB  1 
ATOM   771  C CG  . PRO A 1 124 ? -21.268 -2.289  -14.730 1.00 58.74 ? 125 PRO A CG  1 
ATOM   772  C CD  . PRO A 1 124 ? -20.931 -3.465  -13.854 1.00 56.71 ? 125 PRO A CD  1 
ATOM   773  N N   . ALA A 1 125 ? -17.512 -1.680  -16.600 1.00 60.03 ? 126 ALA A N   1 
ATOM   774  C CA  . ALA A 1 125 ? -16.302 -0.837  -16.728 1.00 62.26 ? 126 ALA A CA  1 
ATOM   775  C C   . ALA A 1 125 ? -16.086 0.238   -15.651 1.00 63.11 ? 126 ALA A C   1 
ATOM   776  O O   . ALA A 1 125 ? -16.725 1.292   -15.686 1.00 68.21 ? 126 ALA A O   1 
ATOM   777  C CB  . ALA A 1 125 ? -16.257 -0.197  -18.123 1.00 63.80 ? 126 ALA A CB  1 
ATOM   778  N N   . ALA A 1 126 ? -15.162 -0.024  -14.722 1.00 59.80 ? 127 ALA A N   1 
ATOM   779  C CA  . ALA A 1 126 ? -14.935 0.863   -13.567 1.00 58.45 ? 127 ALA A CA  1 
ATOM   780  C C   . ALA A 1 126 ? -13.476 1.295   -13.397 1.00 52.47 ? 127 ALA A C   1 
ATOM   781  O O   . ALA A 1 126 ? -12.660 0.562   -12.823 1.00 53.43 ? 127 ALA A O   1 
ATOM   782  C CB  . ALA A 1 126 ? -15.441 0.203   -12.281 1.00 59.27 ? 127 ALA A CB  1 
ATOM   783  N N   . THR A 1 127 ? -13.156 2.495   -13.872 1.00 44.48 ? 128 THR A N   1 
ATOM   784  C CA  . THR A 1 127 ? -11.798 3.001   -13.770 1.00 40.37 ? 128 THR A CA  1 
ATOM   785  C C   . THR A 1 127 ? -11.680 3.998   -12.617 1.00 38.18 ? 128 THR A C   1 
ATOM   786  O O   . THR A 1 127 ? -12.485 4.911   -12.484 1.00 38.63 ? 128 THR A O   1 
ATOM   787  C CB  . THR A 1 127 ? -11.309 3.599   -15.114 1.00 42.75 ? 128 THR A CB  1 
ATOM   788  O OG1 . THR A 1 127 ? -10.219 4.506   -14.892 1.00 45.50 ? 128 THR A OG1 1 
ATOM   789  C CG2 . THR A 1 127 ? -12.440 4.326   -15.818 1.00 52.57 ? 128 THR A CG2 1 
ATOM   790  N N   . SER A 1 128 ? -10.694 3.784   -11.759 1.00 34.71 ? 129 SER A N   1 
ATOM   791  C CA  . SER A 1 128 ? -10.452 4.708   -10.660 1.00 37.77 ? 129 SER A CA  1 
ATOM   792  C C   . SER A 1 128 ? -9.319  5.654   -11.034 1.00 32.22 ? 129 SER A C   1 
ATOM   793  O O   . SER A 1 128 ? -8.333  5.258   -11.652 1.00 32.31 ? 129 SER A O   1 
ATOM   794  C CB  . SER A 1 128 ? -10.138 3.952   -9.366  1.00 38.62 ? 129 SER A CB  1 
ATOM   795  O OG  . SER A 1 128 ? -8.870  3.336   -9.434  1.00 42.09 ? 129 SER A OG  1 
ATOM   796  N N   . THR A 1 129 ? -9.485  6.924   -10.693 1.00 29.71 ? 130 THR A N   1 
ATOM   797  C CA  . THR A 1 129 ? -8.437  7.906   -10.877 1.00 28.93 ? 130 THR A CA  1 
ATOM   798  C C   . THR A 1 129 ? -7.702  8.031   -9.551  1.00 27.19 ? 130 THR A C   1 
ATOM   799  O O   . THR A 1 129 ? -8.321  8.257   -8.498  1.00 22.85 ? 130 THR A O   1 
ATOM   800  C CB  . THR A 1 129 ? -9.028  9.256   -11.298 1.00 31.63 ? 130 THR A CB  1 
ATOM   801  O OG1 . THR A 1 129 ? -9.650  9.107   -12.579 1.00 36.36 ? 130 THR A OG1 1 
ATOM   802  C CG2 . THR A 1 129 ? -7.948  10.305  -11.425 1.00 30.14 ? 130 THR A CG2 1 
ATOM   803  N N   . GLU A 1 130 ? -6.385  7.867   -9.601  1.00 26.50 ? 131 GLU A N   1 
ATOM   804  C CA  . GLU A 1 130 ? -5.562  7.847   -8.392  1.00 22.48 ? 131 GLU A CA  1 
ATOM   805  C C   . GLU A 1 130 ? -4.480  8.894   -8.471  1.00 23.76 ? 131 GLU A C   1 
ATOM   806  O O   . GLU A 1 130 ? -3.863  9.080   -9.519  1.00 27.42 ? 131 GLU A O   1 
ATOM   807  C CB  . GLU A 1 130 ? -4.956  6.440   -8.194  1.00 21.82 ? 131 GLU A CB  1 
ATOM   808  C CG  . GLU A 1 130 ? -6.071  5.395   -8.158  1.00 25.10 ? 131 GLU A CG  1 
ATOM   809  C CD  . GLU A 1 130 ? -5.602  3.983   -7.873  1.00 25.40 ? 131 GLU A CD  1 
ATOM   810  O OE1 . GLU A 1 130 ? -4.390  3.727   -7.932  1.00 26.41 ? 131 GLU A OE1 1 
ATOM   811  O OE2 . GLU A 1 130 ? -6.463  3.127   -7.598  1.00 26.34 ? 131 GLU A OE2 1 
ATOM   812  N N   . ARG A 1 131 ? -4.268  9.591   -7.359  1.00 23.23 ? 132 ARG A N   1 
ATOM   813  C CA  . ARG A 1 131 ? -3.301  10.671  -7.306  1.00 23.84 ? 132 ARG A CA  1 
ATOM   814  C C   . ARG A 1 131 ? -2.116  10.277  -6.445  1.00 23.61 ? 132 ARG A C   1 
ATOM   815  O O   . ARG A 1 131 ? -2.285  9.744   -5.342  1.00 24.21 ? 132 ARG A O   1 
ATOM   816  C CB  . ARG A 1 131 ? -3.959  11.956  -6.724  1.00 24.31 ? 132 ARG A CB  1 
ATOM   817  C CG  . ARG A 1 131 ? -3.004  13.143  -6.660  1.00 27.26 ? 132 ARG A CG  1 
ATOM   818  C CD  . ARG A 1 131 ? -3.644  14.354  -5.973  1.00 30.67 ? 132 ARG A CD  1 
ATOM   819  N NE  . ARG A 1 131 ? -4.712  14.940  -6.781  1.00 31.13 ? 132 ARG A NE  1 
ATOM   820  C CZ  . ARG A 1 131 ? -5.906  15.297  -6.310  1.00 32.19 ? 132 ARG A CZ  1 
ATOM   821  N NH1 . ARG A 1 131 ? -6.201  15.117  -5.029  1.00 32.53 ? 132 ARG A NH1 1 
ATOM   822  N NH2 . ARG A 1 131 ? -6.804  15.830  -7.122  1.00 32.29 ? 132 ARG A NH2 1 
ATOM   823  N N   . LEU A 1 132 ? -0.915  10.569  -6.936  1.00 24.74 ? 133 LEU A N   1 
ATOM   824  C CA  . LEU A 1 132 ? 0.317   10.309  -6.201  1.00 24.52 ? 133 LEU A CA  1 
ATOM   825  C C   . LEU A 1 132 ? 0.475   11.387  -5.122  1.00 28.75 ? 133 LEU A C   1 
ATOM   826  O O   . LEU A 1 132 ? 0.593   12.570  -5.442  1.00 28.29 ? 133 LEU A O   1 
ATOM   827  C CB  . LEU A 1 132 ? 1.499   10.324  -7.169  1.00 24.20 ? 133 LEU A CB  1 
ATOM   828  C CG  . LEU A 1 132 ? 2.882   10.063  -6.578  1.00 25.98 ? 133 LEU A CG  1 
ATOM   829  C CD1 . LEU A 1 132 ? 2.902   8.710   -5.855  1.00 24.75 ? 133 LEU A CD1 1 
ATOM   830  C CD2 . LEU A 1 132 ? 3.932   10.114  -7.674  1.00 31.19 ? 133 LEU A CD2 1 
ATOM   831  N N   . ASP A 1 133 ? 0.454   10.979  -3.854  1.00 25.69 ? 134 ASP A N   1 
ATOM   832  C CA  . ASP A 1 133 ? 0.454   11.929  -2.738  1.00 26.47 ? 134 ASP A CA  1 
ATOM   833  C C   . ASP A 1 133 ? 1.834   12.182  -2.160  1.00 27.64 ? 134 ASP A C   1 
ATOM   834  O O   . ASP A 1 133 ? 2.124   13.270  -1.651  1.00 28.38 ? 134 ASP A O   1 
ATOM   835  C CB  . ASP A 1 133 ? -0.418  11.400  -1.598  1.00 26.47 ? 134 ASP A CB  1 
ATOM   836  C CG  . ASP A 1 133 ? -1.896  11.432  -1.917  1.00 27.22 ? 134 ASP A CG  1 
ATOM   837  O OD1 . ASP A 1 133 ? -2.350  12.294  -2.706  1.00 29.68 ? 134 ASP A OD1 1 
ATOM   838  O OD2 . ASP A 1 133 ? -2.613  10.589  -1.342  1.00 31.86 ? 134 ASP A OD2 1 
ATOM   839  N N   . ILE A 1 134 ? 2.665   11.144  -2.166  1.00 25.48 ? 135 ILE A N   1 
ATOM   840  C CA  . ILE A 1 134 ? 3.955   11.173  -1.487  1.00 28.64 ? 135 ILE A CA  1 
ATOM   841  C C   . ILE A 1 134 ? 4.918   10.379  -2.337  1.00 31.58 ? 135 ILE A C   1 
ATOM   842  O O   . ILE A 1 134 ? 4.563   9.331   -2.868  1.00 26.22 ? 135 ILE A O   1 
ATOM   843  C CB  . ILE A 1 134 ? 3.902   10.456  -0.115  1.00 27.57 ? 135 ILE A CB  1 
ATOM   844  C CG1 . ILE A 1 134 ? 2.715   10.917  0.722   1.00 33.52 ? 135 ILE A CG1 1 
ATOM   845  C CG2 . ILE A 1 134 ? 5.216   10.643  0.647   1.00 30.23 ? 135 ILE A CG2 1 
ATOM   846  C CD1 . ILE A 1 134 ? 2.536   10.122  1.995   1.00 33.41 ? 135 ILE A CD1 1 
ATOM   847  N N   . LEU A 1 135 ? 6.134   10.875  -2.492  1.00 31.41 ? 136 LEU A N   1 
ATOM   848  C CA  . LEU A 1 135 ? 7.179   10.079  -3.122  1.00 29.86 ? 136 LEU A CA  1 
ATOM   849  C C   . LEU A 1 135 ? 8.491   10.523  -2.518  1.00 33.74 ? 136 LEU A C   1 
ATOM   850  O O   . LEU A 1 135 ? 8.976   11.617  -2.819  1.00 37.89 ? 136 LEU A O   1 
ATOM   851  C CB  . LEU A 1 135 ? 7.199   10.283  -4.636  1.00 32.02 ? 136 LEU A CB  1 
ATOM   852  C CG  . LEU A 1 135 ? 8.313   9.502   -5.342  1.00 41.86 ? 136 LEU A CG  1 
ATOM   853  C CD1 . LEU A 1 135 ? 8.048   8.005   -5.227  1.00 37.35 ? 136 LEU A CD1 1 
ATOM   854  C CD2 . LEU A 1 135 ? 8.459   9.922   -6.799  1.00 43.36 ? 136 LEU A CD2 1 
ATOM   855  N N   . ASP A 1 136 ? 9.043   9.698   -1.634  1.00 29.24 ? 137 ASP A N   1 
ATOM   856  C CA  . ASP A 1 136 ? 10.292  10.026  -0.951  1.00 28.93 ? 137 ASP A CA  1 
ATOM   857  C C   . ASP A 1 136 ? 11.294  8.914   -1.226  1.00 31.02 ? 137 ASP A C   1 
ATOM   858  O O   . ASP A 1 136 ? 11.281  7.862   -0.568  1.00 29.98 ? 137 ASP A O   1 
ATOM   859  C CB  . ASP A 1 136 ? 10.057  10.196  0.552   1.00 32.79 ? 137 ASP A CB  1 
ATOM   860  C CG  . ASP A 1 136 ? 11.292  10.702  1.295   1.00 34.86 ? 137 ASP A CG  1 
ATOM   861  O OD1 . ASP A 1 136 ? 12.435  10.426  0.860   1.00 34.94 ? 137 ASP A OD1 1 
ATOM   862  O OD2 . ASP A 1 136 ? 11.116  11.372  2.334   1.00 36.52 ? 137 ASP A OD2 1 
ATOM   863  N N   . ASP A 1 137 ? 12.163  9.159   -2.204  1.00 32.50 ? 138 ASP A N   1 
ATOM   864  C CA  . ASP A 1 137 ? 13.140  8.171   -2.639  1.00 32.35 ? 138 ASP A CA  1 
ATOM   865  C C   . ASP A 1 137 ? 14.247  7.915   -1.638  1.00 36.74 ? 138 ASP A C   1 
ATOM   866  O O   . ASP A 1 137 ? 14.967  6.921   -1.742  1.00 38.09 ? 138 ASP A O   1 
ATOM   867  C CB  . ASP A 1 137 ? 13.756  8.582   -3.980  1.00 38.55 ? 138 ASP A CB  1 
ATOM   868  C CG  . ASP A 1 137 ? 12.857  8.267   -5.148  1.00 35.57 ? 138 ASP A CG  1 
ATOM   869  O OD1 . ASP A 1 137 ? 12.171  7.221   -5.109  1.00 33.54 ? 138 ASP A OD1 1 
ATOM   870  O OD2 . ASP A 1 137 ? 12.830  9.060   -6.110  1.00 39.31 ? 138 ASP A OD2 1 
ATOM   871  N N   . ASP A 1 138 ? 14.403  8.808   -0.671  1.00 35.78 ? 139 ASP A N   1 
ATOM   872  C CA  . ASP A 1 138 ? 15.466  8.635   0.308   1.00 36.86 ? 139 ASP A CA  1 
ATOM   873  C C   . ASP A 1 138 ? 14.980  7.833   1.501   1.00 36.83 ? 139 ASP A C   1 
ATOM   874  O O   . ASP A 1 138 ? 15.718  7.014   2.053   1.00 34.78 ? 139 ASP A O   1 
ATOM   875  C CB  . ASP A 1 138 ? 16.023  9.991   0.756   1.00 39.63 ? 139 ASP A CB  1 
ATOM   876  C CG  . ASP A 1 138 ? 16.816  10.681  -0.341  1.00 47.27 ? 139 ASP A CG  1 
ATOM   877  O OD1 . ASP A 1 138 ? 17.573  9.992   -1.065  1.00 48.85 ? 139 ASP A OD1 1 
ATOM   878  O OD2 . ASP A 1 138 ? 16.678  11.914  -0.488  1.00 52.52 ? 139 ASP A OD2 1 
ATOM   879  N N   . ARG A 1 139 ? 13.727  8.058   1.884   1.00 32.69 ? 140 ARG A N   1 
ATOM   880  C CA  . ARG A 1 139 ? 13.164  7.367   3.040   1.00 31.96 ? 140 ARG A CA  1 
ATOM   881  C C   . ARG A 1 139 ? 12.321  6.169   2.625   1.00 28.46 ? 140 ARG A C   1 
ATOM   882  O O   . ARG A 1 139 ? 11.921  5.369   3.469   1.00 30.60 ? 140 ARG A O   1 
ATOM   883  C CB  . ARG A 1 139 ? 12.369  8.339   3.902   1.00 34.75 ? 140 ARG A CB  1 
ATOM   884  C CG  . ARG A 1 139 ? 13.248  9.465   4.451   1.00 39.02 ? 140 ARG A CG  1 
ATOM   885  C CD  . ARG A 1 139 ? 12.607  10.106  5.645   1.00 41.89 ? 140 ARG A CD  1 
ATOM   886  N NE  . ARG A 1 139 ? 12.573  9.189   6.780   1.00 48.46 ? 140 ARG A NE  1 
ATOM   887  C CZ  . ARG A 1 139 ? 11.896  9.421   7.900   1.00 47.62 ? 140 ARG A CZ  1 
ATOM   888  N NH1 . ARG A 1 139 ? 11.200  10.543  8.029   1.00 47.07 ? 140 ARG A NH1 1 
ATOM   889  N NH2 . ARG A 1 139 ? 11.913  8.532   8.886   1.00 52.37 ? 140 ARG A NH2 1 
ATOM   890  N N   . HIS A 1 140 ? 12.102  6.040   1.319   1.00 25.21 ? 141 HIS A N   1 
ATOM   891  C CA  . HIS A 1 140 ? 11.347  4.923   0.734   1.00 26.60 ? 141 HIS A CA  1 
ATOM   892  C C   . HIS A 1 140 ? 9.901   4.937   1.203   1.00 24.41 ? 141 HIS A C   1 
ATOM   893  O O   . HIS A 1 140 ? 9.385   3.961   1.765   1.00 23.88 ? 141 HIS A O   1 
ATOM   894  C CB  . HIS A 1 140 ? 12.015  3.564   0.994   1.00 27.74 ? 141 HIS A CB  1 
ATOM   895  C CG  . HIS A 1 140 ? 13.484  3.548   0.692   1.00 29.34 ? 141 HIS A CG  1 
ATOM   896  N ND1 . HIS A 1 140 ? 14.446  3.503   1.679   1.00 33.47 ? 141 HIS A ND1 1 
ATOM   897  C CD2 . HIS A 1 140 ? 14.154  3.580   -0.486  1.00 29.42 ? 141 HIS A CD2 1 
ATOM   898  C CE1 . HIS A 1 140 ? 15.645  3.504   1.122   1.00 31.81 ? 141 HIS A CE1 1 
ATOM   899  N NE2 . HIS A 1 140 ? 15.496  3.551   -0.190  1.00 31.85 ? 141 HIS A NE2 1 
ATOM   900  N N   . VAL A 1 141 ? 9.260   6.073   0.979   1.00 23.84 ? 142 VAL A N   1 
ATOM   901  C CA  . VAL A 1 141 ? 7.839   6.227   1.278   1.00 23.11 ? 142 VAL A CA  1 
ATOM   902  C C   . VAL A 1 141 ? 7.097   6.703   0.057   1.00 24.24 ? 142 VAL A C   1 
ATOM   903  O O   . VAL A 1 141 ? 7.527   7.637   -0.621  1.00 24.22 ? 142 VAL A O   1 
ATOM   904  C CB  . VAL A 1 141 ? 7.618   7.284   2.373   1.00 25.36 ? 142 VAL A CB  1 
ATOM   905  C CG1 . VAL A 1 141 ? 6.141   7.314   2.790   1.00 24.87 ? 142 VAL A CG1 1 
ATOM   906  C CG2 . VAL A 1 141 ? 8.530   7.012   3.563   1.00 25.99 ? 142 VAL A CG2 1 
ATOM   907  N N   . THR A 1 142 ? 5.954   6.084   -0.224  1.00 22.71 ? 143 THR A N   1 
ATOM   908  C CA  . THR A 1 142 ? 5.095   6.611   -1.252  1.00 24.56 ? 143 THR A CA  1 
ATOM   909  C C   . THR A 1 142 ? 3.651   6.416   -0.805  1.00 24.15 ? 143 THR A C   1 
ATOM   910  O O   . THR A 1 142 ? 3.388   5.709   0.168   1.00 23.12 ? 143 THR A O   1 
ATOM   911  C CB  . THR A 1 142 ? 5.364   5.946   -2.615  1.00 24.29 ? 143 THR A CB  1 
ATOM   912  O OG1 . THR A 1 142 ? 4.601   6.617   -3.627  1.00 25.02 ? 143 THR A OG1 1 
ATOM   913  C CG2 . THR A 1 142 ? 4.971   4.482   -2.573  1.00 24.85 ? 143 THR A CG2 1 
ATOM   914  N N   . GLY A 1 143 ? 2.718   7.060   -1.485  1.00 23.40 ? 144 GLY A N   1 
ATOM   915  C CA  . GLY A 1 143 ? 1.328   6.939   -1.094  1.00 24.20 ? 144 GLY A CA  1 
ATOM   916  C C   . GLY A 1 143 ? 0.432   7.553   -2.137  1.00 21.35 ? 144 GLY A C   1 
ATOM   917  O O   . GLY A 1 143 ? 0.876   8.393   -2.917  1.00 24.70 ? 144 GLY A O   1 
ATOM   918  N N   . PHE A 1 144 ? -0.833  7.144   -2.152  1.00 20.18 ? 145 PHE A N   1 
ATOM   919  C CA  . PHE A 1 144 ? -1.763  7.645   -3.143  1.00 22.27 ? 145 PHE A CA  1 
ATOM   920  C C   . PHE A 1 144 ? -3.160  7.695   -2.563  1.00 21.33 ? 145 PHE A C   1 
ATOM   921  O O   . PHE A 1 144 ? -3.425  7.133   -1.501  1.00 21.45 ? 145 PHE A O   1 
ATOM   922  C CB  . PHE A 1 144 ? -1.750  6.760   -4.404  1.00 22.21 ? 145 PHE A CB  1 
ATOM   923  C CG  . PHE A 1 144 ? -2.428  5.421   -4.219  1.00 22.46 ? 145 PHE A CG  1 
ATOM   924  C CD1 . PHE A 1 144 ? -3.746  5.226   -4.622  1.00 20.13 ? 145 PHE A CD1 1 
ATOM   925  C CD2 . PHE A 1 144 ? -1.741  4.352   -3.645  1.00 23.27 ? 145 PHE A CD2 1 
ATOM   926  C CE1 . PHE A 1 144 ? -4.378  3.996   -4.440  1.00 23.15 ? 145 PHE A CE1 1 
ATOM   927  C CE2 . PHE A 1 144 ? -2.358  3.129   -3.463  1.00 21.86 ? 145 PHE A CE2 1 
ATOM   928  C CZ  . PHE A 1 144 ? -3.675  2.939   -3.872  1.00 21.70 ? 145 PHE A CZ  1 
ATOM   929  N N   . SER A 1 145 ? -4.053  8.388   -3.261  1.00 23.88 ? 146 SER A N   1 
ATOM   930  C CA  . SER A 1 145 ? -5.461  8.396   -2.896  1.00 20.70 ? 146 SER A CA  1 
ATOM   931  C C   . SER A 1 145 ? -6.316  8.149   -4.123  1.00 19.73 ? 146 SER A C   1 
ATOM   932  O O   . SER A 1 145 ? -5.971  8.541   -5.250  1.00 22.16 ? 146 SER A O   1 
ATOM   933  C CB  . SER A 1 145 ? -5.844  9.734   -2.245  1.00 30.88 ? 146 SER A CB  1 
ATOM   934  O OG  . SER A 1 145 ? -5.238  10.783  -2.958  1.00 35.05 ? 146 SER A OG  1 
ATOM   935  N N   . ILE A 1 146 ? -7.436  7.484   -3.909  1.00 20.78 ? 147 ILE A N   1 
ATOM   936  C CA  . ILE A 1 146 ? -8.388  7.301   -4.993  1.00 22.42 ? 147 ILE A CA  1 
ATOM   937  C C   . ILE A 1 146 ? -9.306  8.511   -4.937  1.00 24.22 ? 147 ILE A C   1 
ATOM   938  O O   . ILE A 1 146 ? -10.032 8.700   -3.961  1.00 24.95 ? 147 ILE A O   1 
ATOM   939  C CB  . ILE A 1 146 ? -9.199  6.036   -4.797  1.00 23.01 ? 147 ILE A CB  1 
ATOM   940  C CG1 . ILE A 1 146 ? -8.241  4.828   -4.704  1.00 23.89 ? 147 ILE A CG1 1 
ATOM   941  C CG2 . ILE A 1 146 ? -10.205 5.863   -5.938  1.00 26.20 ? 147 ILE A CG2 1 
ATOM   942  C CD1 . ILE A 1 146 ? -8.962  3.491   -4.631  1.00 28.36 ? 147 ILE A CD1 1 
ATOM   943  N N   . ILE A 1 147 ? -9.272  9.334   -5.975  1.00 24.22 ? 148 ILE A N   1 
ATOM   944  C CA  . ILE A 1 147 ? -10.051 10.573  -5.935  1.00 25.36 ? 148 ILE A CA  1 
ATOM   945  C C   . ILE A 1 147 ? -11.376 10.463  -6.669  1.00 28.02 ? 148 ILE A C   1 
ATOM   946  O O   . ILE A 1 147 ? -12.233 11.339  -6.544  1.00 27.53 ? 148 ILE A O   1 
ATOM   947  C CB  . ILE A 1 147 ? -9.238  11.783  -6.439  1.00 29.64 ? 148 ILE A CB  1 
ATOM   948  C CG1 . ILE A 1 147 ? -8.872  11.620  -7.915  1.00 28.95 ? 148 ILE A CG1 1 
ATOM   949  C CG2 . ILE A 1 147 ? -7.977  11.986  -5.575  1.00 29.14 ? 148 ILE A CG2 1 
ATOM   950  C CD1 . ILE A 1 147 ? -7.885  12.662  -8.405  1.00 35.26 ? 148 ILE A CD1 1 
ATOM   951  N N   . GLY A 1 148 ? -11.565 9.390   -7.428  1.00 26.09 ? 149 GLY A N   1 
ATOM   952  C CA  . GLY A 1 148 ? -12.845 9.194   -8.088  1.00 29.10 ? 149 GLY A CA  1 
ATOM   953  C C   . GLY A 1 148 ? -12.946 7.853   -8.788  1.00 32.26 ? 149 GLY A C   1 
ATOM   954  O O   . GLY A 1 148 ? -11.939 7.187   -9.013  1.00 29.08 ? 149 GLY A O   1 
ATOM   955  N N   . GLY A 1 149 ? -14.168 7.451   -9.125  1.00 35.43 ? 150 GLY A N   1 
ATOM   956  C CA  . GLY A 1 149 ? -14.376 6.267   -9.941  1.00 36.10 ? 150 GLY A CA  1 
ATOM   957  C C   . GLY A 1 149 ? -14.393 4.938   -9.199  1.00 39.90 ? 150 GLY A C   1 
ATOM   958  O O   . GLY A 1 149 ? -14.551 3.882   -9.808  1.00 38.99 ? 150 GLY A O   1 
ATOM   959  N N   . GLU A 1 150 ? -14.237 4.974   -7.883  1.00 36.24 ? 151 GLU A N   1 
ATOM   960  C CA  . GLU A 1 150 ? -14.273 3.746   -7.093  1.00 41.13 ? 151 GLU A CA  1 
ATOM   961  C C   . GLU A 1 150 ? -15.446 3.802   -6.117  1.00 46.10 ? 151 GLU A C   1 
ATOM   962  O O   . GLU A 1 150 ? -15.586 4.762   -5.354  1.00 50.83 ? 151 GLU A O   1 
ATOM   963  C CB  . GLU A 1 150 ? -12.934 3.539   -6.378  1.00 45.35 ? 151 GLU A CB  1 
ATOM   964  C CG  . GLU A 1 150 ? -12.893 2.426   -5.341  1.00 44.00 ? 151 GLU A CG  1 
ATOM   965  C CD  . GLU A 1 150 ? -13.052 1.040   -5.926  1.00 45.64 ? 151 GLU A CD  1 
ATOM   966  O OE1 . GLU A 1 150 ? -14.140 0.447   -5.755  1.00 49.99 ? 151 GLU A OE1 1 
ATOM   967  O OE2 . GLU A 1 150 ? -12.092 0.528   -6.543  1.00 48.20 ? 151 GLU A OE2 1 
ATOM   968  N N   . HIS A 1 151 ? -16.316 2.796   -6.161  1.00 39.37 ? 152 HIS A N   1 
ATOM   969  C CA  . HIS A 1 151 ? -17.489 2.794   -5.286  1.00 48.41 ? 152 HIS A CA  1 
ATOM   970  C C   . HIS A 1 151 ? -17.315 1.918   -4.039  1.00 42.22 ? 152 HIS A C   1 
ATOM   971  O O   . HIS A 1 151 ? -17.892 2.217   -2.986  1.00 43.83 ? 152 HIS A O   1 
ATOM   972  C CB  . HIS A 1 151 ? -18.755 2.401   -6.061  1.00 50.96 ? 152 HIS A CB  1 
ATOM   973  C CG  . HIS A 1 151 ? -19.982 3.146   -5.633  1.00 63.94 ? 152 HIS A CG  1 
ATOM   974  N ND1 . HIS A 1 151 ? -20.043 4.524   -5.603  1.00 63.19 ? 152 HIS A ND1 1 
ATOM   975  C CD2 . HIS A 1 151 ? -21.196 2.708   -5.220  1.00 65.61 ? 152 HIS A CD2 1 
ATOM   976  C CE1 . HIS A 1 151 ? -21.239 4.901   -5.187  1.00 64.63 ? 152 HIS A CE1 1 
ATOM   977  N NE2 . HIS A 1 151 ? -21.958 3.818   -4.948  1.00 66.59 ? 152 HIS A NE2 1 
ATOM   978  N N   . ARG A 1 152 ? -16.529 0.848   -4.153  1.00 37.98 ? 153 ARG A N   1 
ATOM   979  C CA  . ARG A 1 152 ? -16.268 -0.026  -3.009  1.00 35.83 ? 153 ARG A CA  1 
ATOM   980  C C   . ARG A 1 152 ? -15.321 0.645   -2.018  1.00 37.64 ? 153 ARG A C   1 
ATOM   981  O O   . ARG A 1 152 ? -15.437 0.460   -0.802  1.00 39.08 ? 153 ARG A O   1 
ATOM   982  C CB  . ARG A 1 152 ? -15.651 -1.357  -3.468  1.00 41.84 ? 153 ARG A CB  1 
ATOM   983  C CG  . ARG A 1 152 ? -16.588 -2.268  -4.253  1.00 42.42 ? 153 ARG A CG  1 
ATOM   984  C CD  . ARG A 1 152 ? -15.812 -3.428  -4.887  1.00 49.53 ? 153 ARG A CD  1 
ATOM   985  N NE  . ARG A 1 152 ? -14.825 -2.953  -5.857  1.00 48.19 ? 153 ARG A NE  1 
ATOM   986  C CZ  . ARG A 1 152 ? -13.959 -3.732  -6.501  1.00 48.16 ? 153 ARG A CZ  1 
ATOM   987  N NH1 . ARG A 1 152 ? -13.948 -5.042  -6.288  1.00 47.14 ? 153 ARG A NH1 1 
ATOM   988  N NH2 . ARG A 1 152 ? -13.099 -3.196  -7.360  1.00 48.33 ? 153 ARG A NH2 1 
ATOM   989  N N   . LEU A 1 153 ? -14.386 1.432   -2.539  1.00 32.77 ? 154 LEU A N   1 
ATOM   990  C CA  . LEU A 1 153 ? -13.351 2.035   -1.704  1.00 28.52 ? 154 LEU A CA  1 
ATOM   991  C C   . LEU A 1 153 ? -13.308 3.545   -1.902  1.00 31.81 ? 154 LEU A C   1 
ATOM   992  O O   . LEU A 1 153 ? -12.284 4.091   -2.341  1.00 28.98 ? 154 LEU A O   1 
ATOM   993  C CB  . LEU A 1 153 ? -11.983 1.417   -2.026  1.00 32.87 ? 154 LEU A CB  1 
ATOM   994  C CG  . LEU A 1 153 ? -11.896 -0.109  -1.913  1.00 31.74 ? 154 LEU A CG  1 
ATOM   995  C CD1 . LEU A 1 153 ? -10.541 -0.637  -2.384  1.00 32.65 ? 154 LEU A CD1 1 
ATOM   996  C CD2 . LEU A 1 153 ? -12.175 -0.534  -0.476  1.00 28.44 ? 154 LEU A CD2 1 
ATOM   997  N N   . ARG A 1 154 ? -14.423 4.214   -1.588  1.00 28.75 ? 155 ARG A N   1 
ATOM   998  C CA  . ARG A 1 154 ? -14.516 5.680   -1.657  1.00 28.94 ? 155 ARG A CA  1 
ATOM   999  C C   . ARG A 1 154 ? -13.532 6.351   -0.710  1.00 26.33 ? 155 ARG A C   1 
ATOM   1000 O O   . ARG A 1 154 ? -13.422 5.978   0.480   1.00 23.80 ? 155 ARG A O   1 
ATOM   1001 C CB  . ARG A 1 154 ? -15.940 6.160   -1.329  1.00 33.89 ? 155 ARG A CB  1 
ATOM   1002 C CG  . ARG A 1 154 ? -16.630 6.913   -2.482  1.00 45.52 ? 155 ARG A CG  1 
ATOM   1003 C CD  . ARG A 1 154 ? -18.124 7.172   -2.208  1.00 54.15 ? 155 ARG A CD  1 
ATOM   1004 N NE  . ARG A 1 154 ? -18.813 7.773   -3.361  1.00 63.40 ? 155 ARG A NE  1 
ATOM   1005 C CZ  . ARG A 1 154 ? -20.118 8.054   -3.414  1.00 58.22 ? 155 ARG A CZ  1 
ATOM   1006 N NH1 . ARG A 1 154 ? -20.911 7.786   -2.382  1.00 53.99 ? 155 ARG A NH1 1 
ATOM   1007 N NH2 . ARG A 1 154 ? -20.636 8.604   -4.505  1.00 53.67 ? 155 ARG A NH2 1 
ATOM   1008 N N   . ASN A 1 155 ? -12.816 7.336   -1.239  1.00 24.65 ? 156 ASN A N   1 
ATOM   1009 C CA  . ASN A 1 155 ? -11.860 8.104   -0.441  1.00 25.59 ? 156 ASN A CA  1 
ATOM   1010 C C   . ASN A 1 155 ? -10.779 7.251   0.204   1.00 25.22 ? 156 ASN A C   1 
ATOM   1011 O O   . ASN A 1 155 ? -10.281 7.576   1.280   1.00 26.20 ? 156 ASN A O   1 
ATOM   1012 C CB  . ASN A 1 155 ? -12.588 8.928   0.622   1.00 24.83 ? 156 ASN A CB  1 
ATOM   1013 C CG  . ASN A 1 155 ? -13.525 9.930   0.003   1.00 29.32 ? 156 ASN A CG  1 
ATOM   1014 O OD1 . ASN A 1 155 ? -13.145 10.649  -0.923  1.00 27.83 ? 156 ASN A OD1 1 
ATOM   1015 N ND2 . ASN A 1 155 ? -14.761 9.966   0.485   1.00 25.40 ? 156 ASN A ND2 1 
ATOM   1016 N N   . TYR A 1 156 ? -10.448 6.156   -0.461  1.00 25.59 ? 157 TYR A N   1 
ATOM   1017 C CA  . TYR A 1 156 ? -9.303  5.332   -0.089  1.00 23.57 ? 157 TYR A CA  1 
ATOM   1018 C C   . TYR A 1 156 ? -8.041  6.179   -0.176  1.00 24.10 ? 157 TYR A C   1 
ATOM   1019 O O   . TYR A 1 156 ? -7.790  6.847   -1.186  1.00 25.65 ? 157 TYR A O   1 
ATOM   1020 C CB  . TYR A 1 156 ? -9.227  4.176   -1.073  1.00 24.27 ? 157 TYR A CB  1 
ATOM   1021 C CG  . TYR A 1 156 ? -8.256  3.057   -0.737  1.00 23.00 ? 157 TYR A CG  1 
ATOM   1022 C CD1 . TYR A 1 156 ? -8.657  1.997   0.059   1.00 25.18 ? 157 TYR A CD1 1 
ATOM   1023 C CD2 . TYR A 1 156 ? -6.967  3.035   -1.266  1.00 23.32 ? 157 TYR A CD2 1 
ATOM   1024 C CE1 . TYR A 1 156 ? -7.796  0.946   0.349   1.00 24.25 ? 157 TYR A CE1 1 
ATOM   1025 C CE2 . TYR A 1 156 ? -6.085  1.969   -0.983  1.00 22.18 ? 157 TYR A CE2 1 
ATOM   1026 C CZ  . TYR A 1 156 ? -6.521  0.941   -0.171  1.00 23.22 ? 157 TYR A CZ  1 
ATOM   1027 O OH  . TYR A 1 156 ? -5.692  -0.127  0.128   1.00 25.29 ? 157 TYR A OH  1 
ATOM   1028 N N   . ARG A 1 157 ? -7.243  6.149   0.883   1.00 25.61 ? 158 ARG A N   1 
ATOM   1029 C CA  . ARG A 1 157 ? -5.934  6.794   0.869   1.00 22.10 ? 158 ARG A CA  1 
ATOM   1030 C C   . ARG A 1 157 ? -4.965  5.789   1.480   1.00 24.83 ? 158 ARG A C   1 
ATOM   1031 O O   . ARG A 1 157 ? -5.293  5.133   2.461   1.00 23.82 ? 158 ARG A O   1 
ATOM   1032 C CB  . ARG A 1 157 ? -5.975  8.096   1.662   1.00 27.92 ? 158 ARG A CB  1 
ATOM   1033 C CG  . ARG A 1 157 ? -4.778  8.995   1.435   1.00 33.95 ? 158 ARG A CG  1 
ATOM   1034 C CD  . ARG A 1 157 ? -5.033  10.397  2.011   1.00 40.40 ? 158 ARG A CD  1 
ATOM   1035 N NE  . ARG A 1 157 ? -4.983  10.431  3.476   1.00 49.88 ? 158 ARG A NE  1 
ATOM   1036 C CZ  . ARG A 1 157 ? -6.047  10.571  4.268   1.00 53.61 ? 158 ARG A CZ  1 
ATOM   1037 N NH1 . ARG A 1 157 ? -7.261  10.688  3.745   1.00 49.77 ? 158 ARG A NH1 1 
ATOM   1038 N NH2 . ARG A 1 157 ? -5.895  10.597  5.590   1.00 45.75 ? 158 ARG A NH2 1 
ATOM   1039 N N   . SER A 1 158 ? -3.767  5.681   0.914   1.00 22.63 ? 159 SER A N   1 
ATOM   1040 C CA  . SER A 1 158 ? -2.860  4.612   1.312   1.00 22.17 ? 159 SER A CA  1 
ATOM   1041 C C   . SER A 1 158 ? -1.399  5.079   1.321   1.00 19.17 ? 159 SER A C   1 
ATOM   1042 O O   . SER A 1 158 ? -1.026  5.967   0.563   1.00 21.45 ? 159 SER A O   1 
ATOM   1043 C CB  . SER A 1 158 ? -3.042  3.434   0.349   1.00 23.34 ? 159 SER A CB  1 
ATOM   1044 O OG  . SER A 1 158 ? -2.113  2.386   0.604   1.00 24.88 ? 159 SER A OG  1 
ATOM   1045 N N   . VAL A 1 159 ? -0.579  4.461   2.169   1.00 20.10 ? 160 VAL A N   1 
ATOM   1046 C CA  . VAL A 1 159 ? 0.858   4.770   2.235   1.00 21.53 ? 160 VAL A CA  1 
ATOM   1047 C C   . VAL A 1 159 ? 1.619   3.463   2.262   1.00 20.35 ? 160 VAL A C   1 
ATOM   1048 O O   . VAL A 1 159 ? 1.198   2.506   2.932   1.00 20.92 ? 160 VAL A O   1 
ATOM   1049 C CB  . VAL A 1 159 ? 1.216   5.578   3.502   1.00 21.16 ? 160 VAL A CB  1 
ATOM   1050 C CG1 . VAL A 1 159 ? 2.747   5.751   3.630   1.00 23.04 ? 160 VAL A CG1 1 
ATOM   1051 C CG2 . VAL A 1 159 ? 0.536   6.938   3.472   1.00 23.98 ? 160 VAL A CG2 1 
ATOM   1052 N N   . THR A 1 160 ? 2.706   3.395   1.501   1.00 19.88 ? 161 THR A N   1 
ATOM   1053 C CA  . THR A 1 160 ? 3.560   2.212   1.515   1.00 19.40 ? 161 THR A CA  1 
ATOM   1054 C C   . THR A 1 160 ? 4.950   2.644   1.926   1.00 21.32 ? 161 THR A C   1 
ATOM   1055 O O   . THR A 1 160 ? 5.495   3.608   1.370   1.00 21.32 ? 161 THR A O   1 
ATOM   1056 C CB  . THR A 1 160 ? 3.608   1.539   0.123   1.00 20.47 ? 161 THR A CB  1 
ATOM   1057 O OG1 . THR A 1 160 ? 2.288   1.122   -0.234  1.00 20.38 ? 161 THR A OG1 1 
ATOM   1058 C CG2 . THR A 1 160 ? 4.531   0.294   0.131   1.00 22.28 ? 161 THR A CG2 1 
ATOM   1059 N N   . THR A 1 161 ? 5.532   1.935   2.896   1.00 19.93 ? 162 THR A N   1 
ATOM   1060 C CA  . THR A 1 161 ? 6.932   2.188   3.254   1.00 22.57 ? 162 THR A CA  1 
ATOM   1061 C C   . THR A 1 161 ? 7.773   0.915   3.174   1.00 20.60 ? 162 THR A C   1 
ATOM   1062 O O   . THR A 1 161 ? 7.258   -0.200  3.319   1.00 22.26 ? 162 THR A O   1 
ATOM   1063 C CB  . THR A 1 161 ? 7.081   2.820   4.648   1.00 20.46 ? 162 THR A CB  1 
ATOM   1064 O OG1 . THR A 1 161 ? 6.487   1.966   5.639   1.00 19.88 ? 162 THR A OG1 1 
ATOM   1065 C CG2 . THR A 1 161 ? 6.427   4.175   4.694   1.00 21.24 ? 162 THR A CG2 1 
ATOM   1066 N N   . VAL A 1 162 ? 9.073   1.090   2.939   1.00 22.62 ? 163 VAL A N   1 
ATOM   1067 C CA  . VAL A 1 162 ? 9.971   -0.043  2.724   1.00 22.47 ? 163 VAL A CA  1 
ATOM   1068 C C   . VAL A 1 162 ? 11.132  0.090   3.681   1.00 24.83 ? 163 VAL A C   1 
ATOM   1069 O O   . VAL A 1 162 ? 11.674  1.189   3.858   1.00 24.76 ? 163 VAL A O   1 
ATOM   1070 C CB  . VAL A 1 162 ? 10.493  -0.081  1.272   1.00 22.24 ? 163 VAL A CB  1 
ATOM   1071 C CG1 . VAL A 1 162 ? 11.304  -1.344  1.039   1.00 24.65 ? 163 VAL A CG1 1 
ATOM   1072 C CG2 . VAL A 1 162 ? 9.329   -0.032  0.277   1.00 26.40 ? 163 VAL A CG2 1 
ATOM   1073 N N   . HIS A 1 163 ? 11.520  -1.021  4.303   1.00 23.02 ? 164 HIS A N   1 
ATOM   1074 C CA  . HIS A 1 163 ? 12.496  -0.957  5.389   1.00 24.46 ? 164 HIS A CA  1 
ATOM   1075 C C   . HIS A 1 163 ? 13.491  -2.100  5.319   1.00 25.32 ? 164 HIS A C   1 
ATOM   1076 O O   . HIS A 1 163 ? 13.109  -3.256  5.104   1.00 25.77 ? 164 HIS A O   1 
ATOM   1077 C CB  . HIS A 1 163 ? 11.773  -1.047  6.724   1.00 24.96 ? 164 HIS A CB  1 
ATOM   1078 C CG  . HIS A 1 163 ? 10.640  -0.081  6.846   1.00 24.60 ? 164 HIS A CG  1 
ATOM   1079 N ND1 . HIS A 1 163 ? 10.801  1.175   7.388   1.00 25.15 ? 164 HIS A ND1 1 
ATOM   1080 C CD2 . HIS A 1 163 ? 9.343   -0.173  6.472   1.00 24.79 ? 164 HIS A CD2 1 
ATOM   1081 C CE1 . HIS A 1 163 ? 9.643   1.816   7.354   1.00 25.53 ? 164 HIS A CE1 1 
ATOM   1082 N NE2 . HIS A 1 163 ? 8.740   1.015   6.815   1.00 23.38 ? 164 HIS A NE2 1 
ATOM   1083 N N   . GLY A 1 164 ? 14.760  -1.769  5.543   1.00 26.04 ? 165 GLY A N   1 
ATOM   1084 C CA  . GLY A 1 164 ? 15.822  -2.761  5.524   1.00 25.78 ? 165 GLY A CA  1 
ATOM   1085 C C   . GLY A 1 164 ? 16.172  -3.280  6.896   1.00 26.97 ? 165 GLY A C   1 
ATOM   1086 O O   . GLY A 1 164 ? 16.148  -2.528  7.870   1.00 27.53 ? 165 GLY A O   1 
ATOM   1087 N N   . PHE A 1 165 ? 16.487  -4.569  6.951   1.00 28.70 ? 166 PHE A N   1 
ATOM   1088 C CA  . PHE A 1 165 ? 16.845  -5.255  8.179   1.00 31.28 ? 166 PHE A CA  1 
ATOM   1089 C C   . PHE A 1 165 ? 18.073  -6.107  7.948   1.00 33.31 ? 166 PHE A C   1 
ATOM   1090 O O   . PHE A 1 165 ? 18.317  -6.566  6.828   1.00 29.72 ? 166 PHE A O   1 
ATOM   1091 C CB  . PHE A 1 165 ? 15.719  -6.182  8.615   1.00 31.79 ? 166 PHE A CB  1 
ATOM   1092 C CG  . PHE A 1 165 ? 14.626  -5.488  9.353   1.00 31.33 ? 166 PHE A CG  1 
ATOM   1093 C CD1 . PHE A 1 165 ? 14.686  -5.357  10.730  1.00 33.28 ? 166 PHE A CD1 1 
ATOM   1094 C CD2 . PHE A 1 165 ? 13.541  -4.950  8.672   1.00 31.79 ? 166 PHE A CD2 1 
ATOM   1095 C CE1 . PHE A 1 165 ? 13.681  -4.706  11.426  1.00 34.07 ? 166 PHE A CE1 1 
ATOM   1096 C CE2 . PHE A 1 165 ? 12.533  -4.311  9.360   1.00 29.19 ? 166 PHE A CE2 1 
ATOM   1097 C CZ  . PHE A 1 165 ? 12.597  -4.187  10.738  1.00 34.80 ? 166 PHE A CZ  1 
ATOM   1098 N N   . GLU A 1 166 ? 18.815  -6.354  9.022   1.00 33.83 ? 167 GLU A N   1 
ATOM   1099 C CA  . GLU A 1 166 ? 19.993  -7.189  8.933   1.00 41.86 ? 167 GLU A CA  1 
ATOM   1100 C C   . GLU A 1 166 ? 20.165  -8.025  10.183  1.00 40.51 ? 167 GLU A C   1 
ATOM   1101 O O   . GLU A 1 166 ? 19.860  -7.579  11.294  1.00 41.04 ? 167 GLU A O   1 
ATOM   1102 C CB  . GLU A 1 166 ? 21.238  -6.320  8.731   1.00 42.39 ? 167 GLU A CB  1 
ATOM   1103 C CG  . GLU A 1 166 ? 22.530  -7.112  8.549   1.00 47.61 ? 167 GLU A CG  1 
ATOM   1104 C CD  . GLU A 1 166 ? 23.306  -7.276  9.837   1.00 48.19 ? 167 GLU A CD  1 
ATOM   1105 O OE1 . GLU A 1 166 ? 22.946  -6.628  10.847  1.00 44.72 ? 167 GLU A OE1 1 
ATOM   1106 O OE2 . GLU A 1 166 ? 24.284  -8.056  9.831   1.00 49.29 ? 167 GLU A OE2 1 
ATOM   1107 N N   . ARG A 1 167 ? 20.654  -9.246  9.992   1.00 44.51 ? 168 ARG A N   1 
ATOM   1108 C CA  . ARG A 1 167 ? 21.164  -10.041 11.101  1.00 51.71 ? 168 ARG A CA  1 
ATOM   1109 C C   . ARG A 1 167 ? 22.303  -10.915 10.589  1.00 51.39 ? 168 ARG A C   1 
ATOM   1110 O O   . ARG A 1 167 ? 22.112  -11.715 9.666   1.00 50.17 ? 168 ARG A O   1 
ATOM   1111 C CB  . ARG A 1 167 ? 20.059  -10.891 11.732  1.00 54.94 ? 168 ARG A CB  1 
ATOM   1112 C CG  . ARG A 1 167 ? 20.328  -11.296 13.178  1.00 59.48 ? 168 ARG A CG  1 
ATOM   1113 C CD  . ARG A 1 167 ? 19.112  -11.033 14.069  1.00 71.74 ? 168 ARG A CD  1 
ATOM   1114 N NE  . ARG A 1 167 ? 18.948  -12.069 15.089  1.00 83.51 ? 168 ARG A NE  1 
ATOM   1115 C CZ  . ARG A 1 167 ? 19.419  -11.991 16.330  1.00 85.15 ? 168 ARG A CZ  1 
ATOM   1116 N NH1 . ARG A 1 167 ? 20.090  -10.914 16.728  1.00 83.64 ? 168 ARG A NH1 1 
ATOM   1117 N NH2 . ARG A 1 167 ? 19.218  -12.992 17.179  1.00 83.14 ? 168 ARG A NH2 1 
ATOM   1118 N N   . ASP A 1 168 ? 23.487  -10.730 11.170  1.00 53.45 ? 169 ASP A N   1 
ATOM   1119 C CA  . ASP A 1 168 ? 24.654  -11.548 10.850  1.00 52.30 ? 169 ASP A CA  1 
ATOM   1120 C C   . ASP A 1 168 ? 24.923  -11.652 9.349   1.00 53.74 ? 169 ASP A C   1 
ATOM   1121 O O   . ASP A 1 168 ? 25.146  -12.751 8.823   1.00 51.15 ? 169 ASP A O   1 
ATOM   1122 C CB  . ASP A 1 168 ? 24.504  -12.951 11.449  1.00 56.40 ? 169 ASP A CB  1 
ATOM   1123 C CG  . ASP A 1 168 ? 24.135  -12.919 12.921  1.00 60.39 ? 169 ASP A CG  1 
ATOM   1124 O OD1 . ASP A 1 168 ? 24.299  -11.855 13.560  1.00 58.91 ? 169 ASP A OD1 1 
ATOM   1125 O OD2 . ASP A 1 168 ? 23.681  -13.962 13.442  1.00 62.00 ? 169 ASP A OD2 1 
ATOM   1126 N N   . GLY A 1 169 ? 24.881  -10.515 8.658   1.00 52.36 ? 170 GLY A N   1 
ATOM   1127 C CA  . GLY A 1 169 ? 25.188  -10.479 7.236   1.00 48.42 ? 170 GLY A CA  1 
ATOM   1128 C C   . GLY A 1 169 ? 24.020  -10.863 6.351   1.00 49.63 ? 170 GLY A C   1 
ATOM   1129 O O   . GLY A 1 169 ? 24.056  -10.663 5.126   1.00 40.59 ? 170 GLY A O   1 
ATOM   1130 N N   . GLU A 1 170 ? 22.983  -11.424 6.972   1.00 49.80 ? 171 GLU A N   1 
ATOM   1131 C CA  . GLU A 1 170 ? 21.756  -11.772 6.265   1.00 45.74 ? 171 GLU A CA  1 
ATOM   1132 C C   . GLU A 1 170 ? 20.858  -10.547 6.214   1.00 41.71 ? 171 GLU A C   1 
ATOM   1133 O O   . GLU A 1 170 ? 20.719  -9.818  7.197   1.00 38.34 ? 171 GLU A O   1 
ATOM   1134 C CB  . GLU A 1 170 ? 21.038  -12.933 6.957   1.00 51.82 ? 171 GLU A CB  1 
ATOM   1135 C CG  . GLU A 1 170 ? 20.873  -14.173 6.082   1.00 55.23 ? 171 GLU A CG  1 
ATOM   1136 C CD  . GLU A 1 170 ? 22.151  -14.561 5.363   1.00 52.31 ? 171 GLU A CD  1 
ATOM   1137 O OE1 . GLU A 1 170 ? 23.171  -14.821 6.038   1.00 61.52 ? 171 GLU A OE1 1 
ATOM   1138 O OE2 . GLU A 1 170 ? 22.135  -14.605 4.114   1.00 57.30 ? 171 GLU A OE2 1 
ATOM   1139 N N   . ILE A 1 171 ? 20.244  -10.345 5.057   1.00 41.93 ? 172 ILE A N   1 
ATOM   1140 C CA  . ILE A 1 171 ? 19.554  -9.103  4.758   1.00 39.19 ? 172 ILE A CA  1 
ATOM   1141 C C   . ILE A 1 171 ? 18.117  -9.436  4.365   1.00 30.52 ? 172 ILE A C   1 
ATOM   1142 O O   . ILE A 1 171 ? 17.863  -10.454 3.729   1.00 36.61 ? 172 ILE A O   1 
ATOM   1143 C CB  . ILE A 1 171 ? 20.312  -8.358  3.619   1.00 39.05 ? 172 ILE A CB  1 
ATOM   1144 C CG1 . ILE A 1 171 ? 20.641  -6.934  4.026   1.00 46.80 ? 172 ILE A CG1 1 
ATOM   1145 C CG2 . ILE A 1 171 ? 19.566  -8.411  2.281   1.00 45.72 ? 172 ILE A CG2 1 
ATOM   1146 C CD1 . ILE A 1 171 ? 21.387  -6.857  5.308   1.00 42.59 ? 172 ILE A CD1 1 
ATOM   1147 N N   . TRP A 1 172 ? 17.168  -8.603  4.779   1.00 32.82 ? 173 TRP A N   1 
ATOM   1148 C CA  . TRP A 1 172 ? 15.809  -8.730  4.279   1.00 26.62 ? 173 TRP A CA  1 
ATOM   1149 C C   . TRP A 1 172 ? 15.115  -7.392  4.384   1.00 24.86 ? 173 TRP A C   1 
ATOM   1150 O O   . TRP A 1 172 ? 15.654  -6.431  4.922   1.00 27.22 ? 173 TRP A O   1 
ATOM   1151 C CB  . TRP A 1 172 ? 15.002  -9.820  5.003   1.00 26.84 ? 173 TRP A CB  1 
ATOM   1152 C CG  . TRP A 1 172 ? 14.604  -9.493  6.410   1.00 30.05 ? 173 TRP A CG  1 
ATOM   1153 C CD1 . TRP A 1 172 ? 13.422  -8.933  6.829   1.00 30.45 ? 173 TRP A CD1 1 
ATOM   1154 C CD2 . TRP A 1 172 ? 15.386  -9.711  7.594   1.00 34.80 ? 173 TRP A CD2 1 
ATOM   1155 N NE1 . TRP A 1 172 ? 13.427  -8.793  8.201   1.00 32.00 ? 173 TRP A NE1 1 
ATOM   1156 C CE2 . TRP A 1 172 ? 14.615  -9.262  8.690   1.00 32.01 ? 173 TRP A CE2 1 
ATOM   1157 C CE3 . TRP A 1 172 ? 16.662  -10.241 7.830   1.00 35.02 ? 173 TRP A CE3 1 
ATOM   1158 C CZ2 . TRP A 1 172 ? 15.084  -9.325  9.999   1.00 35.65 ? 173 TRP A CZ2 1 
ATOM   1159 C CZ3 . TRP A 1 172 ? 17.124  -10.300 9.130   1.00 38.69 ? 173 TRP A CZ3 1 
ATOM   1160 C CH2 . TRP A 1 172 ? 16.338  -9.848  10.201  1.00 39.45 ? 173 TRP A CH2 1 
ATOM   1161 N N   . THR A 1 173 ? 13.904  -7.357  3.863   1.00 26.11 ? 174 THR A N   1 
ATOM   1162 C CA  . THR A 1 173 ? 13.150  -6.130  3.736   1.00 26.22 ? 174 THR A CA  1 
ATOM   1163 C C   . THR A 1 173 ? 11.773  -6.371  4.328   1.00 22.78 ? 174 THR A C   1 
ATOM   1164 O O   . THR A 1 173 ? 11.232  -7.472  4.223   1.00 23.23 ? 174 THR A O   1 
ATOM   1165 C CB  . THR A 1 173 ? 13.033  -5.754  2.242   1.00 28.47 ? 174 THR A CB  1 
ATOM   1166 O OG1 . THR A 1 173 ? 14.324  -5.361  1.755   1.00 29.63 ? 174 THR A OG1 1 
ATOM   1167 C CG2 . THR A 1 173 ? 12.032  -4.619  2.020   1.00 27.33 ? 174 THR A CG2 1 
ATOM   1168 N N   . VAL A 1 174 ? 11.227  -5.355  4.980   1.00 22.04 ? 175 VAL A N   1 
ATOM   1169 C CA  . VAL A 1 174 ? 9.822   -5.376  5.371   1.00 24.65 ? 175 VAL A CA  1 
ATOM   1170 C C   . VAL A 1 174 ? 9.119   -4.266  4.602   1.00 20.38 ? 175 VAL A C   1 
ATOM   1171 O O   . VAL A 1 174 ? 9.635   -3.148  4.493   1.00 22.12 ? 175 VAL A O   1 
ATOM   1172 C CB  . VAL A 1 174 ? 9.658   -5.165  6.887   1.00 25.03 ? 175 VAL A CB  1 
ATOM   1173 C CG1 . VAL A 1 174 ? 8.182   -4.883  7.247   1.00 27.36 ? 175 VAL A CG1 1 
ATOM   1174 C CG2 . VAL A 1 174 ? 10.172  -6.384  7.646   1.00 27.26 ? 175 VAL A CG2 1 
ATOM   1175 N N   . VAL A 1 175 ? 7.944   -4.584  4.069   1.00 20.61 ? 176 VAL A N   1 
ATOM   1176 C CA  . VAL A 1 175 ? 7.105   -3.588  3.436   1.00 19.86 ? 176 VAL A CA  1 
ATOM   1177 C C   . VAL A 1 175 ? 5.882   -3.396  4.313   1.00 19.38 ? 176 VAL A C   1 
ATOM   1178 O O   . VAL A 1 175 ? 5.241   -4.378  4.701   1.00 20.42 ? 176 VAL A O   1 
ATOM   1179 C CB  . VAL A 1 175 ? 6.666   -4.041  2.037   1.00 21.42 ? 176 VAL A CB  1 
ATOM   1180 C CG1 . VAL A 1 175 ? 5.591   -3.084  1.472   1.00 19.65 ? 176 VAL A CG1 1 
ATOM   1181 C CG2 . VAL A 1 175 ? 7.856   -4.102  1.114   1.00 21.15 ? 176 VAL A CG2 1 
ATOM   1182 N N   . LEU A 1 176 ? 5.560   -2.135  4.631   1.00 18.92 ? 177 LEU A N   1 
ATOM   1183 C CA  . LEU A 1 176 ? 4.360   -1.811  5.369   1.00 22.34 ? 177 LEU A CA  1 
ATOM   1184 C C   . LEU A 1 176 ? 3.414   -1.063  4.451   1.00 20.25 ? 177 LEU A C   1 
ATOM   1185 O O   . LEU A 1 176 ? 3.811   -0.105  3.778   1.00 21.69 ? 177 LEU A O   1 
ATOM   1186 C CB  . LEU A 1 176 ? 4.682   -0.912  6.572   1.00 19.60 ? 177 LEU A CB  1 
ATOM   1187 C CG  . LEU A 1 176 ? 5.576   -1.527  7.645   1.00 23.83 ? 177 LEU A CG  1 
ATOM   1188 C CD1 . LEU A 1 176 ? 5.839   -0.509  8.740   1.00 24.93 ? 177 LEU A CD1 1 
ATOM   1189 C CD2 . LEU A 1 176 ? 4.946   -2.783  8.224   1.00 22.68 ? 177 LEU A CD2 1 
ATOM   1190 N N   . GLU A 1 177 ? 2.159   -1.489  4.422   1.00 20.46 ? 178 GLU A N   1 
ATOM   1191 C CA  . GLU A 1 177 ? 1.158   -0.782  3.631   1.00 21.05 ? 178 GLU A CA  1 
ATOM   1192 C C   . GLU A 1 177 ? -0.098  -0.584  4.456   1.00 21.06 ? 178 GLU A C   1 
ATOM   1193 O O   . GLU A 1 177 ? -0.663  -1.537  4.993   1.00 20.93 ? 178 GLU A O   1 
ATOM   1194 C CB  . GLU A 1 177 ? 0.834   -1.538  2.343   1.00 19.71 ? 178 GLU A CB  1 
ATOM   1195 C CG  . GLU A 1 177 ? -0.139  -0.800  1.395   1.00 21.19 ? 178 GLU A CG  1 
ATOM   1196 C CD  . GLU A 1 177 ? -0.305  -1.570  0.080   1.00 29.90 ? 178 GLU A CD  1 
ATOM   1197 O OE1 . GLU A 1 177 ? 0.561   -2.414  -0.208  1.00 36.87 ? 178 GLU A OE1 1 
ATOM   1198 O OE2 . GLU A 1 177 ? -1.288  -1.356  -0.650  1.00 29.35 ? 178 GLU A OE2 1 
ATOM   1199 N N   . SER A 1 178 ? -0.535  0.663   4.557   1.00 20.07 ? 179 SER A N   1 
ATOM   1200 C CA  . SER A 1 178 ? -1.735  0.976   5.324   1.00 21.46 ? 179 SER A CA  1 
ATOM   1201 C C   . SER A 1 178 ? -2.723  1.714   4.446   1.00 21.31 ? 179 SER A C   1 
ATOM   1202 O O   . SER A 1 178 ? -2.362  2.209   3.379   1.00 21.10 ? 179 SER A O   1 
ATOM   1203 C CB  . SER A 1 178 ? -1.381  1.837   6.543   1.00 22.60 ? 179 SER A CB  1 
ATOM   1204 O OG  . SER A 1 178 ? -0.783  3.056   6.133   1.00 23.18 ? 179 SER A OG  1 
ATOM   1205 N N   . TYR A 1 179 ? -3.976  1.783   4.886   1.00 21.71 ? 180 TYR A N   1 
ATOM   1206 C CA  . TYR A 1 179 ? -4.968  2.618   4.207   1.00 20.74 ? 180 TYR A CA  1 
ATOM   1207 C C   . TYR A 1 179 ? -5.986  3.143   5.201   1.00 22.86 ? 180 TYR A C   1 
ATOM   1208 O O   . TYR A 1 179 ? -6.105  2.632   6.323   1.00 21.49 ? 180 TYR A O   1 
ATOM   1209 C CB  . TYR A 1 179 ? -5.709  1.802   3.115   1.00 21.70 ? 180 TYR A CB  1 
ATOM   1210 C CG  . TYR A 1 179 ? -6.518  0.659   3.686   1.00 24.23 ? 180 TYR A CG  1 
ATOM   1211 C CD1 . TYR A 1 179 ? -7.819  0.862   4.179   1.00 22.68 ? 180 TYR A CD1 1 
ATOM   1212 C CD2 . TYR A 1 179 ? -5.995  -0.626  3.726   1.00 21.31 ? 180 TYR A CD2 1 
ATOM   1213 C CE1 . TYR A 1 179 ? -8.551  -0.188  4.714   1.00 22.53 ? 180 TYR A CE1 1 
ATOM   1214 C CE2 . TYR A 1 179 ? -6.724  -1.675  4.248   1.00 24.60 ? 180 TYR A CE2 1 
ATOM   1215 C CZ  . TYR A 1 179 ? -8.001  -1.449  4.742   1.00 26.67 ? 180 TYR A CZ  1 
ATOM   1216 O OH  . TYR A 1 179 ? -8.721  -2.501  5.264   1.00 25.03 ? 180 TYR A OH  1 
ATOM   1217 N N   . VAL A 1 180 ? -6.730  4.162   4.766   1.00 22.56 ? 181 VAL A N   1 
ATOM   1218 C CA  . VAL A 1 180 ? -7.999  4.536   5.382   1.00 23.71 ? 181 VAL A CA  1 
ATOM   1219 C C   . VAL A 1 180 ? -9.003  4.599   4.227   1.00 24.28 ? 181 VAL A C   1 
ATOM   1220 O O   . VAL A 1 180 ? -8.627  4.864   3.075   1.00 23.39 ? 181 VAL A O   1 
ATOM   1221 C CB  . VAL A 1 180 ? -7.909  5.900   6.100   1.00 23.95 ? 181 VAL A CB  1 
ATOM   1222 C CG1 . VAL A 1 180 ? -7.482  6.969   5.116   1.00 27.92 ? 181 VAL A CG1 1 
ATOM   1223 C CG2 . VAL A 1 180 ? -9.254  6.281   6.756   1.00 25.21 ? 181 VAL A CG2 1 
ATOM   1224 N N   . VAL A 1 181 ? -10.268 4.315   4.514   1.00 24.83 ? 182 VAL A N   1 
ATOM   1225 C CA  . VAL A 1 181 ? -11.270 4.301   3.472   1.00 23.37 ? 182 VAL A CA  1 
ATOM   1226 C C   . VAL A 1 181 ? -12.655 4.455   4.088   1.00 26.29 ? 182 VAL A C   1 
ATOM   1227 O O   . VAL A 1 181 ? -12.857 4.100   5.255   1.00 24.50 ? 182 VAL A O   1 
ATOM   1228 C CB  . VAL A 1 181 ? -11.177 2.989   2.658   1.00 24.50 ? 182 VAL A CB  1 
ATOM   1229 C CG1 . VAL A 1 181 ? -11.676 1.794   3.486   1.00 25.97 ? 182 VAL A CG1 1 
ATOM   1230 C CG2 . VAL A 1 181 ? -11.936 3.099   1.345   1.00 25.79 ? 182 VAL A CG2 1 
ATOM   1231 N N   . ASP A 1 182 ? -13.601 5.003   3.324   1.00 29.23 ? 183 ASP A N   1 
ATOM   1232 C CA  . ASP A 1 182 ? -14.982 5.066   3.793   1.00 30.42 ? 183 ASP A CA  1 
ATOM   1233 C C   . ASP A 1 182 ? -15.615 3.679   3.760   1.00 29.51 ? 183 ASP A C   1 
ATOM   1234 O O   . ASP A 1 182 ? -15.354 2.879   2.854   1.00 30.42 ? 183 ASP A O   1 
ATOM   1235 C CB  . ASP A 1 182 ? -15.836 6.014   2.927   1.00 30.66 ? 183 ASP A CB  1 
ATOM   1236 C CG  . ASP A 1 182 ? -15.412 7.459   3.037   1.00 34.86 ? 183 ASP A CG  1 
ATOM   1237 O OD1 . ASP A 1 182 ? -14.607 7.789   3.932   1.00 32.77 ? 183 ASP A OD1 1 
ATOM   1238 O OD2 . ASP A 1 182 ? -15.892 8.284   2.223   1.00 36.22 ? 183 ASP A OD2 1 
ATOM   1239 N N   . VAL A 1 183 ? -16.447 3.393   4.753   1.00 29.62 ? 184 VAL A N   1 
ATOM   1240 C CA  . VAL A 1 183 ? -17.283 2.199   4.719   1.00 27.08 ? 184 VAL A CA  1 
ATOM   1241 C C   . VAL A 1 183 ? -18.594 2.573   4.031   1.00 35.06 ? 184 VAL A C   1 
ATOM   1242 O O   . VAL A 1 183 ? -19.271 3.511   4.469   1.00 36.84 ? 184 VAL A O   1 
ATOM   1243 C CB  . VAL A 1 183 ? -17.554 1.697   6.143   1.00 31.07 ? 184 VAL A CB  1 
ATOM   1244 C CG1 . VAL A 1 183 ? -18.493 0.501   6.122   1.00 35.13 ? 184 VAL A CG1 1 
ATOM   1245 C CG2 . VAL A 1 183 ? -16.234 1.340   6.837   1.00 31.33 ? 184 VAL A CG2 1 
ATOM   1246 N N   . PRO A 1 184 ? -18.945 1.860   2.941   1.00 36.06 ? 185 PRO A N   1 
ATOM   1247 C CA  . PRO A 1 184 ? -20.181 2.166   2.200   1.00 43.23 ? 185 PRO A CA  1 
ATOM   1248 C C   . PRO A 1 184 ? -21.426 1.962   3.063   1.00 43.24 ? 185 PRO A C   1 
ATOM   1249 O O   . PRO A 1 184 ? -21.416 1.120   3.963   1.00 44.15 ? 185 PRO A O   1 
ATOM   1250 C CB  . PRO A 1 184 ? -20.165 1.148   1.051   1.00 43.58 ? 185 PRO A CB  1 
ATOM   1251 C CG  . PRO A 1 184 ? -18.727 0.753   0.902   1.00 41.03 ? 185 PRO A CG  1 
ATOM   1252 C CD  . PRO A 1 184 ? -18.173 0.777   2.305   1.00 37.37 ? 185 PRO A CD  1 
ATOM   1253 N N   . GLU A 1 185 ? -22.477 2.740   2.813   1.00 51.44 ? 186 GLU A N   1 
ATOM   1254 C CA  . GLU A 1 185 ? -23.740 2.546   3.526   1.00 52.36 ? 186 GLU A CA  1 
ATOM   1255 C C   . GLU A 1 185 ? -24.263 1.144   3.227   1.00 47.88 ? 186 GLU A C   1 
ATOM   1256 O O   . GLU A 1 185 ? -24.157 0.656   2.094   1.00 48.41 ? 186 GLU A O   1 
ATOM   1257 C CB  . GLU A 1 185 ? -24.772 3.607   3.129   1.00 58.40 ? 186 GLU A CB  1 
ATOM   1258 C CG  . GLU A 1 185 ? -25.051 3.675   1.631   1.00 64.75 ? 186 GLU A CG  1 
ATOM   1259 C CD  . GLU A 1 185 ? -26.228 4.575   1.285   1.00 72.54 ? 186 GLU A CD  1 
ATOM   1260 O OE1 . GLU A 1 185 ? -26.046 5.814   1.226   1.00 73.44 ? 186 GLU A OE1 1 
ATOM   1261 O OE2 . GLU A 1 185 ? -27.336 4.039   1.061   1.00 77.14 ? 186 GLU A OE2 1 
ATOM   1262 N N   . GLY A 1 186 ? -24.799 0.483   4.247   1.00 47.76 ? 187 GLY A N   1 
ATOM   1263 C CA  . GLY A 1 186 ? -25.275 -0.878  4.084   1.00 49.57 ? 187 GLY A CA  1 
ATOM   1264 C C   . GLY A 1 186 ? -24.232 -1.905  4.478   1.00 48.25 ? 187 GLY A C   1 
ATOM   1265 O O   . GLY A 1 186 ? -24.575 -3.026  4.876   1.00 44.82 ? 187 GLY A O   1 
ATOM   1266 N N   . ASN A 1 187 ? -22.960 -1.523  4.364   1.00 47.35 ? 188 ASN A N   1 
ATOM   1267 C CA  . ASN A 1 187 ? -21.852 -2.393  4.752   1.00 44.63 ? 188 ASN A CA  1 
ATOM   1268 C C   . ASN A 1 187 ? -21.474 -2.232  6.215   1.00 43.69 ? 188 ASN A C   1 
ATOM   1269 O O   . ASN A 1 187 ? -21.635 -1.153  6.794   1.00 41.32 ? 188 ASN A O   1 
ATOM   1270 C CB  . ASN A 1 187 ? -20.619 -2.094  3.904   1.00 43.34 ? 188 ASN A CB  1 
ATOM   1271 C CG  . ASN A 1 187 ? -20.732 -2.632  2.498   1.00 47.34 ? 188 ASN A CG  1 
ATOM   1272 O OD1 . ASN A 1 187 ? -21.744 -2.444  1.828   1.00 50.85 ? 188 ASN A OD1 1 
ATOM   1273 N ND2 . ASN A 1 187 ? -19.686 -3.310  2.044   1.00 52.63 ? 188 ASN A ND2 1 
ATOM   1274 N N   . THR A 1 188 ? -20.973 -3.307  6.814   1.00 40.26 ? 189 THR A N   1 
ATOM   1275 C CA  . THR A 1 188 ? -20.354 -3.215  8.127   1.00 40.51 ? 189 THR A CA  1 
ATOM   1276 C C   . THR A 1 188 ? -18.903 -2.823  7.913   1.00 39.86 ? 189 THR A C   1 
ATOM   1277 O O   . THR A 1 188 ? -18.377 -2.942  6.804   1.00 38.23 ? 189 THR A O   1 
ATOM   1278 C CB  . THR A 1 188 ? -20.387 -4.558  8.877   1.00 42.06 ? 189 THR A CB  1 
ATOM   1279 O OG1 . THR A 1 188 ? -19.622 -5.531  8.151   1.00 38.63 ? 189 THR A OG1 1 
ATOM   1280 C CG2 . THR A 1 188 ? -21.818 -5.048  9.022   1.00 44.96 ? 189 THR A CG2 1 
ATOM   1281 N N   . GLU A 1 189 ? -18.254 -2.363  8.971   1.00 37.56 ? 190 GLU A N   1 
ATOM   1282 C CA  . GLU A 1 189 ? -16.835 -2.078  8.894   1.00 39.53 ? 190 GLU A CA  1 
ATOM   1283 C C   . GLU A 1 189 ? -16.057 -3.351  8.545   1.00 41.75 ? 190 GLU A C   1 
ATOM   1284 O O   . GLU A 1 189 ? -15.122 -3.315  7.742   1.00 40.52 ? 190 GLU A O   1 
ATOM   1285 C CB  . GLU A 1 189 ? -16.344 -1.506  10.215  1.00 38.36 ? 190 GLU A CB  1 
ATOM   1286 C CG  . GLU A 1 189 ? -14.846 -1.458  10.330  1.00 42.17 ? 190 GLU A CG  1 
ATOM   1287 C CD  . GLU A 1 189 ? -14.403 -0.865  11.643  1.00 43.80 ? 190 GLU A CD  1 
ATOM   1288 O OE1 . GLU A 1 189 ? -15.005 0.144   12.065  1.00 50.66 ? 190 GLU A OE1 1 
ATOM   1289 O OE2 . GLU A 1 189 ? -13.461 -1.419  12.255  1.00 56.14 ? 190 GLU A OE2 1 
ATOM   1290 N N   . GLU A 1 190 ? -16.463 -4.470  9.140   1.00 38.82 ? 191 GLU A N   1 
ATOM   1291 C CA  . GLU A 1 190 ? -15.802 -5.754  8.915   1.00 42.94 ? 191 GLU A CA  1 
ATOM   1292 C C   . GLU A 1 190 ? -15.793 -6.172  7.444   1.00 43.32 ? 191 GLU A C   1 
ATOM   1293 O O   . GLU A 1 190 ? -14.792 -6.694  6.944   1.00 44.01 ? 191 GLU A O   1 
ATOM   1294 C CB  . GLU A 1 190 ? -16.433 -6.860  9.779   1.00 47.74 ? 191 GLU A CB  1 
ATOM   1295 C CG  . GLU A 1 190 ? -15.958 -8.279  9.425   1.00 52.66 ? 191 GLU A CG  1 
ATOM   1296 C CD  . GLU A 1 190 ? -16.404 -9.343  10.425  1.00 55.57 ? 191 GLU A CD  1 
ATOM   1297 O OE1 . GLU A 1 190 ? -17.616 -9.427  10.719  1.00 50.63 ? 191 GLU A OE1 1 
ATOM   1298 O OE2 . GLU A 1 190 ? -15.534 -10.102 10.912  1.00 57.77 ? 191 GLU A OE2 1 
ATOM   1299 N N   . ASP A 1 191 ? -16.890 -5.950  6.733   1.00 40.98 ? 192 ASP A N   1 
ATOM   1300 C CA  . ASP A 1 191 ? -16.922 -6.416  5.346   1.00 44.89 ? 192 ASP A CA  1 
ATOM   1301 C C   . ASP A 1 191 ? -16.185 -5.505  4.362   1.00 43.47 ? 192 ASP A C   1 
ATOM   1302 O O   . ASP A 1 191 ? -15.860 -5.918  3.253   1.00 42.57 ? 192 ASP A O   1 
ATOM   1303 C CB  . ASP A 1 191 ? -18.342 -6.702  4.884   1.00 46.20 ? 192 ASP A CB  1 
ATOM   1304 C CG  . ASP A 1 191 ? -18.950 -7.911  5.583   1.00 52.87 ? 192 ASP A CG  1 
ATOM   1305 O OD1 . ASP A 1 191 ? -18.190 -8.816  6.022   1.00 44.63 ? 192 ASP A OD1 1 
ATOM   1306 O OD2 . ASP A 1 191 ? -20.194 -7.949  5.678   1.00 47.60 ? 192 ASP A OD2 1 
ATOM   1307 N N   . THR A 1 192 ? -15.929 -4.266  4.762   1.00 33.60 ? 193 THR A N   1 
ATOM   1308 C CA  . THR A 1 192 ? -15.053 -3.402  3.984   1.00 31.44 ? 193 THR A CA  1 
ATOM   1309 C C   . THR A 1 192 ? -13.597 -3.707  4.343   1.00 29.91 ? 193 THR A C   1 
ATOM   1310 O O   . THR A 1 192 ? -12.747 -3.846  3.465   1.00 27.25 ? 193 THR A O   1 
ATOM   1311 C CB  . THR A 1 192 ? -15.337 -1.924  4.279   1.00 31.45 ? 193 THR A CB  1 
ATOM   1312 O OG1 . THR A 1 192 ? -16.634 -1.595  3.773   1.00 34.60 ? 193 THR A OG1 1 
ATOM   1313 C CG2 . THR A 1 192 ? -14.306 -1.034  3.597   1.00 31.62 ? 193 THR A CG2 1 
ATOM   1314 N N   . ARG A 1 193 ? -13.329 -3.809  5.637   1.00 28.64 ? 194 ARG A N   1 
ATOM   1315 C CA  . ARG A 1 193 ? -11.989 -4.105  6.122   1.00 35.00 ? 194 ARG A CA  1 
ATOM   1316 C C   . ARG A 1 193 ? -11.461 -5.440  5.599   1.00 31.91 ? 194 ARG A C   1 
ATOM   1317 O O   . ARG A 1 193 ? -10.306 -5.537  5.172   1.00 29.52 ? 194 ARG A O   1 
ATOM   1318 C CB  . ARG A 1 193 ? -11.973 -4.111  7.653   1.00 34.92 ? 194 ARG A CB  1 
ATOM   1319 C CG  . ARG A 1 193 ? -10.592 -4.310  8.236   1.00 39.10 ? 194 ARG A CG  1 
ATOM   1320 C CD  . ARG A 1 193 ? -10.069 -3.003  8.764   1.00 41.87 ? 194 ARG A CD  1 
ATOM   1321 N NE  . ARG A 1 193 ? -10.357 -2.834  10.186  1.00 49.96 ? 194 ARG A NE  1 
ATOM   1322 C CZ  . ARG A 1 193 ? -9.462  -3.038  11.152  1.00 49.32 ? 194 ARG A CZ  1 
ATOM   1323 N NH1 . ARG A 1 193 ? -8.226  -3.419  10.844  1.00 49.88 ? 194 ARG A NH1 1 
ATOM   1324 N NH2 . ARG A 1 193 ? -9.801  -2.857  12.427  1.00 52.99 ? 194 ARG A NH2 1 
ATOM   1325 N N   . LEU A 1 194 ? -12.299 -6.473  5.617   1.00 31.06 ? 195 LEU A N   1 
ATOM   1326 C CA  . LEU A 1 194 ? -11.851 -7.789  5.148   1.00 31.11 ? 195 LEU A CA  1 
ATOM   1327 C C   . LEU A 1 194 ? -11.514 -7.758  3.671   1.00 29.68 ? 195 LEU A C   1 
ATOM   1328 O O   . LEU A 1 194 ? -10.570 -8.418  3.206   1.00 27.89 ? 195 LEU A O   1 
ATOM   1329 C CB  . LEU A 1 194 ? -12.942 -8.834  5.385   1.00 37.20 ? 195 LEU A CB  1 
ATOM   1330 C CG  . LEU A 1 194 ? -12.737 -9.761  6.575   1.00 43.12 ? 195 LEU A CG  1 
ATOM   1331 C CD1 . LEU A 1 194 ? -13.969 -10.649 6.746   1.00 40.83 ? 195 LEU A CD1 1 
ATOM   1332 C CD2 . LEU A 1 194 ? -11.468 -10.600 6.395   1.00 44.09 ? 195 LEU A CD2 1 
ATOM   1333 N N   . PHE A 1 195 ? -12.309 -7.012  2.916   1.00 28.46 ? 196 PHE A N   1 
ATOM   1334 C CA  . PHE A 1 195 ? -12.082 -6.923  1.493   1.00 28.94 ? 196 PHE A CA  1 
ATOM   1335 C C   . PHE A 1 195 ? -10.787 -6.191  1.175   1.00 26.99 ? 196 PHE A C   1 
ATOM   1336 O O   . PHE A 1 195 ? -9.948  -6.684  0.401   1.00 26.73 ? 196 PHE A O   1 
ATOM   1337 C CB  . PHE A 1 195 ? -13.269 -6.266  0.784   1.00 28.66 ? 196 PHE A CB  1 
ATOM   1338 C CG  . PHE A 1 195 ? -13.005 -5.977  -0.658  1.00 28.73 ? 196 PHE A CG  1 
ATOM   1339 C CD1 . PHE A 1 195 ? -12.867 -7.011  -1.567  1.00 29.51 ? 196 PHE A CD1 1 
ATOM   1340 C CD2 . PHE A 1 195 ? -12.851 -4.678  -1.099  1.00 32.61 ? 196 PHE A CD2 1 
ATOM   1341 C CE1 . PHE A 1 195 ? -12.596 -6.747  -2.904  1.00 34.04 ? 196 PHE A CE1 1 
ATOM   1342 C CE2 . PHE A 1 195 ? -12.581 -4.406  -2.425  1.00 32.98 ? 196 PHE A CE2 1 
ATOM   1343 C CZ  . PHE A 1 195 ? -12.455 -5.439  -3.331  1.00 34.08 ? 196 PHE A CZ  1 
ATOM   1344 N N   . ALA A 1 196 ? -10.620 -5.028  1.789   1.00 23.32 ? 197 ALA A N   1 
ATOM   1345 C CA  . ALA A 1 196 ? -9.465  -4.190  1.504   1.00 21.92 ? 197 ALA A CA  1 
ATOM   1346 C C   . ALA A 1 196 ? -8.197  -4.858  2.025   1.00 20.83 ? 197 ALA A C   1 
ATOM   1347 O O   . ALA A 1 196 ? -7.156  -4.824  1.349   1.00 24.99 ? 197 ALA A O   1 
ATOM   1348 C CB  . ALA A 1 196 ? -9.638  -2.808  2.106   1.00 24.43 ? 197 ALA A CB  1 
ATOM   1349 N N   . ASP A 1 197 ? -8.285  -5.479  3.199   1.00 25.06 ? 198 ASP A N   1 
ATOM   1350 C CA  . ASP A 1 197 ? -7.147  -6.236  3.750   1.00 23.29 ? 198 ASP A CA  1 
ATOM   1351 C C   . ASP A 1 197 ? -6.741  -7.383  2.843   1.00 26.31 ? 198 ASP A C   1 
ATOM   1352 O O   . ASP A 1 197 ? -5.555  -7.632  2.597   1.00 26.68 ? 198 ASP A O   1 
ATOM   1353 C CB  . ASP A 1 197 ? -7.487  -6.790  5.134   1.00 24.33 ? 198 ASP A CB  1 
ATOM   1354 C CG  . ASP A 1 197 ? -7.421  -5.739  6.221   1.00 28.16 ? 198 ASP A CG  1 
ATOM   1355 O OD1 . ASP A 1 197 ? -7.246  -4.544  5.898   1.00 28.33 ? 198 ASP A OD1 1 
ATOM   1356 O OD2 . ASP A 1 197 ? -7.543  -6.103  7.411   1.00 28.62 ? 198 ASP A OD2 1 
ATOM   1357 N N   . THR A 1 198 ? -7.729  -8.120  2.357   1.00 24.30 ? 199 THR A N   1 
ATOM   1358 C CA  . THR A 1 198 ? -7.414  -9.260  1.504   1.00 24.62 ? 199 THR A CA  1 
ATOM   1359 C C   . THR A 1 198 ? -6.696  -8.839  0.240   1.00 24.63 ? 199 THR A C   1 
ATOM   1360 O O   . THR A 1 198 ? -5.720  -9.487  -0.158  1.00 24.77 ? 199 THR A O   1 
ATOM   1361 C CB  . THR A 1 198 ? -8.671  -10.075 1.134   1.00 22.21 ? 199 THR A CB  1 
ATOM   1362 O OG1 . THR A 1 198 ? -9.245  -10.582 2.344   1.00 27.65 ? 199 THR A OG1 1 
ATOM   1363 C CG2 . THR A 1 198 ? -8.290  -11.232 0.235   1.00 31.34 ? 199 THR A CG2 1 
ATOM   1364 N N   . VAL A 1 199 ? -7.157  -7.753  -0.381  1.00 21.07 ? 200 VAL A N   1 
ATOM   1365 C CA  . VAL A 1 199 ? -6.502  -7.241  -1.586  1.00 23.72 ? 200 VAL A CA  1 
ATOM   1366 C C   . VAL A 1 199 ? -5.065  -6.763  -1.321  1.00 22.05 ? 200 VAL A C   1 
ATOM   1367 O O   . VAL A 1 199 ? -4.149  -7.117  -2.063  1.00 22.23 ? 200 VAL A O   1 
ATOM   1368 C CB  . VAL A 1 199 ? -7.303  -6.105  -2.249  1.00 26.75 ? 200 VAL A CB  1 
ATOM   1369 C CG1 . VAL A 1 199 ? -6.533  -5.547  -3.435  1.00 26.96 ? 200 VAL A CG1 1 
ATOM   1370 C CG2 . VAL A 1 199 ? -8.669  -6.619  -2.731  1.00 28.98 ? 200 VAL A CG2 1 
ATOM   1371 N N   . VAL A 1 200 ? -4.857  -5.974  -0.269  1.00 22.33 ? 201 VAL A N   1 
ATOM   1372 C CA  . VAL A 1 200 ? -3.494  -5.536  0.078   1.00 19.27 ? 201 VAL A CA  1 
ATOM   1373 C C   . VAL A 1 200 ? -2.603  -6.732  0.382   1.00 21.95 ? 201 VAL A C   1 
ATOM   1374 O O   . VAL A 1 200 ? -1.454  -6.810  -0.091  1.00 21.60 ? 201 VAL A O   1 
ATOM   1375 C CB  . VAL A 1 200 ? -3.480  -4.571  1.275   1.00 22.46 ? 201 VAL A CB  1 
ATOM   1376 C CG1 . VAL A 1 200 ? -2.031  -4.281  1.743   1.00 21.04 ? 201 VAL A CG1 1 
ATOM   1377 C CG2 . VAL A 1 200 ? -4.193  -3.260  0.906   1.00 23.83 ? 201 VAL A CG2 1 
ATOM   1378 N N   . LYS A 1 201 ? -3.133  -7.681  1.148   1.00 21.45 ? 202 LYS A N   1 
ATOM   1379 C CA  . LYS A 1 201 ? -2.342  -8.876  1.485   1.00 24.39 ? 202 LYS A CA  1 
ATOM   1380 C C   . LYS A 1 201 ? -1.913  -9.666  0.251   1.00 25.11 ? 202 LYS A C   1 
ATOM   1381 O O   . LYS A 1 201 ? -0.752  -10.086 0.128   1.00 22.94 ? 202 LYS A O   1 
ATOM   1382 C CB  . LYS A 1 201 ? -3.099  -9.775  2.465   1.00 28.13 ? 202 LYS A CB  1 
ATOM   1383 C CG  . LYS A 1 201 ? -2.369  -11.067 2.822   1.00 34.62 ? 202 LYS A CG  1 
ATOM   1384 C CD  . LYS A 1 201 ? -3.165  -11.896 3.833   1.00 41.54 ? 202 LYS A CD  1 
ATOM   1385 C CE  . LYS A 1 201 ? -3.187  -13.381 3.445   1.00 53.55 ? 202 LYS A CE  1 
ATOM   1386 N NZ  . LYS A 1 201 ? -3.868  -14.234 4.470   1.00 57.05 ? 202 LYS A NZ  1 
ATOM   1387 N N   . LEU A 1 202 ? -2.838  -9.888  -0.668  1.00 24.55 ? 203 LEU A N   1 
ATOM   1388 C CA  . LEU A 1 202 ? -2.490  -10.579 -1.908  1.00 23.88 ? 203 LEU A CA  1 
ATOM   1389 C C   . LEU A 1 202 ? -1.494  -9.792  -2.759  1.00 25.35 ? 203 LEU A C   1 
ATOM   1390 O O   . LEU A 1 202 ? -0.588  -10.367 -3.370  1.00 23.27 ? 203 LEU A O   1 
ATOM   1391 C CB  . LEU A 1 202 ? -3.753  -10.884 -2.713  1.00 23.84 ? 203 LEU A CB  1 
ATOM   1392 C CG  . LEU A 1 202 ? -4.565  -11.982 -2.029  1.00 30.93 ? 203 LEU A CG  1 
ATOM   1393 C CD1 . LEU A 1 202 ? -5.902  -12.218 -2.732  1.00 32.12 ? 203 LEU A CD1 1 
ATOM   1394 C CD2 . LEU A 1 202 ? -3.746  -13.261 -2.006  1.00 37.58 ? 203 LEU A CD2 1 
ATOM   1395 N N   . ASN A 1 203 ? -1.658  -8.471  -2.801  1.00 21.36 ? 204 ASN A N   1 
ATOM   1396 C CA  . ASN A 1 203 ? -0.741  -7.641  -3.569  1.00 20.99 ? 204 ASN A CA  1 
ATOM   1397 C C   . ASN A 1 203 ? 0.653   -7.655  -2.957  1.00 20.02 ? 204 ASN A C   1 
ATOM   1398 O O   . ASN A 1 203 ? 1.643   -7.674  -3.678  1.00 23.59 ? 204 ASN A O   1 
ATOM   1399 C CB  . ASN A 1 203 ? -1.241  -6.201  -3.672  1.00 20.10 ? 204 ASN A CB  1 
ATOM   1400 C CG  . ASN A 1 203 ? -2.534  -6.083  -4.454  1.00 26.75 ? 204 ASN A CG  1 
ATOM   1401 O OD1 . ASN A 1 203 ? -2.934  -7.012  -5.158  1.00 27.38 ? 204 ASN A OD1 1 
ATOM   1402 N ND2 . ASN A 1 203 ? -3.192  -4.925  -4.342  1.00 25.54 ? 204 ASN A ND2 1 
ATOM   1403 N N   . LEU A 1 204 ? 0.739   -7.669  -1.630  1.00 20.74 ? 205 LEU A N   1 
ATOM   1404 C CA  . LEU A 1 204 ? 2.045   -7.744  -0.984  1.00 21.40 ? 205 LEU A CA  1 
ATOM   1405 C C   . LEU A 1 204 ? 2.714   -9.102  -1.218  1.00 22.32 ? 205 LEU A C   1 
ATOM   1406 O O   . LEU A 1 204 ? 3.944   -9.185  -1.334  1.00 23.71 ? 205 LEU A O   1 
ATOM   1407 C CB  . LEU A 1 204 ? 1.942   -7.460  0.513   1.00 19.38 ? 205 LEU A CB  1 
ATOM   1408 C CG  . LEU A 1 204 ? 1.616   -5.991  0.828   1.00 23.85 ? 205 LEU A CG  1 
ATOM   1409 C CD1 . LEU A 1 204 ? 1.545   -5.806  2.338   1.00 23.50 ? 205 LEU A CD1 1 
ATOM   1410 C CD2 . LEU A 1 204 ? 2.635   -5.035  0.224   1.00 25.49 ? 205 LEU A CD2 1 
ATOM   1411 N N   . GLN A 1 205 ? 1.914   -10.163 -1.289  1.00 23.32 ? 206 GLN A N   1 
ATOM   1412 C CA  . GLN A 1 205 ? 2.456   -11.479 -1.649  1.00 23.51 ? 206 GLN A CA  1 
ATOM   1413 C C   . GLN A 1 205 ? 3.057   -11.469 -3.052  1.00 25.23 ? 206 GLN A C   1 
ATOM   1414 O O   . GLN A 1 205 ? 4.116   -12.063 -3.275  1.00 24.18 ? 206 GLN A O   1 
ATOM   1415 C CB  . GLN A 1 205 ? 1.375   -12.565 -1.543  1.00 25.24 ? 206 GLN A CB  1 
ATOM   1416 C CG  . GLN A 1 205 ? 0.959   -12.896 -0.105  1.00 29.41 ? 206 GLN A CG  1 
ATOM   1417 C CD  . GLN A 1 205 ? -0.127  -13.977 -0.037  1.00 41.21 ? 206 GLN A CD  1 
ATOM   1418 O OE1 . GLN A 1 205 ? -0.616  -14.465 -1.068  1.00 41.35 ? 206 GLN A OE1 1 
ATOM   1419 N NE2 . GLN A 1 205 ? -0.502  -14.358 1.181   1.00 44.19 ? 206 GLN A NE2 1 
ATOM   1420 N N   . LYS A 1 206 ? 2.376   -10.809 -3.997  1.00 22.92 ? 207 LYS A N   1 
ATOM   1421 C CA  . LYS A 1 206 ? 2.877   -10.677 -5.369  1.00 24.36 ? 207 LYS A CA  1 
ATOM   1422 C C   . LYS A 1 206 ? 4.120   -9.798  -5.425  1.00 25.33 ? 207 LYS A C   1 
ATOM   1423 O O   . LYS A 1 206 ? 5.075   -10.109 -6.143  1.00 25.07 ? 207 LYS A O   1 
ATOM   1424 C CB  . LYS A 1 206 ? 1.789   -10.148 -6.316  1.00 25.41 ? 207 LYS A CB  1 
ATOM   1425 C CG  . LYS A 1 206 ? 2.252   -9.923  -7.768  1.00 30.10 ? 207 LYS A CG  1 
ATOM   1426 C CD  . LYS A 1 206 ? 1.092   -9.434  -8.653  1.00 30.41 ? 207 LYS A CD  1 
ATOM   1427 C CE  . LYS A 1 206 ? 1.531   -9.006  -10.065 1.00 34.22 ? 207 LYS A CE  1 
ATOM   1428 N NZ  . LYS A 1 206 ? 0.361   -8.520  -10.907 1.00 32.31 ? 207 LYS A NZ  1 
ATOM   1429 N N   . LEU A 1 207 ? 4.114   -8.700  -4.663  1.00 22.44 ? 208 LEU A N   1 
ATOM   1430 C CA  . LEU A 1 207 ? 5.296   -7.862  -4.542  1.00 23.41 ? 208 LEU A CA  1 
ATOM   1431 C C   . LEU A 1 207 ? 6.508   -8.688  -4.095  1.00 23.66 ? 208 LEU A C   1 
ATOM   1432 O O   . LEU A 1 207 ? 7.613   -8.563  -4.649  1.00 24.50 ? 208 LEU A O   1 
ATOM   1433 C CB  . LEU A 1 207 ? 5.037   -6.730  -3.533  1.00 19.91 ? 208 LEU A CB  1 
ATOM   1434 C CG  . LEU A 1 207 ? 6.233   -5.816  -3.263  1.00 23.58 ? 208 LEU A CG  1 
ATOM   1435 C CD1 . LEU A 1 207 ? 6.676   -5.129  -4.534  1.00 22.66 ? 208 LEU A CD1 1 
ATOM   1436 C CD2 . LEU A 1 207 ? 5.907   -4.773  -2.171  1.00 18.87 ? 208 LEU A CD2 1 
ATOM   1437 N N   . ALA A 1 208 ? 6.297   -9.534  -3.089  1.00 20.78 ? 209 ALA A N   1 
ATOM   1438 C CA  . ALA A 1 208 ? 7.380   -10.367 -2.570  1.00 23.24 ? 209 ALA A CA  1 
ATOM   1439 C C   . ALA A 1 208 ? 7.878   -11.331 -3.638  1.00 24.32 ? 209 ALA A C   1 
ATOM   1440 O O   . ALA A 1 208 ? 9.082   -11.521 -3.787  1.00 26.44 ? 209 ALA A O   1 
ATOM   1441 C CB  . ALA A 1 208 ? 6.932   -11.127 -1.331  1.00 23.79 ? 209 ALA A CB  1 
ATOM   1442 N N   . SER A 1 209 ? 6.957   -11.940 -4.377  1.00 25.59 ? 210 SER A N   1 
ATOM   1443 C CA  . SER A 1 209 ? 7.332   -12.914 -5.413  1.00 26.19 ? 210 SER A CA  1 
ATOM   1444 C C   . SER A 1 209 ? 8.141   -12.247 -6.509  1.00 30.91 ? 210 SER A C   1 
ATOM   1445 O O   . SER A 1 209 ? 9.213   -12.743 -6.915  1.00 27.42 ? 210 SER A O   1 
ATOM   1446 C CB  . SER A 1 209 ? 6.072   -13.519 -6.031  1.00 30.60 ? 210 SER A CB  1 
ATOM   1447 O OG  . SER A 1 209 ? 5.405   -14.326 -5.087  1.00 43.60 ? 210 SER A OG  1 
ATOM   1448 N N   . VAL A 1 210 ? 7.611   -11.126 -7.001  1.00 26.85 ? 211 VAL A N   1 
ATOM   1449 C CA  . VAL A 1 210 ? 8.250   -10.382 -8.084  1.00 25.46 ? 211 VAL A CA  1 
ATOM   1450 C C   . VAL A 1 210 ? 9.644   -9.864  -7.718  1.00 29.79 ? 211 VAL A C   1 
ATOM   1451 O O   . VAL A 1 210 ? 10.587  -9.972  -8.514  1.00 30.20 ? 211 VAL A O   1 
ATOM   1452 C CB  . VAL A 1 210 ? 7.369   -9.209  -8.551  1.00 30.68 ? 211 VAL A CB  1 
ATOM   1453 C CG1 . VAL A 1 210 ? 8.136   -8.321  -9.525  1.00 34.70 ? 211 VAL A CG1 1 
ATOM   1454 C CG2 . VAL A 1 210 ? 6.076   -9.742  -9.193  1.00 29.43 ? 211 VAL A CG2 1 
ATOM   1455 N N   . THR A 1 211 ? 9.785   -9.296  -6.521  1.00 26.12 ? 212 THR A N   1 
ATOM   1456 C CA  . THR A 1 211 ? 11.054  -8.682  -6.150  1.00 27.03 ? 212 THR A CA  1 
ATOM   1457 C C   . THR A 1 211 ? 12.066  -9.721  -5.711  1.00 29.87 ? 212 THR A C   1 
ATOM   1458 O O   . THR A 1 211 ? 13.268  -9.513  -5.857  1.00 31.19 ? 212 THR A O   1 
ATOM   1459 C CB  . THR A 1 211 ? 10.906  -7.603  -5.062  1.00 27.57 ? 212 THR A CB  1 
ATOM   1460 O OG1 . THR A 1 211 ? 10.232  -8.158  -3.923  1.00 27.68 ? 212 THR A OG1 1 
ATOM   1461 C CG2 . THR A 1 211 ? 10.106  -6.407  -5.610  1.00 26.70 ? 212 THR A CG2 1 
ATOM   1462 N N   . GLU A 1 212 ? 11.589  -10.839 -5.170  1.00 30.41 ? 213 GLU A N   1 
ATOM   1463 C CA  . GLU A 1 212 ? 12.511  -11.928 -4.824  1.00 32.26 ? 213 GLU A CA  1 
ATOM   1464 C C   . GLU A 1 212 ? 13.043  -12.565 -6.105  1.00 33.91 ? 213 GLU A C   1 
ATOM   1465 O O   . GLU A 1 212 ? 14.206  -12.966 -6.173  1.00 37.51 ? 213 GLU A O   1 
ATOM   1466 C CB  . GLU A 1 212 ? 11.839  -12.955 -3.907  1.00 28.60 ? 213 GLU A CB  1 
ATOM   1467 C CG  . GLU A 1 212 ? 11.837  -12.528 -2.445  1.00 26.61 ? 213 GLU A CG  1 
ATOM   1468 C CD  . GLU A 1 212 ? 10.921  -13.371 -1.578  1.00 32.28 ? 213 GLU A CD  1 
ATOM   1469 O OE1 . GLU A 1 212 ? 10.350  -14.358 -2.093  1.00 36.49 ? 213 GLU A OE1 1 
ATOM   1470 O OE2 . GLU A 1 212 ? 10.764  -13.046 -0.375  1.00 30.48 ? 213 GLU A OE2 1 
ATOM   1471 N N   . THR A 1 213 ? 12.196  -12.637 -7.123  1.00 34.97 ? 214 THR A N   1 
ATOM   1472 C CA  . THR A 1 213 ? 12.643  -13.092 -8.434  1.00 37.39 ? 214 THR A CA  1 
ATOM   1473 C C   . THR A 1 213 ? 13.661  -12.114 -9.026  1.00 40.67 ? 214 THR A C   1 
ATOM   1474 O O   . THR A 1 213 ? 14.700  -12.532 -9.556  1.00 40.64 ? 214 THR A O   1 
ATOM   1475 C CB  . THR A 1 213 ? 11.460  -13.308 -9.385  1.00 38.03 ? 214 THR A CB  1 
ATOM   1476 O OG1 . THR A 1 213 ? 10.675  -14.413 -8.912  1.00 35.42 ? 214 THR A OG1 1 
ATOM   1477 C CG2 . THR A 1 213 ? 11.953  -13.599 -10.795 1.00 42.14 ? 214 THR A CG2 1 
ATOM   1478 N N   . LEU A 1 214 ? 13.373  -10.816 -8.917  1.00 33.93 ? 215 LEU A N   1 
ATOM   1479 C CA  . LEU A 1 214 ? 14.305  -9.781  -9.364  1.00 37.95 ? 215 LEU A CA  1 
ATOM   1480 C C   . LEU A 1 214 ? 15.643  -9.862  -8.638  1.00 38.68 ? 215 LEU A C   1 
ATOM   1481 O O   . LEU A 1 214 ? 16.702  -9.712  -9.250  1.00 45.04 ? 215 LEU A O   1 
ATOM   1482 C CB  . LEU A 1 214 ? 13.696  -8.384  -9.183  1.00 32.04 ? 215 LEU A CB  1 
ATOM   1483 C CG  . LEU A 1 214 ? 12.650  -8.009  -10.222 1.00 37.71 ? 215 LEU A CG  1 
ATOM   1484 C CD1 . LEU A 1 214 ? 11.875  -6.784  -9.758  1.00 40.04 ? 215 LEU A CD1 1 
ATOM   1485 C CD2 . LEU A 1 214 ? 13.311  -7.751  -11.571 1.00 43.16 ? 215 LEU A CD2 1 
ATOM   1486 N N   . ALA A 1 215 ? 15.596  -10.109 -7.333  1.00 35.85 ? 216 ALA A N   1 
ATOM   1487 C CA  . ALA A 1 215 ? 16.814  -10.211 -6.546  1.00 35.33 ? 216 ALA A CA  1 
ATOM   1488 C C   . ALA A 1 215 ? 17.672  -11.415 -6.965  1.00 43.05 ? 216 ALA A C   1 
ATOM   1489 O O   . ALA A 1 215 ? 18.887  -11.285 -7.161  1.00 43.71 ? 216 ALA A O   1 
ATOM   1490 C CB  . ALA A 1 215 ? 16.485  -10.272 -5.050  1.00 38.37 ? 216 ALA A CB  1 
ATOM   1491 N N   . ARG A 1 216 ? 17.051  -12.581 -7.098  1.00 41.88 ? 217 ARG A N   1 
ATOM   1492 C CA  . ARG A 1 216 ? 17.815  -13.810 -7.335  1.00 47.68 ? 217 ARG A CA  1 
ATOM   1493 C C   . ARG A 1 216 ? 18.311  -13.923 -8.775  1.00 51.47 ? 217 ARG A C   1 
ATOM   1494 O O   . ARG A 1 216 ? 19.170  -14.759 -9.082  1.00 53.94 ? 217 ARG A O   1 
ATOM   1495 C CB  . ARG A 1 216 ? 17.002  -15.049 -6.946  1.00 47.26 ? 217 ARG A CB  1 
ATOM   1496 C CG  . ARG A 1 216 ? 16.024  -15.514 -8.006  1.00 49.51 ? 217 ARG A CG  1 
ATOM   1497 C CD  . ARG A 1 216 ? 15.449  -16.891 -7.672  1.00 51.42 ? 217 ARG A CD  1 
ATOM   1498 N NE  . ARG A 1 216 ? 14.222  -17.148 -8.421  1.00 54.28 ? 217 ARG A NE  1 
ATOM   1499 C CZ  . ARG A 1 216 ? 13.000  -16.865 -7.973  1.00 49.36 ? 217 ARG A CZ  1 
ATOM   1500 N NH1 . ARG A 1 216 ? 12.832  -16.325 -6.767  1.00 48.67 ? 217 ARG A NH1 1 
ATOM   1501 N NH2 . ARG A 1 216 ? 11.943  -17.126 -8.731  1.00 53.19 ? 217 ARG A NH2 1 
ATOM   1502 N N   . GLU A 1 217 ? 17.774  -13.074 -9.649  1.00 49.38 ? 218 GLU A N   1 
ATOM   1503 C CA  . GLU A 1 217 ? 18.164  -13.054 -11.060 1.00 49.43 ? 218 GLU A CA  1 
ATOM   1504 C C   . GLU A 1 217 ? 18.876  -11.755 -11.443 1.00 53.29 ? 218 GLU A C   1 
ATOM   1505 O O   . GLU A 1 217 ? 19.054  -11.463 -12.630 1.00 58.74 ? 218 GLU A O   1 
ATOM   1506 C CB  . GLU A 1 217 ? 16.928  -13.204 -11.945 1.00 51.09 ? 218 GLU A CB  1 
ATOM   1507 C CG  . GLU A 1 217 ? 16.123  -14.472 -11.723 1.00 52.41 ? 218 GLU A CG  1 
ATOM   1508 C CD  . GLU A 1 217 ? 15.025  -14.637 -12.754 1.00 53.45 ? 218 GLU A CD  1 
ATOM   1509 O OE1 . GLU A 1 217 ? 14.853  -13.717 -13.581 1.00 60.42 ? 218 GLU A OE1 1 
ATOM   1510 O OE2 . GLU A 1 217 ? 14.334  -15.680 -12.747 1.00 57.52 ? 218 GLU A OE2 1 
ATOM   1511 N N   . ALA A 1 218 ? 19.287  -10.988 -10.436 1.00 51.68 ? 219 ALA A N   1 
ATOM   1512 C CA  . ALA A 1 218 ? 19.679  -9.592  -10.634 1.00 50.80 ? 219 ALA A CA  1 
ATOM   1513 C C   . ALA A 1 218 ? 20.900  -9.402  -11.531 1.00 55.73 ? 219 ALA A C   1 
ATOM   1514 O O   . ALA A 1 218 ? 21.093  -8.319  -12.089 1.00 56.60 ? 219 ALA A O   1 
ATOM   1515 C CB  . ALA A 1 218 ? 19.890  -8.908  -9.295  1.00 49.41 ? 219 ALA A CB  1 
HETATM 1516 O O   . HOH B 2 .   ? 1.929   -1.090  -1.821  1.00 40.32 ? 301 HOH A O   1 
HETATM 1517 O O   . HOH B 2 .   ? 0.027   -8.036  8.203   1.00 37.00 ? 302 HOH A O   1 
HETATM 1518 O O   . HOH B 2 .   ? 8.014   -5.518  21.798  1.00 46.89 ? 303 HOH A O   1 
HETATM 1519 O O   . HOH B 2 .   ? -20.983 -5.876  5.128   1.00 45.43 ? 304 HOH A O   1 
HETATM 1520 O O   . HOH B 2 .   ? -16.712 1.406   -7.953  1.00 52.65 ? 305 HOH A O   1 
HETATM 1521 O O   . HOH B 2 .   ? 16.594  -12.260 2.978   1.00 46.75 ? 306 HOH A O   1 
HETATM 1522 O O   . HOH B 2 .   ? -15.605 -3.941  -15.124 1.00 50.41 ? 307 HOH A O   1 
HETATM 1523 O O   . HOH B 2 .   ? -19.930 5.472   3.273   1.00 46.17 ? 308 HOH A O   1 
HETATM 1524 O O   . HOH B 2 .   ? -9.744  0.022   -6.441  1.00 47.38 ? 309 HOH A O   1 
HETATM 1525 O O   . HOH B 2 .   ? -3.215  0.130   -0.654  1.00 25.90 ? 310 HOH A O   1 
HETATM 1526 O O   . HOH B 2 .   ? -1.041  11.039  -15.828 1.00 45.86 ? 311 HOH A O   1 
HETATM 1527 O O   . HOH B 2 .   ? -5.883  -4.124  -7.268  1.00 42.38 ? 312 HOH A O   1 
HETATM 1528 O O   . HOH B 2 .   ? 9.752   0.811   19.534  1.00 39.94 ? 313 HOH A O   1 
HETATM 1529 O O   . HOH B 2 .   ? -8.769  -1.241  -19.884 1.00 43.74 ? 314 HOH A O   1 
HETATM 1530 O O   . HOH B 2 .   ? 8.825   -13.388 1.252   1.00 34.52 ? 315 HOH A O   1 
HETATM 1531 O O   . HOH B 2 .   ? 18.369  -7.281  -6.248  1.00 38.94 ? 316 HOH A O   1 
HETATM 1532 O O   . HOH B 2 .   ? 0.954   -10.349 2.342   1.00 26.75 ? 317 HOH A O   1 
HETATM 1533 O O   . HOH B 2 .   ? -3.632  15.799  -9.230  1.00 36.22 ? 318 HOH A O   1 
HETATM 1534 O O   . HOH B 2 .   ? -16.746 -7.943  1.923   1.00 42.65 ? 319 HOH A O   1 
HETATM 1535 O O   . HOH B 2 .   ? -7.219  7.618   -19.300 1.00 54.89 ? 320 HOH A O   1 
HETATM 1536 O O   . HOH B 2 .   ? -0.527  0.030   -2.695  1.00 33.59 ? 321 HOH A O   1 
HETATM 1537 O O   . HOH B 2 .   ? -19.603 -10.611 -13.480 1.00 37.64 ? 322 HOH A O   1 
HETATM 1538 O O   . HOH B 2 .   ? -17.849 3.989   12.089  1.00 51.11 ? 323 HOH A O   1 
HETATM 1539 O O   . HOH B 2 .   ? -0.400  -2.497  13.700  1.00 38.31 ? 324 HOH A O   1 
HETATM 1540 O O   . HOH B 2 .   ? 14.124  -1.313  18.974  1.00 47.02 ? 325 HOH A O   1 
HETATM 1541 O O   . HOH B 2 .   ? 8.114   -14.313 -9.401  1.00 47.85 ? 326 HOH A O   1 
HETATM 1542 O O   . HOH B 2 .   ? -0.279  -2.801  22.422  1.00 45.61 ? 327 HOH A O   1 
HETATM 1543 O O   . HOH B 2 .   ? 4.893   -14.351 -2.216  1.00 34.73 ? 328 HOH A O   1 
HETATM 1544 O O   . HOH B 2 .   ? -14.079 6.902   -5.739  1.00 39.61 ? 329 HOH A O   1 
HETATM 1545 O O   . HOH B 2 .   ? 0.541   15.340  -1.107  1.00 38.97 ? 330 HOH A O   1 
HETATM 1546 O O   . HOH B 2 .   ? 13.122  2.269   8.112   1.00 36.24 ? 331 HOH A O   1 
HETATM 1547 O O   . HOH B 2 .   ? 10.583  3.607   4.978   1.00 31.29 ? 332 HOH A O   1 
HETATM 1548 O O   . HOH B 2 .   ? -2.144  -2.890  -2.943  1.00 29.94 ? 333 HOH A O   1 
HETATM 1549 O O   . HOH B 2 .   ? 0.292   2.738   -1.015  1.00 26.20 ? 334 HOH A O   1 
HETATM 1550 O O   . HOH B 2 .   ? 4.907   -8.380  -12.382 1.00 39.73 ? 335 HOH A O   1 
HETATM 1551 O O   . HOH B 2 .   ? -4.958  11.566  8.583   1.00 49.45 ? 336 HOH A O   1 
HETATM 1552 O O   . HOH B 2 .   ? -11.580 7.630   3.960   1.00 35.50 ? 337 HOH A O   1 
HETATM 1553 O O   . HOH B 2 .   ? 8.213   4.610   18.501  1.00 41.86 ? 338 HOH A O   1 
HETATM 1554 O O   . HOH B 2 .   ? 10.205  -10.301 -11.175 1.00 35.37 ? 339 HOH A O   1 
HETATM 1555 O O   . HOH B 2 .   ? -5.396  9.998   -14.631 1.00 41.05 ? 340 HOH A O   1 
HETATM 1556 O O   . HOH B 2 .   ? 11.252  2.560   -10.158 1.00 41.81 ? 341 HOH A O   1 
HETATM 1557 O O   . HOH B 2 .   ? 26.682  -7.327  8.738   1.00 48.16 ? 342 HOH A O   1 
HETATM 1558 O O   . HOH B 2 .   ? -6.924  0.855   -6.147  1.00 41.42 ? 343 HOH A O   1 
HETATM 1559 O O   . HOH B 2 .   ? -12.060 -1.607  14.605  1.00 59.65 ? 344 HOH A O   1 
HETATM 1560 O O   . HOH B 2 .   ? 16.064  5.034   -3.593  1.00 40.59 ? 345 HOH A O   1 
HETATM 1561 O O   . HOH B 2 .   ? 5.480   -11.227 6.414   1.00 30.33 ? 346 HOH A O   1 
HETATM 1562 O O   . HOH B 2 .   ? -18.340 7.065   5.395   1.00 43.56 ? 347 HOH A O   1 
HETATM 1563 O O   . HOH B 2 .   ? -3.298  -7.169  -12.023 1.00 30.15 ? 348 HOH A O   1 
HETATM 1564 O O   . HOH B 2 .   ? 15.682  1.579   -5.991  1.00 36.64 ? 349 HOH A O   1 
HETATM 1565 O O   . HOH B 2 .   ? -4.857  13.916  -2.928  1.00 41.66 ? 350 HOH A O   1 
HETATM 1566 O O   . HOH B 2 .   ? -7.134  2.416   -17.240 1.00 33.80 ? 351 HOH A O   1 
HETATM 1567 O O   . HOH B 2 .   ? 13.929  2.737   4.350   1.00 33.44 ? 352 HOH A O   1 
HETATM 1568 O O   . HOH B 2 .   ? 12.621  11.761  -3.083  1.00 37.50 ? 353 HOH A O   1 
HETATM 1569 O O   . HOH B 2 .   ? -3.676  -0.550  -3.431  1.00 27.88 ? 354 HOH A O   1 
HETATM 1570 O O   . HOH B 2 .   ? 10.942  3.261   12.720  1.00 37.69 ? 355 HOH A O   1 
HETATM 1571 O O   . HOH B 2 .   ? -2.906  -5.663  -16.318 1.00 47.18 ? 356 HOH A O   1 
HETATM 1572 O O   . HOH B 2 .   ? -10.941 11.199  -2.549  1.00 36.24 ? 357 HOH A O   1 
HETATM 1573 O O   . HOH B 2 .   ? -12.110 7.789   -12.717 1.00 40.76 ? 358 HOH A O   1 
HETATM 1574 O O   . HOH B 2 .   ? -1.345  14.921  -2.740  1.00 40.85 ? 359 HOH A O   1 
HETATM 1575 O O   . HOH B 2 .   ? 7.365   8.843   15.016  1.00 45.04 ? 360 HOH A O   1 
HETATM 1576 O O   . HOH B 2 .   ? -1.586  4.395   13.322  1.00 30.47 ? 361 HOH A O   1 
HETATM 1577 O O   . HOH B 2 .   ? -6.858  15.958  -9.940  1.00 45.25 ? 362 HOH A O   1 
HETATM 1578 O O   . HOH B 2 .   ? 10.808  2.707   16.034  1.00 41.55 ? 363 HOH A O   1 
HETATM 1579 O O   . HOH B 2 .   ? -11.470 -5.802  -7.417  1.00 48.10 ? 364 HOH A O   1 
HETATM 1580 O O   . HOH B 2 .   ? -13.670 10.458  3.771   1.00 35.42 ? 365 HOH A O   1 
HETATM 1581 O O   . HOH B 2 .   ? -12.838 8.304   -4.069  1.00 27.77 ? 366 HOH A O   1 
HETATM 1582 O O   . HOH B 2 .   ? 4.953   3.442   17.634  1.00 40.55 ? 367 HOH A O   1 
HETATM 1583 O O   . HOH B 2 .   ? -16.449 2.979   0.232   1.00 34.81 ? 368 HOH A O   1 
HETATM 1584 O O   . HOH B 2 .   ? 0.198   -8.807  4.615   1.00 30.99 ? 369 HOH A O   1 
HETATM 1585 O O   . HOH B 2 .   ? 6.575   12.721  8.034   1.00 48.51 ? 370 HOH A O   1 
HETATM 1586 O O   . HOH B 2 .   ? -5.149  -8.531  -14.917 1.00 41.50 ? 371 HOH A O   1 
HETATM 1587 O O   . HOH B 2 .   ? -0.123  -13.223 -4.902  1.00 33.86 ? 372 HOH A O   1 
HETATM 1588 O O   . HOH B 2 .   ? -0.520  8.568   6.589   1.00 37.50 ? 373 HOH A O   1 
HETATM 1589 O O   . HOH B 2 .   ? 4.200   14.778  -0.365  1.00 37.80 ? 374 HOH A O   1 
HETATM 1590 O O   . HOH B 2 .   ? -10.554 0.905   11.530  1.00 38.93 ? 375 HOH A O   1 
HETATM 1591 O O   . HOH B 2 .   ? 3.354   1.409   -3.812  1.00 25.88 ? 376 HOH A O   1 
HETATM 1592 O O   . HOH B 2 .   ? -9.339  13.658  14.307  1.00 53.89 ? 377 HOH A O   1 
HETATM 1593 O O   . HOH B 2 .   ? -3.593  0.964   -7.887  1.00 26.61 ? 378 HOH A O   1 
HETATM 1594 O O   . HOH B 2 .   ? 0.168   2.004   -5.439  1.00 24.79 ? 379 HOH A O   1 
HETATM 1595 O O   . HOH B 2 .   ? 6.668   13.475  -1.355  1.00 33.17 ? 380 HOH A O   1 
HETATM 1596 O O   . HOH B 2 .   ? -1.298  8.835   0.794   1.00 24.99 ? 381 HOH A O   1 
HETATM 1597 O O   . HOH B 2 .   ? -22.310 5.284   1.453   1.00 53.56 ? 382 HOH A O   1 
HETATM 1598 O O   . HOH B 2 .   ? 0.563   -9.967  15.564  1.00 48.99 ? 383 HOH A O   1 
HETATM 1599 O O   . HOH B 2 .   ? -2.162  -1.124  -18.728 1.00 41.31 ? 384 HOH A O   1 
HETATM 1600 O O   . HOH B 2 .   ? 3.688   3.822   -6.648  1.00 27.36 ? 385 HOH A O   1 
HETATM 1601 O O   . HOH B 2 .   ? 0.833   9.344   9.233   1.00 41.82 ? 386 HOH A O   1 
HETATM 1602 O O   . HOH B 2 .   ? -7.300  -2.488  -0.494  1.00 26.27 ? 387 HOH A O   1 
HETATM 1603 O O   . HOH B 2 .   ? 7.398   14.957  -6.582  1.00 45.21 ? 388 HOH A O   1 
HETATM 1604 O O   . HOH B 2 .   ? 13.735  -3.750  -8.934  1.00 40.72 ? 389 HOH A O   1 
HETATM 1605 O O   . HOH B 2 .   ? 2.278   5.364   -4.905  1.00 27.11 ? 390 HOH A O   1 
HETATM 1606 O O   . HOH B 2 .   ? -6.604  1.753   14.637  1.00 44.11 ? 391 HOH A O   1 
HETATM 1607 O O   . HOH B 2 .   ? 2.527   -14.224 -5.719  1.00 43.16 ? 392 HOH A O   1 
HETATM 1608 O O   . HOH B 2 .   ? 15.738  1.012   5.448   1.00 37.03 ? 393 HOH A O   1 
HETATM 1609 O O   . HOH B 2 .   ? 3.943   -0.122  -8.462  1.00 30.60 ? 394 HOH A O   1 
HETATM 1610 O O   . HOH B 2 .   ? 7.482   -15.067 -1.866  1.00 45.63 ? 395 HOH A O   1 
HETATM 1611 O O   . HOH B 2 .   ? 2.194   1.940   -7.422  1.00 29.09 ? 396 HOH A O   1 
HETATM 1612 O O   . HOH B 2 .   ? 7.518   -1.996  -13.972 1.00 53.90 ? 397 HOH A O   1 
HETATM 1613 O O   . HOH B 2 .   ? 18.334  5.972   1.079   1.00 49.67 ? 398 HOH A O   1 
HETATM 1614 O O   . HOH B 2 .   ? 9.891   -15.527 -5.901  1.00 39.36 ? 399 HOH A O   1 
HETATM 1615 O O   . HOH B 2 .   ? -8.899  9.696   -1.250  1.00 31.95 ? 400 HOH A O   1 
HETATM 1616 O O   . HOH B 2 .   ? -12.803 2.176   12.701  1.00 42.00 ? 401 HOH A O   1 
HETATM 1617 O O   . HOH B 2 .   ? -15.332 11.510  -2.891  1.00 36.78 ? 402 HOH A O   1 
HETATM 1618 O O   . HOH B 2 .   ? -4.624  -3.230  11.113  1.00 37.31 ? 403 HOH A O   1 
HETATM 1619 O O   . HOH B 2 .   ? -7.929  0.643   17.450  1.00 53.00 ? 404 HOH A O   1 
HETATM 1620 O O   . HOH B 2 .   ? 14.865  -10.641 -13.259 1.00 51.20 ? 405 HOH A O   1 
HETATM 1621 O O   . HOH B 2 .   ? -5.471  -2.951  -5.095  1.00 33.01 ? 406 HOH A O   1 
HETATM 1622 O O   . HOH B 2 .   ? -0.384  13.339  -14.309 1.00 42.81 ? 407 HOH A O   1 
HETATM 1623 O O   . HOH B 2 .   ? -6.636  12.684  -0.895  1.00 42.03 ? 408 HOH A O   1 
HETATM 1624 O O   . HOH B 2 .   ? -2.864  -16.863 3.060   1.00 55.66 ? 409 HOH A O   1 
HETATM 1625 O O   . HOH B 2 .   ? -3.510  -11.058 -11.425 1.00 42.40 ? 410 HOH A O   1 
HETATM 1626 O O   . HOH B 2 .   ? -5.200  -12.276 1.227   1.00 41.37 ? 411 HOH A O   1 
HETATM 1627 O O   . HOH B 2 .   ? -19.956 -1.569  11.528  1.00 46.57 ? 412 HOH A O   1 
HETATM 1628 O O   . HOH B 2 .   ? 2.970   -11.516 5.599   1.00 38.06 ? 413 HOH A O   1 
HETATM 1629 O O   . HOH B 2 .   ? -2.982  10.881  7.145   1.00 47.96 ? 414 HOH A O   1 
HETATM 1630 O O   . HOH B 2 .   ? 13.305  4.382   15.887  1.00 50.05 ? 415 HOH A O   1 
HETATM 1631 O O   . HOH B 2 .   ? -1.683  15.764  -12.855 1.00 43.99 ? 416 HOH A O   1 
HETATM 1632 O O   . HOH B 2 .   ? 14.273  6.551   7.661   1.00 52.33 ? 417 HOH A O   1 
HETATM 1633 O O   . HOH B 2 .   ? 18.249  5.904   -0.803  1.00 50.55 ? 418 HOH A O   1 
HETATM 1634 O O   . HOH B 2 .   ? -8.287  1.608   12.793  1.00 43.99 ? 419 HOH A O   1 
HETATM 1635 O O   . HOH B 2 .   ? 14.883  5.603   -6.210  1.00 49.48 ? 420 HOH A O   1 
HETATM 1636 O O   . HOH B 2 .   ? 16.383  -9.436  -12.854 1.00 50.12 ? 421 HOH A O   1 
HETATM 1637 O O   . HOH B 2 .   ? -2.897  -3.903  -20.188 1.00 54.77 ? 422 HOH A O   1 
HETATM 1638 O O   . HOH B 2 .   ? -12.668 12.756  1.851   1.00 36.50 ? 423 HOH A O   1 
HETATM 1639 O O   . HOH B 2 .   ? -2.054  -4.021  -18.550 1.00 51.70 ? 424 HOH A O   1 
HETATM 1640 O O   . HOH B 2 .   ? -4.197  9.812   -16.985 1.00 47.27 ? 425 HOH A O   1 
HETATM 1641 O O   . HOH B 2 .   ? 6.810   -14.728 0.958   1.00 45.31 ? 426 HOH A O   1 
HETATM 1642 O O   . HOH B 2 .   ? 7.915   -12.912 -10.903 1.00 42.46 ? 427 HOH A O   1 
HETATM 1643 O O   . HOH B 2 .   ? 1.543   3.174   -3.248  1.00 25.63 ? 428 HOH A O   1 
HETATM 1644 O O   . HOH B 2 .   ? 14.891  6.381   9.573   1.00 60.29 ? 429 HOH A O   1 
HETATM 1645 O O   . HOH B 2 .   ? 8.136   -1.375  -12.030 1.00 49.88 ? 430 HOH A O   1 
HETATM 1646 O O   . HOH B 2 .   ? 14.773  3.665   -7.765  1.00 47.01 ? 431 HOH A O   1 
HETATM 1647 O O   . HOH B 2 .   ? -1.765  -7.571  -14.260 1.00 46.34 ? 432 HOH A O   1 
HETATM 1648 O O   . HOH B 2 .   ? 18.108  -13.251 0.934   1.00 48.30 ? 433 HOH A O   1 
HETATM 1649 O O   . HOH B 2 .   ? 5.553   -13.741 -9.159  1.00 44.90 ? 434 HOH A O   1 
HETATM 1650 O O   . HOH B 2 .   ? -1.068  10.377  2.778   1.00 36.39 ? 435 HOH A O   1 
HETATM 1651 O O   . HOH B 2 .   ? -5.597  -0.950  -7.609  1.00 33.11 ? 436 HOH A O   1 
HETATM 1652 O O   . HOH B 2 .   ? -9.546  -2.767  -4.980  1.00 40.98 ? 437 HOH A O   1 
HETATM 1653 O O   . HOH B 2 .   ? -7.426  -2.084  -3.343  1.00 31.85 ? 438 HOH A O   1 
HETATM 1654 O O   . HOH B 2 .   ? -6.836  0.510   -4.018  1.00 38.96 ? 439 HOH A O   1 
HETATM 1655 O O   . HOH B 2 .   ? 17.074  -6.482  -12.162 1.00 55.43 ? 440 HOH A O   1 
HETATM 1656 O O   . HOH B 2 .   ? 17.915  -4.588  13.816  1.00 54.35 ? 441 HOH A O   1 
HETATM 1657 O O   . HOH B 2 .   ? -1.352  -9.916  6.319   1.00 35.57 ? 442 HOH A O   1 
HETATM 1658 O O   . HOH B 2 .   ? 18.158  0.481   3.920   1.00 48.11 ? 443 HOH A O   1 
HETATM 1659 O O   . HOH B 2 .   ? 19.130  -4.356  -9.215  1.00 47.82 ? 444 HOH A O   1 
HETATM 1660 O O   . HOH B 2 .   ? 4.272   -10.592 -12.796 1.00 50.82 ? 445 HOH A O   1 
HETATM 1661 O O   . HOH B 2 .   ? 4.062   14.419  2.438   1.00 48.70 ? 446 HOH A O   1 
HETATM 1662 O O   . HOH B 2 .   ? 11.782  -3.715  -11.377 1.00 42.92 ? 447 HOH A O   1 
HETATM 1663 O O   . HOH B 2 .   ? 9.786   -5.311  -12.686 1.00 49.69 ? 448 HOH A O   1 
HETATM 1664 O O   . HOH B 2 .   ? 4.045   -12.172 -11.521 1.00 49.70 ? 449 HOH A O   1 
HETATM 1665 O O   . HOH B 2 .   ? 15.236  4.917   10.889  1.00 61.79 ? 450 HOH A O   1 
HETATM 1666 O O   . HOH B 2 .   ? -0.529  17.507  -14.804 1.00 48.55 ? 451 HOH A O   1 
# 
